data_4NXH
# 
_entry.id   4NXH 
# 
_audit_conform.dict_name       mmcif_pdbx.dic 
_audit_conform.dict_version    5.379 
_audit_conform.dict_location   http://mmcif.pdb.org/dictionaries/ascii/mmcif_pdbx.dic 
# 
loop_
_database_2.database_id 
_database_2.database_code 
_database_2.pdbx_database_accession 
_database_2.pdbx_DOI 
PDB   4NXH         pdb_00004nxh 10.2210/pdb4nxh/pdb 
NDB   NA2821       ?            ?                   
RCSB  RCSB083778   ?            ?                   
WWPDB D_1000083778 ?            ?                   
# 
loop_
_pdbx_database_related.db_name 
_pdbx_database_related.db_id 
_pdbx_database_related.details 
_pdbx_database_related.content_type 
PDB 4NMG 
;2'-Trifluoromethylthiouridine-modified E. coli 23S rRNA Sarcin Ricin Loop
;
unspecified 
PDB 4NLF 
;2'-Trifluoromethylthiocytidine-modified E. coli 23S rRNA Sarcin Ricin Loop
;
unspecified 
PDB 3DVZ 'Unmodified E. coli 23S rRNA Sarcin Ricin Loop'                              unspecified 
# 
_pdbx_database_status.status_code                     REL 
_pdbx_database_status.entry_id                        4NXH 
_pdbx_database_status.recvd_initial_deposition_date   2013-12-09 
_pdbx_database_status.deposit_site                    RCSB 
_pdbx_database_status.process_site                    RCSB 
_pdbx_database_status.status_code_sf                  REL 
_pdbx_database_status.status_code_mr                  ? 
_pdbx_database_status.SG_entry                        ? 
_pdbx_database_status.status_code_cs                  ? 
_pdbx_database_status.methods_development_category    ? 
_pdbx_database_status.pdb_format_compatible           Y 
_pdbx_database_status.status_code_nmr_data            ? 
# 
loop_
_audit_author.name 
_audit_author.pdbx_ordinal 
'Ennifar, E.' 1 
'Micura, R.'  2 
'Kosutic, M.' 3 
# 
_citation.id                        primary 
_citation.title                     
;Surprising base pairing and structural properties of 2'-trifluoromethylthio-modified ribonucleic acids.
;
_citation.journal_abbrev            J.Am.Chem.Soc. 
_citation.journal_volume            136 
_citation.page_first                6656 
_citation.page_last                 6663 
_citation.year                      2014 
_citation.journal_id_ASTM           JACSAT 
_citation.country                   US 
_citation.journal_id_ISSN           1520-5126 
_citation.journal_id_CSD            ? 
_citation.book_publisher            ? 
_citation.pdbx_database_id_PubMed   24766131 
_citation.pdbx_database_id_DOI      10.1021/ja5005637 
# 
loop_
_citation_author.citation_id 
_citation_author.name 
_citation_author.ordinal 
_citation_author.identifier_ORCID 
primary 'Kosutic, M.'  1 ? 
primary 'Jud, L.'      2 ? 
primary 'Da Veiga, C.' 3 ? 
primary 'Frener, M.'   4 ? 
primary 'Fauster, K.'  5 ? 
primary 'Kreutz, C.'   6 ? 
primary 'Ennifar, E.'  7 ? 
primary 'Micura, R.'   8 ? 
# 
_cell.entry_id           4NXH 
_cell.length_a           29.560 
_cell.length_b           29.560 
_cell.length_c           76.730 
_cell.angle_alpha        90.00 
_cell.angle_beta         90.00 
_cell.angle_gamma        90.00 
_cell.Z_PDB              4 
_cell.pdbx_unique_axis   ? 
_cell.length_a_esd       ? 
_cell.length_b_esd       ? 
_cell.length_c_esd       ? 
_cell.angle_alpha_esd    ? 
_cell.angle_beta_esd     ? 
_cell.angle_gamma_esd    ? 
# 
_symmetry.entry_id                         4NXH 
_symmetry.space_group_name_H-M             'P 43' 
_symmetry.pdbx_full_space_group_name_H-M   ? 
_symmetry.cell_setting                     ? 
_symmetry.Int_Tables_number                78 
_symmetry.space_group_name_Hall            ? 
# 
loop_
_entity.id 
_entity.type 
_entity.src_method 
_entity.pdbx_description 
_entity.formula_weight 
_entity.pdbx_number_of_molecules 
_entity.pdbx_ec 
_entity.pdbx_mutation 
_entity.pdbx_fragment 
_entity.details 
1 polymer     syn '23S ribosomal RNA Sarcin Ricin Loop' 8830.335 1   ? ? ? ? 
2 non-polymer syn GLYCEROL                              92.094   1   ? ? ? ? 
3 non-polymer syn 'SULFATE ION'                         96.063   1   ? ? ? ? 
4 water       nat water                                 18.015   130 ? ? ? ? 
# 
_entity_poly.entity_id                      1 
_entity_poly.type                           polyribonucleotide 
_entity_poly.nstd_linkage                   no 
_entity_poly.nstd_monomer                   yes 
_entity_poly.pdbx_seq_one_letter_code       'UGC(6FU)CCUAGUACGAGAGGACCGGAGUG' 
_entity_poly.pdbx_seq_one_letter_code_can   UGCXCCUAGUACGAGAGGACCGGAGUG 
_entity_poly.pdbx_strand_id                 A 
_entity_poly.pdbx_target_identifier         ? 
# 
loop_
_entity_poly_seq.entity_id 
_entity_poly_seq.num 
_entity_poly_seq.mon_id 
_entity_poly_seq.hetero 
1 1  U   n 
1 2  G   n 
1 3  C   n 
1 4  6FU n 
1 5  C   n 
1 6  C   n 
1 7  U   n 
1 8  A   n 
1 9  G   n 
1 10 U   n 
1 11 A   n 
1 12 C   n 
1 13 G   n 
1 14 A   n 
1 15 G   n 
1 16 A   n 
1 17 G   n 
1 18 G   n 
1 19 A   n 
1 20 C   n 
1 21 C   n 
1 22 G   n 
1 23 G   n 
1 24 A   n 
1 25 G   n 
1 26 U   n 
1 27 G   n 
# 
_pdbx_entity_src_syn.entity_id              1 
_pdbx_entity_src_syn.pdbx_src_id            1 
_pdbx_entity_src_syn.pdbx_alt_source_flag   sample 
_pdbx_entity_src_syn.pdbx_beg_seq_num       ? 
_pdbx_entity_src_syn.pdbx_end_seq_num       ? 
_pdbx_entity_src_syn.organism_scientific    'Escherichia coli' 
_pdbx_entity_src_syn.organism_common_name   ? 
_pdbx_entity_src_syn.ncbi_taxonomy_id       562 
_pdbx_entity_src_syn.details                ? 
# 
_struct_ref.id                         1 
_struct_ref.db_name                    PDB 
_struct_ref.db_code                    4NXH 
_struct_ref.pdbx_db_accession          4NXH 
_struct_ref.entity_id                  1 
_struct_ref.pdbx_align_begin           1 
_struct_ref.pdbx_seq_one_letter_code   'UGC(6FU)CCUAGUACGAGAGGACCGGAGUG' 
_struct_ref.pdbx_db_isoform            ? 
# 
_struct_ref_seq.align_id                      1 
_struct_ref_seq.ref_id                        1 
_struct_ref_seq.pdbx_PDB_id_code              4NXH 
_struct_ref_seq.pdbx_strand_id                A 
_struct_ref_seq.seq_align_beg                 1 
_struct_ref_seq.pdbx_seq_align_beg_ins_code   ? 
_struct_ref_seq.seq_align_end                 27 
_struct_ref_seq.pdbx_seq_align_end_ins_code   ? 
_struct_ref_seq.pdbx_db_accession             4NXH 
_struct_ref_seq.db_align_beg                  2647 
_struct_ref_seq.pdbx_db_align_beg_ins_code    ? 
_struct_ref_seq.db_align_end                  2673 
_struct_ref_seq.pdbx_db_align_end_ins_code    ? 
_struct_ref_seq.pdbx_auth_seq_align_beg       2647 
_struct_ref_seq.pdbx_auth_seq_align_end       2673 
# 
loop_
_chem_comp.id 
_chem_comp.type 
_chem_comp.mon_nstd_flag 
_chem_comp.name 
_chem_comp.pdbx_synonyms 
_chem_comp.formula 
_chem_comp.formula_weight 
6FU 'RNA linking' . "2'-trifluoromethylthio-2'-deoxyuridine" ?                               'C10 H14 F3 N2 O8 P S' 410.261 
A   'RNA linking' y "ADENOSINE-5'-MONOPHOSPHATE"             ?                               'C10 H14 N5 O7 P'      347.221 
C   'RNA linking' y "CYTIDINE-5'-MONOPHOSPHATE"              ?                               'C9 H14 N3 O8 P'       323.197 
G   'RNA linking' y "GUANOSINE-5'-MONOPHOSPHATE"             ?                               'C10 H14 N5 O8 P'      363.221 
GOL non-polymer   . GLYCEROL                                 'GLYCERIN; PROPANE-1,2,3-TRIOL' 'C3 H8 O3'             92.094  
HOH non-polymer   . WATER                                    ?                               'H2 O'                 18.015  
SO4 non-polymer   . 'SULFATE ION'                            ?                               'O4 S -2'              96.063  
U   'RNA linking' y "URIDINE-5'-MONOPHOSPHATE"               ?                               'C9 H13 N2 O9 P'       324.181 
# 
_exptl.entry_id          4NXH 
_exptl.method            'X-RAY DIFFRACTION' 
_exptl.crystals_number   1 
# 
_exptl_crystal.id                    1 
_exptl_crystal.density_meas          ? 
_exptl_crystal.density_Matthews      1.90 
_exptl_crystal.density_percent_sol   35.20 
_exptl_crystal.description           ? 
_exptl_crystal.F_000                 ? 
_exptl_crystal.preparation           ? 
# 
_exptl_crystal_grow.crystal_id      1 
_exptl_crystal_grow.method          'VAPOR DIFFUSION, SITTING DROP' 
_exptl_crystal_grow.temp            293 
_exptl_crystal_grow.temp_details    ? 
_exptl_crystal_grow.pH              7.0 
_exptl_crystal_grow.pdbx_pH_range   ? 
_exptl_crystal_grow.pdbx_details    
;3.2 M ammonium sulfate, 50 mM potassium MOPS, pH 7.0, 10 mM magnesium chloride, 10 mM manganese chloride, VAPOR DIFFUSION, SITTING DROP, temperature 293K
;
# 
_diffrn.id                     1 
_diffrn.ambient_temp           100 
_diffrn.ambient_temp_details   ? 
_diffrn.crystal_id             1 
# 
_diffrn_detector.diffrn_id              1 
_diffrn_detector.detector               PIXEL 
_diffrn_detector.type                   'DECTRIS PILATUS 2M' 
_diffrn_detector.pdbx_collection_date   2013-11-27 
_diffrn_detector.details                ? 
# 
_diffrn_radiation.diffrn_id                        1 
_diffrn_radiation.wavelength_id                    1 
_diffrn_radiation.pdbx_monochromatic_or_laue_m_l   M 
_diffrn_radiation.monochromator                    'Si(111)' 
_diffrn_radiation.pdbx_diffrn_protocol             'SINGLE WAVELENGTH' 
_diffrn_radiation.pdbx_scattering_type             x-ray 
# 
_diffrn_radiation_wavelength.id           1 
_diffrn_radiation_wavelength.wavelength   1.0 
_diffrn_radiation_wavelength.wt           1.0 
# 
_diffrn_source.diffrn_id                   1 
_diffrn_source.source                      SYNCHROTRON 
_diffrn_source.type                        'SLS BEAMLINE X06DA' 
_diffrn_source.pdbx_synchrotron_site       SLS 
_diffrn_source.pdbx_synchrotron_beamline   X06DA 
_diffrn_source.pdbx_wavelength             ? 
_diffrn_source.pdbx_wavelength_list        1.0 
# 
_reflns.pdbx_diffrn_id               1 
_reflns.pdbx_ordinal                 1 
_reflns.entry_id                     4NXH 
_reflns.observed_criterion_sigma_I   -3 
_reflns.observed_criterion_sigma_F   -3 
_reflns.d_resolution_low             29.560 
_reflns.d_resolution_high            1.158 
_reflns.number_obs                   22732 
_reflns.number_all                   22865 
_reflns.percent_possible_obs         99.3 
_reflns.pdbx_Rmerge_I_obs            ? 
_reflns.pdbx_Rsym_value              ? 
_reflns.pdbx_netI_over_sigmaI        17.8 
_reflns.B_iso_Wilson_estimate        ? 
_reflns.pdbx_redundancy              12.1 
_reflns.R_free_details               ? 
_reflns.pdbx_chi_squared             ? 
_reflns.pdbx_scaling_rejects         ? 
# 
_reflns_shell.pdbx_diffrn_id         1 
_reflns_shell.pdbx_ordinal           1 
_reflns_shell.d_res_high             1.158 
_reflns_shell.d_res_low              ? 
_reflns_shell.percent_possible_all   ? 
_reflns_shell.Rmerge_I_obs           ? 
_reflns_shell.pdbx_Rsym_value        ? 
_reflns_shell.meanI_over_sigI_obs    ? 
_reflns_shell.pdbx_redundancy        ? 
_reflns_shell.percent_possible_obs   ? 
_reflns_shell.number_unique_all      ? 
_reflns_shell.number_measured_all    ? 
_reflns_shell.number_measured_obs    ? 
_reflns_shell.number_unique_obs      ? 
_reflns_shell.pdbx_chi_squared       ? 
# 
_refine.pdbx_refine_id                           'X-RAY DIFFRACTION' 
_refine.entry_id                                 4NXH 
_refine.pdbx_diffrn_id                           1 
_refine.pdbx_TLS_residual_ADP_flag               ? 
_refine.ls_number_reflns_obs                     22731 
_refine.ls_number_reflns_all                     ? 
_refine.pdbx_ls_sigma_I                          ? 
_refine.pdbx_ls_sigma_F                          1.40 
_refine.pdbx_data_cutoff_high_absF               ? 
_refine.pdbx_data_cutoff_low_absF                ? 
_refine.pdbx_data_cutoff_high_rms_absF           ? 
_refine.ls_d_res_low                             29.560 
_refine.ls_d_res_high                            1.158 
_refine.ls_percent_reflns_obs                    99.41 
_refine.ls_R_factor_obs                          0.1170 
_refine.ls_R_factor_all                          ? 
_refine.ls_R_factor_R_work                       0.1154 
_refine.ls_R_factor_R_free                       0.1481 
_refine.ls_R_factor_R_free_error                 ? 
_refine.ls_R_factor_R_free_error_details         ? 
_refine.ls_percent_reflns_R_free                 5.00 
_refine.ls_number_reflns_R_free                  1137 
_refine.ls_number_parameters                     ? 
_refine.ls_number_restraints                     ? 
_refine.occupancy_min                            ? 
_refine.occupancy_max                            ? 
_refine.correlation_coeff_Fo_to_Fc               ? 
_refine.correlation_coeff_Fo_to_Fc_free          ? 
_refine.B_iso_mean                               ? 
_refine.aniso_B[1][1]                            ? 
_refine.aniso_B[2][2]                            ? 
_refine.aniso_B[3][3]                            ? 
_refine.aniso_B[1][2]                            ? 
_refine.aniso_B[1][3]                            ? 
_refine.aniso_B[2][3]                            ? 
_refine.solvent_model_details                    'FLAT BULK SOLVENT MODEL' 
_refine.solvent_model_param_ksol                 ? 
_refine.solvent_model_param_bsol                 ? 
_refine.pdbx_solvent_vdw_probe_radii             0.90 
_refine.pdbx_solvent_ion_probe_radii             ? 
_refine.pdbx_solvent_shrinkage_radii             0.60 
_refine.pdbx_ls_cross_valid_method               ? 
_refine.details                                  ? 
_refine.pdbx_starting_model                      'PDB ENTRY 3DVZ' 
_refine.pdbx_method_to_determine_struct          'MOLECULAR REPLACEMENT' 
_refine.pdbx_isotropic_thermal_model             ? 
_refine.pdbx_stereochemistry_target_values       ML 
_refine.pdbx_stereochem_target_val_spec_case     ? 
_refine.pdbx_R_Free_selection_details            ? 
_refine.pdbx_overall_ESU_R                       ? 
_refine.pdbx_overall_ESU_R_Free                  ? 
_refine.overall_SU_ML                            0.09 
_refine.pdbx_overall_phase_error                 15.29 
_refine.overall_SU_B                             ? 
_refine.overall_SU_R_Cruickshank_DPI             ? 
_refine.pdbx_overall_SU_R_free_Cruickshank_DPI   ? 
_refine.pdbx_overall_SU_R_Blow_DPI               ? 
_refine.pdbx_overall_SU_R_free_Blow_DPI          ? 
_refine.ls_redundancy_reflns_obs                 ? 
_refine.overall_SU_R_free                        ? 
_refine.ls_wR_factor_R_free                      ? 
_refine.ls_wR_factor_R_work                      ? 
_refine.overall_FOM_free_R_set                   ? 
_refine.overall_FOM_work_R_set                   ? 
# 
_refine_hist.pdbx_refine_id                   'X-RAY DIFFRACTION' 
_refine_hist.cycle_id                         LAST 
_refine_hist.pdbx_number_atoms_protein        0 
_refine_hist.pdbx_number_atoms_nucleic_acid   583 
_refine_hist.pdbx_number_atoms_ligand         11 
_refine_hist.number_atoms_solvent             130 
_refine_hist.number_atoms_total               724 
_refine_hist.d_res_high                       1.158 
_refine_hist.d_res_low                        29.560 
# 
loop_
_refine_ls_restr.type 
_refine_ls_restr.dev_ideal 
_refine_ls_restr.dev_ideal_target 
_refine_ls_restr.weight 
_refine_ls_restr.number 
_refine_ls_restr.pdbx_refine_id 
_refine_ls_restr.pdbx_restraint_function 
f_bond_d           0.010  ? ? 718  'X-RAY DIFFRACTION' ? 
f_angle_d          1.740  ? ? 1122 'X-RAY DIFFRACTION' ? 
f_dihedral_angle_d 12.895 ? ? 346  'X-RAY DIFFRACTION' ? 
f_chiral_restr     0.071  ? ? 146  'X-RAY DIFFRACTION' ? 
f_plane_restr      0.023  ? ? 29   'X-RAY DIFFRACTION' ? 
# 
loop_
_refine_ls_shell.pdbx_refine_id 
_refine_ls_shell.pdbx_total_number_of_bins_used 
_refine_ls_shell.d_res_high 
_refine_ls_shell.d_res_low 
_refine_ls_shell.number_reflns_R_work 
_refine_ls_shell.R_factor_R_work 
_refine_ls_shell.percent_reflns_obs 
_refine_ls_shell.R_factor_R_free 
_refine_ls_shell.R_factor_R_free_error 
_refine_ls_shell.percent_reflns_R_free 
_refine_ls_shell.number_reflns_R_free 
_refine_ls_shell.number_reflns_all 
_refine_ls_shell.R_factor_all 
_refine_ls_shell.redundancy_reflns_obs 
_refine_ls_shell.number_reflns_obs 
'X-RAY DIFFRACTION' . 1.1581 1.2109  2597 0.1718 96.00  0.2227 . . 137 . . . . 
'X-RAY DIFFRACTION' . 1.2109 1.2747  2713 0.1344 99.00  0.1868 . . 142 . . . . 
'X-RAY DIFFRACTION' . 1.2747 1.3546  2687 0.1231 100.00 0.1734 . . 142 . . . . 
'X-RAY DIFFRACTION' . 1.3546 1.4591  2708 0.1097 100.00 0.1478 . . 142 . . . . 
'X-RAY DIFFRACTION' . 1.4591 1.6060  2712 0.0992 100.00 0.1297 . . 143 . . . . 
'X-RAY DIFFRACTION' . 1.6060 1.8383  2727 0.0862 100.00 0.1130 . . 144 . . . . 
'X-RAY DIFFRACTION' . 1.8383 2.3160  2708 0.1232 100.00 0.1554 . . 142 . . . . 
'X-RAY DIFFRACTION' . 2.3160 29.5696 2742 0.1171 100.00 0.1458 . . 145 . . . . 
# 
_struct.entry_id                  4NXH 
_struct.title                     
;2'-Trifluoromethylthiouridine-modified E. coli 23S rRNA Sarcin Ricin Loop
;
_struct.pdbx_model_details        ? 
_struct.pdbx_CASP_flag            ? 
_struct.pdbx_model_type_details   ? 
# 
_struct_keywords.entry_id        4NXH 
_struct_keywords.pdbx_keywords   RNA 
_struct_keywords.text            'hairpin, structural, RNA' 
# 
loop_
_struct_asym.id 
_struct_asym.pdbx_blank_PDB_chainid_flag 
_struct_asym.pdbx_modified 
_struct_asym.entity_id 
_struct_asym.details 
A N N 1 ? 
B N N 2 ? 
C N N 3 ? 
D N N 4 ? 
# 
_struct_biol.id        1 
_struct_biol.details   ? 
# 
loop_
_struct_conn.id 
_struct_conn.conn_type_id 
_struct_conn.pdbx_leaving_atom_flag 
_struct_conn.pdbx_PDB_id 
_struct_conn.ptnr1_label_asym_id 
_struct_conn.ptnr1_label_comp_id 
_struct_conn.ptnr1_label_seq_id 
_struct_conn.ptnr1_label_atom_id 
_struct_conn.pdbx_ptnr1_label_alt_id 
_struct_conn.pdbx_ptnr1_PDB_ins_code 
_struct_conn.pdbx_ptnr1_standard_comp_id 
_struct_conn.ptnr1_symmetry 
_struct_conn.ptnr2_label_asym_id 
_struct_conn.ptnr2_label_comp_id 
_struct_conn.ptnr2_label_seq_id 
_struct_conn.ptnr2_label_atom_id 
_struct_conn.pdbx_ptnr2_label_alt_id 
_struct_conn.pdbx_ptnr2_PDB_ins_code 
_struct_conn.ptnr1_auth_asym_id 
_struct_conn.ptnr1_auth_comp_id 
_struct_conn.ptnr1_auth_seq_id 
_struct_conn.ptnr2_auth_asym_id 
_struct_conn.ptnr2_auth_comp_id 
_struct_conn.ptnr2_auth_seq_id 
_struct_conn.ptnr2_symmetry 
_struct_conn.pdbx_ptnr3_label_atom_id 
_struct_conn.pdbx_ptnr3_label_seq_id 
_struct_conn.pdbx_ptnr3_label_comp_id 
_struct_conn.pdbx_ptnr3_label_asym_id 
_struct_conn.pdbx_ptnr3_label_alt_id 
_struct_conn.pdbx_ptnr3_PDB_ins_code 
_struct_conn.details 
_struct_conn.pdbx_dist_value 
_struct_conn.pdbx_value_order 
_struct_conn.pdbx_role 
covale1  covale both ? A C   3  "O3'" A ? ? 1_555 A 6FU 4  P  A ? A C   2649 A 6FU 2650 1_555 ? ? ? ? ? ? ?                    
1.598 ? ? 
covale2  covale both ? A C   3  "O3'" B ? ? 1_555 A 6FU 4  P  B ? A C   2649 A 6FU 2650 1_555 ? ? ? ? ? ? ?                    
1.599 ? ? 
covale3  covale one  ? A 6FU 4  "O3'" ? ? ? 1_555 A C   5  P  ? ? A 6FU 2650 A C   2651 1_555 ? ? ? ? ? ? ?                    
1.601 ? ? 
hydrog1  hydrog ?    ? A G   2  N1    A ? ? 1_555 A U   26 O2 ? ? A G   2648 A U   2672 1_555 ? ? ? ? ? ? TYPE_28_PAIR         ? ? 
? 
hydrog2  hydrog ?    ? A G   2  O6    A ? ? 1_555 A U   26 N3 ? ? A G   2648 A U   2672 1_555 ? ? ? ? ? ? TYPE_28_PAIR         ? ? 
? 
hydrog3  hydrog ?    ? A C   3  N3    A ? ? 1_555 A G   25 N1 ? ? A C   2649 A G   2671 1_555 ? ? ? ? ? ? WATSON-CRICK         ? ? 
? 
hydrog4  hydrog ?    ? A C   3  N4    A ? ? 1_555 A G   25 O6 ? ? A C   2649 A G   2671 1_555 ? ? ? ? ? ? WATSON-CRICK         ? ? 
? 
hydrog5  hydrog ?    ? A C   3  O2    A ? ? 1_555 A G   25 N2 ? ? A C   2649 A G   2671 1_555 ? ? ? ? ? ? WATSON-CRICK         ? ? 
? 
hydrog6  hydrog ?    ? A C   5  N3    ? ? ? 1_555 A G   23 N1 ? ? A C   2651 A G   2669 1_555 ? ? ? ? ? ? WATSON-CRICK         ? ? 
? 
hydrog7  hydrog ?    ? A C   5  N4    ? ? ? 1_555 A G   23 O6 ? ? A C   2651 A G   2669 1_555 ? ? ? ? ? ? WATSON-CRICK         ? ? 
? 
hydrog8  hydrog ?    ? A C   5  O2    ? ? ? 1_555 A G   23 N2 ? ? A C   2651 A G   2669 1_555 ? ? ? ? ? ? WATSON-CRICK         ? ? 
? 
hydrog9  hydrog ?    ? A C   6  N3    ? ? ? 1_555 A G   22 N1 ? ? A C   2652 A G   2668 1_555 ? ? ? ? ? ? WATSON-CRICK         ? ? 
? 
hydrog10 hydrog ?    ? A C   6  N4    ? ? ? 1_555 A G   22 O6 ? ? A C   2652 A G   2668 1_555 ? ? ? ? ? ? WATSON-CRICK         ? ? 
? 
hydrog11 hydrog ?    ? A C   6  O2    ? ? ? 1_555 A G   22 N2 ? ? A C   2652 A G   2668 1_555 ? ? ? ? ? ? WATSON-CRICK         ? ? 
? 
hydrog12 hydrog ?    ? A U   7  O2    ? ? ? 1_555 A C   21 N4 ? ? A U   2653 A C   2667 1_555 ? ? ? ? ? ? 'U-C MISPAIR'        ? ? 
? 
hydrog13 hydrog ?    ? A G   9  N2    ? ? ? 1_555 A U   10 O4 ? ? A G   2655 A U   2656 1_555 ? ? ? ? ? ? 'G-U MISPAIR'        ? ? 
? 
hydrog14 hydrog ?    ? A U   10 N3    ? ? ? 1_555 A A   19 N7 ? ? A U   2656 A A   2665 1_555 ? ? ? ? ? ? 'REVERSED HOOGSTEEN' ? ? 
? 
hydrog15 hydrog ?    ? A U   10 O2    ? ? ? 1_555 A A   19 N6 ? ? A U   2656 A A   2665 1_555 ? ? ? ? ? ? 'REVERSED HOOGSTEEN' ? ? 
? 
hydrog16 hydrog ?    ? A A   11 N6    ? ? ? 1_555 A G   18 N3 ? ? A A   2657 A G   2664 1_555 ? ? ? ? ? ? TYPE_11_PAIR         ? ? 
? 
hydrog17 hydrog ?    ? A A   11 N7    ? ? ? 1_555 A G   18 N2 ? ? A A   2657 A G   2664 1_555 ? ? ? ? ? ? TYPE_11_PAIR         ? ? 
? 
hydrog18 hydrog ?    ? A C   12 N3    ? ? ? 1_555 A G   17 N1 ? ? A C   2658 A G   2663 1_555 ? ? ? ? ? ? WATSON-CRICK         ? ? 
? 
hydrog19 hydrog ?    ? A C   12 N4    ? ? ? 1_555 A G   17 O6 ? ? A C   2658 A G   2663 1_555 ? ? ? ? ? ? WATSON-CRICK         ? ? 
? 
hydrog20 hydrog ?    ? A C   12 O2    ? ? ? 1_555 A G   17 N2 ? ? A C   2658 A G   2663 1_555 ? ? ? ? ? ? WATSON-CRICK         ? ? 
? 
hydrog21 hydrog ?    ? A G   13 N2    ? ? ? 1_555 A A   16 N7 ? ? A G   2659 A A   2662 1_555 ? ? ? ? ? ? 'G-A MISPAIR'        ? ? 
? 
# 
loop_
_struct_conn_type.id 
_struct_conn_type.criteria 
_struct_conn_type.reference 
covale ? ? 
hydrog ? ? 
# 
loop_
_struct_site.id 
_struct_site.pdbx_evidence_code 
_struct_site.pdbx_auth_asym_id 
_struct_site.pdbx_auth_comp_id 
_struct_site.pdbx_auth_seq_id 
_struct_site.pdbx_auth_ins_code 
_struct_site.pdbx_num_residues 
_struct_site.details 
AC1 Software A GOL 2701 ? 9 'BINDING SITE FOR RESIDUE GOL A 2701' 
AC2 Software A SO4 2702 ? 9 'BINDING SITE FOR RESIDUE SO4 A 2702' 
# 
loop_
_struct_site_gen.id 
_struct_site_gen.site_id 
_struct_site_gen.pdbx_num_res 
_struct_site_gen.label_comp_id 
_struct_site_gen.label_asym_id 
_struct_site_gen.label_seq_id 
_struct_site_gen.pdbx_auth_ins_code 
_struct_site_gen.auth_comp_id 
_struct_site_gen.auth_asym_id 
_struct_site_gen.auth_seq_id 
_struct_site_gen.label_atom_id 
_struct_site_gen.label_alt_id 
_struct_site_gen.symmetry 
_struct_site_gen.details 
1  AC1 9 U   A 1  ? U   A 2647 . ? 1_455 ? 
2  AC1 9 U   A 7  ? U   A 2653 . ? 1_555 ? 
3  AC1 9 A   A 8  ? A   A 2654 . ? 1_555 ? 
4  AC1 9 U   A 10 ? U   A 2656 . ? 1_555 ? 
5  AC1 9 A   A 14 ? A   A 2660 . ? 1_545 ? 
6  AC1 9 C   A 20 ? C   A 2666 . ? 1_555 ? 
7  AC1 9 SO4 C .  ? SO4 A 2702 . ? 1_555 ? 
8  AC1 9 HOH D .  ? HOH A 2836 . ? 1_555 ? 
9  AC1 9 HOH D .  ? HOH A 2916 . ? 1_555 ? 
10 AC2 9 U   A 1  ? U   A 2647 . ? 1_455 ? 
11 AC2 9 A   A 14 ? A   A 2660 . ? 1_545 ? 
12 AC2 9 C   A 20 ? C   A 2666 . ? 1_555 ? 
13 AC2 9 U   A 26 ? U   A 2672 . ? 4_565 ? 
14 AC2 9 GOL B .  ? GOL A 2701 . ? 1_555 ? 
15 AC2 9 HOH D .  ? HOH A 2857 . ? 1_555 ? 
16 AC2 9 HOH D .  ? HOH A 2868 . ? 1_455 ? 
17 AC2 9 HOH D .  ? HOH A 2869 . ? 1_555 ? 
18 AC2 9 HOH D .  ? HOH A 2877 . ? 4_565 ? 
# 
_atom_sites.entry_id                    4NXH 
_atom_sites.fract_transf_matrix[1][1]   0.00021981 
_atom_sites.fract_transf_matrix[1][2]   -0.02866354 
_atom_sites.fract_transf_matrix[1][3]   -0.01796536 
_atom_sites.fract_transf_matrix[2][1]   0.00681094 
_atom_sites.fract_transf_matrix[2][2]   0.01763533 
_atom_sites.fract_transf_matrix[2][3]   -0.02805365 
_atom_sites.fract_transf_matrix[3][1]   0.01276584 
_atom_sites.fract_transf_matrix[3][2]   -0.00132328 
_atom_sites.fract_transf_matrix[3][3]   0.00226747 
_atom_sites.fract_transf_vector[1]      0.359700 
_atom_sites.fract_transf_vector[2]      0.331646 
_atom_sites.fract_transf_vector[3]      0.061881 
# 
loop_
_atom_type.symbol 
C 
F 
H 
N 
O 
P 
S 
# 
loop_
_atom_site.group_PDB 
_atom_site.id 
_atom_site.type_symbol 
_atom_site.label_atom_id 
_atom_site.label_alt_id 
_atom_site.label_comp_id 
_atom_site.label_asym_id 
_atom_site.label_entity_id 
_atom_site.label_seq_id 
_atom_site.pdbx_PDB_ins_code 
_atom_site.Cartn_x 
_atom_site.Cartn_y 
_atom_site.Cartn_z 
_atom_site.occupancy 
_atom_site.B_iso_or_equiv 
_atom_site.pdbx_formal_charge 
_atom_site.auth_seq_id 
_atom_site.auth_comp_id 
_atom_site.auth_asym_id 
_atom_site.auth_atom_id 
_atom_site.pdbx_PDB_model_num 
ATOM   1    O "O5'"  . U   A 1 1  ? 6.154   -16.814 -6.155  1.00   32.07 ? 2647 U   A "O5'"  1 
ATOM   2    C "C5'"  . U   A 1 1  ? 4.736   -16.659 -6.202  1.00   31.30 ? 2647 U   A "C5'"  1 
ATOM   3    C "C4'"  . U   A 1 1  ? 4.163   -16.247 -4.864  1.00   28.90 ? 2647 U   A "C4'"  1 
ATOM   4    O "O4'"  . U   A 1 1  ? 4.113   -17.407 -3.974  1.00   28.34 ? 2647 U   A "O4'"  1 
ATOM   5    C "C3'"  . U   A 1 1  ? 4.973   -15.182 -4.129  1.00   26.86 ? 2647 U   A "C3'"  1 
ATOM   6    O "O3'"  A U   A 1 1  ? 4.028   -14.309 -3.439  0.010  24.67 ? 2647 U   A "O3'"  1 
ATOM   7    O "O3'"  B U   A 1 1  ? 4.169   -14.273 -3.416  0.99   25.78 ? 2647 U   A "O3'"  1 
ATOM   8    C "C2'"  . U   A 1 1  ? 5.797   -16.014 -3.143  1.00   27.02 ? 2647 U   A "C2'"  1 
ATOM   9    O "O2'"  . U   A 1 1  ? 6.300   -15.331 -2.012  1.00   27.10 ? 2647 U   A "O2'"  1 
ATOM   10   C "C1'"  . U   A 1 1  ? 4.805   -17.117 -2.777  1.00   26.21 ? 2647 U   A "C1'"  1 
ATOM   11   N N1     . U   A 1 1  ? 5.467   -18.336 -2.296  1.00   24.01 ? 2647 U   A N1     1 
ATOM   12   C C2     . U   A 1 1  ? 5.537   -18.544 -0.935  1.00   22.63 ? 2647 U   A C2     1 
ATOM   13   O O2     . U   A 1 1  ? 5.045   -17.802 -0.101  1.00   23.43 ? 2647 U   A O2     1 
ATOM   14   N N3     . U   A 1 1  ? 6.225   -19.659 -0.572  1.00   23.13 ? 2647 U   A N3     1 
ATOM   15   C C4     . U   A 1 1  ? 6.809   -20.592 -1.406  1.00   22.79 ? 2647 U   A C4     1 
ATOM   16   O O4     . U   A 1 1  ? 7.377   -21.569 -0.914  1.00   23.93 ? 2647 U   A O4     1 
ATOM   17   C C5     . U   A 1 1  ? 6.705   -20.301 -2.801  1.00   22.98 ? 2647 U   A C5     1 
ATOM   18   C C6     . U   A 1 1  ? 6.060   -19.197 -3.184  1.00   23.38 ? 2647 U   A C6     1 
ATOM   19   H "H5'"  . U   A 1 1  ? 4.336   -17.502 -6.469  1.00   37.56 ? 2647 U   A "H5'"  1 
ATOM   20   H "H5''" . U   A 1 1  ? 4.514   -15.984 -6.861  1.00   37.56 ? 2647 U   A "H5''" 1 
ATOM   21   H "H4'"  . U   A 1 1  ? 3.261   -15.916 -4.998  1.00   34.67 ? 2647 U   A "H4'"  1 
ATOM   22   H "H3'"  A U   A 1 1  ? 5.541   -14.686 -4.739  0.010  32.23 ? 2647 U   A "H3'"  1 
ATOM   23   H "H3'"  B U   A 1 1  ? 5.556   -14.712 -4.746  0.99   32.23 ? 2647 U   A "H3'"  1 
ATOM   24   H "H2'"  . U   A 1 1  ? 6.542   -16.413 -3.621  1.00   32.42 ? 2647 U   A "H2'"  1 
ATOM   25   H "HO2'" . U   A 1 1  ? 5.956   -15.659 -1.319  1.00   32.52 ? 2647 U   A "HO2'" 1 
ATOM   26   H "H1'"  . U   A 1 1  ? 4.183   -16.792 -2.107  1.00   31.45 ? 2647 U   A "H1'"  1 
ATOM   27   H H3     . U   A 1 1  ? 6.259   -19.828 0.271   1.00   27.75 ? 2647 U   A H3     1 
ATOM   28   H H5     . U   A 1 1  ? 7.085   -20.869 -3.432  1.00   27.58 ? 2647 U   A H5     1 
ATOM   29   H H6     . U   A 1 1  ? 5.997   -19.011 -4.094  1.00   28.05 ? 2647 U   A H6     1 
ATOM   30   H "HO5'" . U   A 1 1  ? 6.572   -17.064 -6.839  1.00   38.49 ? 2647 U   A "HO5'" 1 
ATOM   31   P P      A G   A 1 2  ? 3.358   -12.974 -4.118  0.47   22.37 ? 2648 G   A P      1 
ATOM   32   P P      B G   A 1 2  ? 4.525   -12.717 -3.522  0.53   22.50 ? 2648 G   A P      1 
ATOM   33   O OP1    A G   A 1 2  ? 4.264   -12.613 -5.235  0.47   23.15 ? 2648 G   A OP1    1 
ATOM   34   O OP1    B G   A 1 2  ? 5.795   -12.472 -4.267  0.53   23.42 ? 2648 G   A OP1    1 
ATOM   35   O OP2    A G   A 1 2  ? 3.071   -11.967 -3.064  0.47   23.29 ? 2648 G   A OP2    1 
ATOM   36   O OP2    B G   A 1 2  ? 4.380   -12.169 -2.153  0.53   22.66 ? 2648 G   A OP2    1 
ATOM   37   O "O5'"  A G   A 1 2  ? 1.976   -13.418 -4.763  0.47   22.04 ? 2648 G   A "O5'"  1 
ATOM   38   O "O5'"  B G   A 1 2  ? 3.296   -12.180 -4.366  0.53   20.78 ? 2648 G   A "O5'"  1 
ATOM   39   C "C5'"  A G   A 1 2  ? 1.688   -13.116 -6.121  0.47   18.68 ? 2648 G   A "C5'"  1 
ATOM   40   C "C5'"  B G   A 1 2  ? 3.090   -12.673 -5.675  0.53   20.40 ? 2648 G   A "C5'"  1 
ATOM   41   C "C4'"  A G   A 1 2  ? 0.342   -13.657 -6.516  0.47   15.12 ? 2648 G   A "C4'"  1 
ATOM   42   C "C4'"  B G   A 1 2  ? 1.644   -12.984 -5.910  0.53   19.71 ? 2648 G   A "C4'"  1 
ATOM   43   O "O4'"  A G   A 1 2  ? -0.011  -14.728 -5.617  0.47   12.76 ? 2648 G   A "O4'"  1 
ATOM   44   O "O4'"  B G   A 1 2  ? 1.241   -14.169 -5.172  0.53   19.42 ? 2648 G   A "O4'"  1 
ATOM   45   C "C3'"  A G   A 1 2  ? -0.821  -12.688 -6.421  0.47   14.11 ? 2648 G   A "C3'"  1 
ATOM   46   C "C3'"  B G   A 1 2  ? 0.660   -11.942 -5.441  0.53   19.06 ? 2648 G   A "C3'"  1 
ATOM   47   O "O3'"  A G   A 1 2  ? -0.965  -11.937 -7.599  0.47   13.04 ? 2648 G   A "O3'"  1 
ATOM   48   O "O3'"  B G   A 1 2  ? 0.640   -10.795 -6.263  0.53   18.07 ? 2648 G   A "O3'"  1 
ATOM   49   C "C2'"  A G   A 1 2  ? -2.006  -13.603 -6.192  0.47   13.18 ? 2648 G   A "C2'"  1 
ATOM   50   C "C2'"  B G   A 1 2  ? -0.628  -12.746 -5.422  0.53   19.56 ? 2648 G   A "C2'"  1 
ATOM   51   O "O2'"  A G   A 1 2  ? -2.404  -14.219 -7.412  0.47   13.94 ? 2648 G   A "O2'"  1 
ATOM   52   O "O2'"  B G   A 1 2  ? -1.083  -13.004 -6.743  0.53   20.01 ? 2648 G   A "O2'"  1 
ATOM   53   C "C1'"  A G   A 1 2  ? -1.384  -14.680 -5.323  0.47   12.87 ? 2648 G   A "C1'"  1 
ATOM   54   C "C1'"  B G   A 1 2  ? -0.128  -14.060 -4.834  0.53   19.71 ? 2648 G   A "C1'"  1 
ATOM   55   N N9     A G   A 1 2  ? -1.540  -14.478 -3.875  0.47   12.20 ? 2648 G   A N9     1 
ATOM   56   N N9     B G   A 1 2  ? -0.290  -14.112 -3.364  0.53   19.30 ? 2648 G   A N9     1 
ATOM   57   C C8     A G   A 1 2  ? -0.541  -14.304 -2.946  0.47   12.77 ? 2648 G   A C8     1 
ATOM   58   C C8     B G   A 1 2  ? 0.673   -14.038 -2.389  0.53   19.54 ? 2648 G   A C8     1 
ATOM   59   N N7     A G   A 1 2  ? -0.985  -14.235 -1.723  0.47   11.82 ? 2648 G   A N7     1 
ATOM   60   N N7     B G   A 1 2  ? 0.192   -14.137 -1.179  0.53   19.70 ? 2648 G   A N7     1 
ATOM   61   C C5     A G   A 1 2  ? -2.347  -14.415 -1.858  0.47   11.82 ? 2648 G   A C5     1 
ATOM   62   C C5     B G   A 1 2  ? -1.179  -14.272 -1.355  0.53   18.44 ? 2648 G   A C5     1 
ATOM   63   C C6     A G   A 1 2  ? -3.349  -14.461 -0.865  0.47   11.53 ? 2648 G   A C6     1 
ATOM   64   C C6     B G   A 1 2  ? -2.239  -14.425 -0.418  0.53   18.18 ? 2648 G   A C6     1 
ATOM   65   O O6     A G   A 1 2  ? -3.219  -14.344 0.354   0.47   11.95 ? 2648 G   A O6     1 
ATOM   66   O O6     B G   A 1 2  ? -2.184  -14.472 0.808   0.53   18.52 ? 2648 G   A O6     1 
ATOM   67   N N1     A G   A 1 2  ? -4.601  -14.669 -1.427  0.47   11.64 ? 2648 G   A N1     1 
ATOM   68   N N1     B G   A 1 2  ? -3.472  -14.529 -1.046  0.53   17.61 ? 2648 G   A N1     1 
ATOM   69   C C2     A G   A 1 2  ? -4.828  -14.832 -2.769  0.47   11.61 ? 2648 G   A C2     1 
ATOM   70   C C2     B G   A 1 2  ? -3.661  -14.501 -2.405  0.53   17.61 ? 2648 G   A C2     1 
ATOM   71   N N2     A G   A 1 2  ? -6.111  -15.019 -3.105  0.47   12.48 ? 2648 G   A N2     1 
ATOM   72   N N2     B G   A 1 2  ? -4.914  -14.619 -2.842  0.53   17.40 ? 2648 G   A N2     1 
ATOM   73   N N3     A G   A 1 2  ? -3.904  -14.794 -3.712  0.47   11.70 ? 2648 G   A N3     1 
ATOM   74   N N3     B G   A 1 2  ? -2.687  -14.367 -3.285  0.53   17.00 ? 2648 G   A N3     1 
ATOM   75   C C4     A G   A 1 2  ? -2.693  -14.597 -3.172  0.47   11.08 ? 2648 G   A C4     1 
ATOM   76   C C4     B G   A 1 2  ? -1.485  -14.258 -2.698  0.53   18.75 ? 2648 G   A C4     1 
ATOM   77   H "H5'"  A G   A 1 2  ? 2.369   -13.513 -6.687  0.47   22.42 ? 2648 G   A "H5'"  1 
ATOM   78   H "H5'"  B G   A 1 2  ? 3.613   -13.481 -5.798  0.53   24.48 ? 2648 G   A "H5'"  1 
ATOM   79   H "H5''" A G   A 1 2  ? 1.694   -12.154 -6.242  0.47   22.42 ? 2648 G   A "H5''" 1 
ATOM   80   H "H5''" B G   A 1 2  ? 3.379   -12.006 -6.316  0.53   24.48 ? 2648 G   A "H5''" 1 
ATOM   81   H "H4'"  A G   A 1 2  ? 0.393   -14.004 -7.421  0.47   18.14 ? 2648 G   A "H4'"  1 
ATOM   82   H "H4'"  B G   A 1 2  ? 1.506   -13.143 -6.857  0.53   23.66 ? 2648 G   A "H4'"  1 
ATOM   83   H "H3'"  A G   A 1 2  ? -0.703  -12.098 -5.660  0.47   16.93 ? 2648 G   A "H3'"  1 
ATOM   84   H "H3'"  B G   A 1 2  ? 0.883   -11.680 -4.534  0.53   22.87 ? 2648 G   A "H3'"  1 
ATOM   85   H "H2'"  A G   A 1 2  ? -2.740  -13.152 -5.745  0.47   15.81 ? 2648 G   A "H2'"  1 
ATOM   86   H "H2'"  B G   A 1 2  ? -1.309  -12.334 -4.868  0.53   23.47 ? 2648 G   A "H2'"  1 
ATOM   87   H "HO2'" A G   A 1 2  ? -2.433  -13.635 -8.016  0.47   16.73 ? 2648 G   A "HO2'" 1 
ATOM   88   H "HO2'" B G   A 1 2  ? -1.896  -13.217 -6.714  0.53   24.01 ? 2648 G   A "HO2'" 1 
ATOM   89   H "H1'"  A G   A 1 2  ? -1.780  -15.533 -5.560  0.47   15.44 ? 2648 G   A "H1'"  1 
ATOM   90   H "H1'"  B G   A 1 2  ? -0.616  -14.795 -5.235  0.53   23.65 ? 2648 G   A "H1'"  1 
ATOM   91   H H8     A G   A 1 2  ? 0.356   -14.211 -3.173  0.47   15.32 ? 2648 G   A H8     1 
ATOM   92   H H8     B G   A 1 2  ? 1.580   -13.944 -2.571  0.53   23.45 ? 2648 G   A H8     1 
ATOM   93   H H1     A G   A 1 2  ? -5.278  -14.705 -0.898  0.47   13.96 ? 2648 G   A H1     1 
ATOM   94   H H1     B G   A 1 2  ? -4.167  -14.622 -0.547  0.53   21.13 ? 2648 G   A H1     1 
ATOM   95   H H21    A G   A 1 2  ? -6.716  -15.044 -2.495  0.47   14.97 ? 2648 G   A H21    1 
ATOM   96   H H21    B G   A 1 2  ? -5.559  -14.708 -2.280  0.53   20.88 ? 2648 G   A H21    1 
ATOM   97   H H22    A G   A 1 2  ? -6.330  -15.114 -3.931  0.47   14.97 ? 2648 G   A H22    1 
ATOM   98   H H22    B G   A 1 2  ? -5.078  -14.607 -3.687  0.53   20.88 ? 2648 G   A H22    1 
ATOM   99   P P      A C   A 1 3  ? -1.422  -10.408 -7.543  0.47   12.70 ? 2649 C   A P      1 
ATOM   100  P P      B C   A 1 3  ? 0.310   -9.357  -5.642  0.53   16.55 ? 2649 C   A P      1 
ATOM   101  O OP1    A C   A 1 3  ? -1.396  -9.946  -8.955  0.47   14.49 ? 2649 C   A OP1    1 
ATOM   102  O OP1    B C   A 1 3  ? 0.591   -8.428  -6.764  0.53   17.16 ? 2649 C   A OP1    1 
ATOM   103  O OP2    A C   A 1 3  ? -0.628  -9.726  -6.502  0.47   13.66 ? 2649 C   A OP2    1 
ATOM   104  O OP2    B C   A 1 3  ? 0.967   -9.166  -4.328  0.53   18.58 ? 2649 C   A OP2    1 
ATOM   105  O "O5'"  A C   A 1 3  ? -2.921  -10.442 -7.024  0.47   11.79 ? 2649 C   A "O5'"  1 
ATOM   106  O "O5'"  B C   A 1 3  ? -1.253  -9.444  -5.358  0.53   14.60 ? 2649 C   A "O5'"  1 
ATOM   107  C "C5'"  A C   A 1 3  ? -3.963  -11.010 -7.802  0.47   11.68 ? 2649 C   A "C5'"  1 
ATOM   108  C "C5'"  B C   A 1 3  ? -2.151  -9.897  -6.355  0.53   13.92 ? 2649 C   A "C5'"  1 
ATOM   109  C "C4'"  A C   A 1 3  ? -5.252  -10.987 -7.032  0.47   10.97 ? 2649 C   A "C4'"  1 
ATOM   110  C "C4'"  B C   A 1 3  ? -3.499  -10.206 -5.763  0.53   13.58 ? 2649 C   A "C4'"  1 
ATOM   111  O "O4'"  A C   A 1 3  ? -5.191  -11.946 -5.950  0.47   10.62 ? 2649 C   A "O4'"  1 
ATOM   112  O "O4'"  B C   A 1 3  ? -3.410  -11.332 -4.860  0.53   13.56 ? 2649 C   A "O4'"  1 
ATOM   113  C "C3'"  A C   A 1 3  ? -5.578  -9.684  -6.334  0.47   10.34 ? 2649 C   A "C3'"  1 
ATOM   114  C "C3'"  B C   A 1 3  ? -4.100  -9.111  -4.906  0.53   12.79 ? 2649 C   A "C3'"  1 
ATOM   115  O "O3'"  A C   A 1 3  ? -6.079  -8.713  -7.224  0.47   10.36 ? 2649 C   A "O3'"  1 
ATOM   116  O "O3'"  B C   A 1 3  ? -4.711  -8.104  -5.673  0.53   12.81 ? 2649 C   A "O3'"  1 
ATOM   117  C "C2'"  A C   A 1 3  ? -6.546  -10.131 -5.251  0.47   11.03 ? 2649 C   A "C2'"  1 
ATOM   118  C "C2'"  B C   A 1 3  ? -5.078  -9.881  -4.041  0.53   12.75 ? 2649 C   A "C2'"  1 
ATOM   119  O "O2'"  A C   A 1 3  ? -7.840  -10.391 -5.781  0.47   10.54 ? 2649 C   A "O2'"  1 
ATOM   120  O "O2'"  B C   A 1 3  ? -6.221  -10.262 -4.791  0.53   14.19 ? 2649 C   A "O2'"  1 
ATOM   121  C "C1'"  A C   A 1 3  ? -5.915  -11.460 -4.841  0.47   11.08 ? 2649 C   A "C1'"  1 
ATOM   122  C "C1'"  B C   A 1 3  ? -4.274  -11.133 -3.760  0.53   12.39 ? 2649 C   A "C1'"  1 
ATOM   123  N N1     A C   A 1 3  ? -4.984  -11.344 -3.690  0.47   10.75 ? 2649 C   A N1     1 
ATOM   124  N N1     B C   A 1 3  ? -3.445  -11.061 -2.533  0.53   11.92 ? 2649 C   A N1     1 
ATOM   125  C C2     A C   A 1 3  ? -5.548  -11.353 -2.406  0.47   10.49 ? 2649 C   A C2     1 
ATOM   126  C C2     B C   A 1 3  ? -4.054  -11.360 -1.316  0.53   11.94 ? 2649 C   A C2     1 
ATOM   127  O O2     A C   A 1 3  ? -6.781  -11.425 -2.308  0.47   11.56 ? 2649 C   A O2     1 
ATOM   128  O O2     B C   A 1 3  ? -5.268  -11.572 -1.315  0.53   12.50 ? 2649 C   A O2     1 
ATOM   129  N N3     A C   A 1 3  ? -4.755  -11.256 -1.319  0.47   9.36  ? 2649 C   A N3     1 
ATOM   130  N N3     B C   A 1 3  ? -3.328  -11.397 -0.181  0.53   11.33 ? 2649 C   A N3     1 
ATOM   131  C C4     A C   A 1 3  ? -3.431  -11.169 -1.494  0.47   9.95  ? 2649 C   A C4     1 
ATOM   132  C C4     B C   A 1 3  ? -2.028  -11.136 -0.238  0.53   12.76 ? 2649 C   A C4     1 
ATOM   133  N N4     A C   A 1 3  ? -2.657  -11.111 -0.407  0.47   10.92 ? 2649 C   A N4     1 
ATOM   134  N N4     B C   A 1 3  ? -1.343  -11.171 0.902   0.53   13.69 ? 2649 C   A N4     1 
ATOM   135  C C5     A C   A 1 3  ? -2.833  -11.163 -2.787  0.47   10.88 ? 2649 C   A C5     1 
ATOM   136  C C5     B C   A 1 3  ? -1.364  -10.826 -1.462  0.53   12.15 ? 2649 C   A C5     1 
ATOM   137  C C6     A C   A 1 3  ? -3.635  -11.248 -3.853  0.47   10.96 ? 2649 C   A C6     1 
ATOM   138  C C6     B C   A 1 3  ? -2.104  -10.802 -2.577  0.53   11.49 ? 2649 C   A C6     1 
ATOM   139  H "H5'"  A C   A 1 3  ? -3.736  -11.927 -8.022  0.47   14.02 ? 2649 C   A "H5'"  1 
ATOM   140  H "H5'"  B C   A 1 3  ? -1.793  -10.698 -6.766  0.53   16.71 ? 2649 C   A "H5'"  1 
ATOM   141  H "H5''" A C   A 1 3  ? -4.068  -10.499 -8.619  0.47   14.02 ? 2649 C   A "H5''" 1 
ATOM   142  H "H5''" B C   A 1 3  ? -2.250  -9.208  -7.030  0.53   16.71 ? 2649 C   A "H5''" 1 
ATOM   143  H "H4'"  A C   A 1 3  ? -5.982  -11.223 -7.625  0.47   13.16 ? 2649 C   A "H4'"  1 
ATOM   144  H "H4'"  B C   A 1 3  ? -4.116  -10.422 -6.480  0.53   16.30 ? 2649 C   A "H4'"  1 
ATOM   145  H "H3'"  A C   A 1 3  ? -4.772  -9.341  -5.915  0.47   12.41 ? 2649 C   A "H3'"  1 
ATOM   146  H "H3'"  B C   A 1 3  ? -3.409  -8.720  -4.347  0.53   15.35 ? 2649 C   A "H3'"  1 
ATOM   147  H "H2'"  A C   A 1 3  ? -6.574  -9.504  -4.512  0.47   13.23 ? 2649 C   A "H2'"  1 
ATOM   148  H "H2'"  B C   A 1 3  ? -5.308  -9.403  -3.228  0.53   15.31 ? 2649 C   A "H2'"  1 
ATOM   149  H "HO2'" A C   A 1 3  ? -8.193  -9.663  -6.009  0.47   12.65 ? 2649 C   A "HO2'" 1 
ATOM   150  H "HO2'" B C   A 1 3  ? -6.680  -9.579  -4.956  0.53   17.03 ? 2649 C   A "HO2'" 1 
ATOM   151  H "H1'"  A C   A 1 3  ? -6.618  -12.091 -4.618  0.47   13.30 ? 2649 C   A "H1'"  1 
ATOM   152  H "H1'"  B C   A 1 3  ? -4.878  -11.888 -3.690  0.53   14.87 ? 2649 C   A "H1'"  1 
ATOM   153  H H41    A C   A 1 3  ? -1.803  -11.055 -0.490  0.47   13.11 ? 2649 C   A H41    1 
ATOM   154  H H41    B C   A 1 3  ? -0.499  -11.007 0.901   0.53   16.43 ? 2649 C   A H41    1 
ATOM   155  H H42    A C   A 1 3  ? -3.012  -11.131 0.376   0.47   13.11 ? 2649 C   A H42    1 
ATOM   156  H H42    B C   A 1 3  ? -1.744  -11.357 1.639   0.53   16.43 ? 2649 C   A H42    1 
ATOM   157  H H5     A C   A 1 3  ? -1.910  -11.109 -2.887  0.47   13.05 ? 2649 C   A H5     1 
ATOM   158  H H5     B C   A 1 3  ? -0.449  -10.661 -1.486  0.53   14.59 ? 2649 C   A H5     1 
ATOM   159  H H6     A C   A 1 3  ? -3.271  -11.255 -4.708  0.47   13.15 ? 2649 C   A H6     1 
ATOM   160  H H6     B C   A 1 3  ? -1.693  -10.639 -3.395  0.53   13.79 ? 2649 C   A H6     1 
HETATM 161  P P      A 6FU A 1 4  ? -5.991  -7.171  -6.812  0.48   10.74 ? 2650 6FU A P      1 
HETATM 162  P P      B 6FU A 1 4  ? -4.727  -6.592  -5.155  0.52   12.26 ? 2650 6FU A P      1 
HETATM 163  O OP1    A 6FU A 1 4  ? -6.712  -6.544  -7.948  0.48   10.37 ? 2650 6FU A OP1    1 
HETATM 164  O OP1    B 6FU A 1 4  ? -5.176  -5.743  -6.300  0.52   14.39 ? 2650 6FU A OP1    1 
HETATM 165  O OP2    A 6FU A 1 4  ? -4.580  -6.773  -6.583  0.48   13.44 ? 2650 6FU A OP2    1 
HETATM 166  O OP2    B 6FU A 1 4  ? -3.389  -6.268  -4.587  0.52   16.74 ? 2650 6FU A OP2    1 
HETATM 167  O "O5'"  A 6FU A 1 4  ? -6.910  -7.185  -5.497  0.48   10.92 ? 2650 6FU A "O5'"  1 
HETATM 168  O "O5'"  B 6FU A 1 4  ? -5.787  -6.579  -3.988  0.52   12.67 ? 2650 6FU A "O5'"  1 
HETATM 169  C "C5'"  A 6FU A 1 4  ? -6.838  -6.369  -4.312  0.48   12.95 ? 2650 6FU A "C5'"  1 
HETATM 170  C "C5'"  B 6FU A 1 4  ? -7.105  -6.500  -4.453  0.52   13.09 ? 2650 6FU A "C5'"  1 
HETATM 171  C "C4'"  . 6FU A 1 4  ? -7.818  -6.831  -3.160  1.00   13.43 ? 2650 6FU A "C4'"  1 
HETATM 172  O "O4'"  . 6FU A 1 4  ? -7.317  -7.972  -2.478  1.00   13.52 ? 2650 6FU A "O4'"  1 
HETATM 173  C "C3'"  . 6FU A 1 4  ? -7.852  -5.719  -2.091  1.00   12.37 ? 2650 6FU A "C3'"  1 
HETATM 174  O "O3'"  . 6FU A 1 4  ? -8.677  -4.805  -2.397  1.00   13.63 ? 2650 6FU A "O3'"  1 
HETATM 175  C "C2'"  . 6FU A 1 4  ? -8.254  -6.535  -0.867  1.00   13.34 ? 2650 6FU A "C2'"  1 
HETATM 176  S "S2'"  . 6FU A 1 4  ? -10.026 -6.689  -0.924  1.00   16.96 ? 2650 6FU A "S2'"  1 
HETATM 177  C "C7'"  . 6FU A 1 4  ? -10.476 -7.428  0.609   1.00   19.04 ? 2650 6FU A "C7'"  1 
HETATM 178  F "F1'"  . 6FU A 1 4  ? -10.059 -6.720  1.647   1.00   19.47 ? 2650 6FU A "F1'"  1 
HETATM 179  F "F2'"  . 6FU A 1 4  ? -11.791 -7.550  0.579   1.00   21.96 ? 2650 6FU A "F2'"  1 
HETATM 180  F "F3'"  . 6FU A 1 4  ? -9.930  -8.629  0.725   1.00   19.19 ? 2650 6FU A "F3'"  1 
HETATM 181  C "C1'"  . 6FU A 1 4  ? -7.462  -7.763  -1.088  1.00   12.86 ? 2650 6FU A "C1'"  1 
HETATM 182  N N1     . 6FU A 1 4  ? -6.141  -7.835  -0.455  1.00   11.84 ? 2650 6FU A N1     1 
HETATM 183  C C2     . 6FU A 1 4  ? -6.048  -8.020  0.940   1.00   11.70 ? 2650 6FU A C2     1 
HETATM 184  O O2     . 6FU A 1 4  ? -7.044  -7.984  1.619   1.00   12.54 ? 2650 6FU A O2     1 
HETATM 185  N N3     . 6FU A 1 4  ? -4.771  -8.197  1.496   1.00   11.27 ? 2650 6FU A N3     1 
HETATM 186  C C4     . 6FU A 1 4  ? -3.608  -8.217  0.746   1.00   10.91 ? 2650 6FU A C4     1 
HETATM 187  O O4     . 6FU A 1 4  ? -2.528  -8.417  1.304   1.00   12.16 ? 2650 6FU A O4     1 
HETATM 188  C C5     . 6FU A 1 4  ? -3.731  -8.004  -0.707  1.00   11.66 ? 2650 6FU A C5     1 
HETATM 189  C C6     . 6FU A 1 4  ? -4.961  -7.817  -1.254  1.00   11.28 ? 2650 6FU A C6     1 
HETATM 190  H H3     A 6FU A 1 4  ? -7.051  -5.442  -4.557  0.48   15.54 ? 2650 6FU A H3     1 
HETATM 191  H H3     B 6FU A 1 4  ? -7.284  -7.174  -5.145  0.52   15.71 ? 2650 6FU A H3     1 
HETATM 192  H H4     A 6FU A 1 4  ? -5.928  -6.397  -3.973  0.48   15.54 ? 2650 6FU A H4     1 
HETATM 193  H H4     B 6FU A 1 4  ? -7.321  -5.603  -4.759  0.52   15.71 ? 2650 6FU A H4     1 
HETATM 194  H H5     A 6FU A 1 4  ? -8.676  -6.976  -3.622  0.48   16.12 ? 2650 6FU A H5     1 
HETATM 195  H H5     B 6FU A 1 4  ? -8.724  -7.005  -3.505  0.52   16.12 ? 2650 6FU A H5     1 
HETATM 196  H H6     . 6FU A 1 4  ? -6.977  -5.341  -1.861  1.00   14.84 ? 2650 6FU A H6     1 
HETATM 197  H H8     . 6FU A 1 4  ? -8.106  -6.148  0.020   1.00   16.00 ? 2650 6FU A H8     1 
HETATM 198  H H9     . 6FU A 1 4  ? -7.992  -8.513  -0.734  1.00   15.44 ? 2650 6FU A H9     1 
HETATM 199  H H10    . 6FU A 1 4  ? -4.705  -8.309  2.403   1.00   13.52 ? 2650 6FU A H10    1 
HETATM 200  H H11    . 6FU A 1 4  ? -2.939  -8.032  -1.277  1.00   13.99 ? 2650 6FU A H11    1 
HETATM 201  H H12    . 6FU A 1 4  ? -5.046  -7.745  -2.230  1.00   13.53 ? 2650 6FU A H12    1 
ATOM   202  P P      . C   A 1 5  ? -8.308  -3.251  -2.289  1.00   14.15 ? 2651 C   A P      1 
ATOM   203  O OP1    . C   A 1 5  ? -9.385  -2.578  -3.028  1.00   15.76 ? 2651 C   A OP1    1 
ATOM   204  O OP2    . C   A 1 5  ? -6.968  -3.052  -2.653  1.00   14.00 ? 2651 C   A OP2    1 
ATOM   205  O "O5'"  . C   A 1 5  ? -8.348  -2.888  -0.745  1.00   13.10 ? 2651 C   A "O5'"  1 
ATOM   206  C "C5'"  . C   A 1 5  ? -9.587  -2.838  -0.077  1.00   12.72 ? 2651 C   A "C5'"  1 
ATOM   207  C "C4'"  . C   A 1 5  ? -9.410  -3.178  1.366   1.00   11.48 ? 2651 C   A "C4'"  1 
ATOM   208  O "O4'"  . C   A 1 5  ? -8.643  -4.400  1.473   1.00   11.35 ? 2651 C   A "O4'"  1 
ATOM   209  C "C3'"  . C   A 1 5  ? -8.606  -2.197  2.192   1.00   10.52 ? 2651 C   A "C3'"  1 
ATOM   210  O "O3'"  . C   A 1 5  ? -9.377  -1.067  2.551   1.00   10.73 ? 2651 C   A "O3'"  1 
ATOM   211  C "C2'"  . C   A 1 5  ? -8.149  -3.055  3.366   1.00   10.45 ? 2651 C   A "C2'"  1 
ATOM   212  O "O2'"  . C   A 1 5  ? -9.173  -3.204  4.332   1.00   11.79 ? 2651 C   A "O2'"  1 
ATOM   213  C "C1'"  . C   A 1 5  ? -7.892  -4.385  2.670   1.00   10.56 ? 2651 C   A "C1'"  1 
ATOM   214  N N1     . C   A 1 5  ? -6.461  -4.568  2.343   1.00   9.86  ? 2651 C   A N1     1 
ATOM   215  C C2     . C   A 1 5  ? -5.655  -4.948  3.399   1.00   10.07 ? 2651 C   A C2     1 
ATOM   216  O O2     . C   A 1 5  ? -6.183  -5.062  4.509   1.00   10.10 ? 2651 C   A O2     1 
ATOM   217  N N3     . C   A 1 5  ? -4.348  -5.194  3.185   1.00   9.81  ? 2651 C   A N3     1 
ATOM   218  C C4     . C   A 1 5  ? -3.837  -5.040  1.972   1.00   9.99  ? 2651 C   A C4     1 
ATOM   219  N N4     . C   A 1 5  ? -2.546  -5.298  1.822   1.00   10.97 ? 2651 C   A N4     1 
ATOM   220  C C5     . C   A 1 5  ? -4.631  -4.633  0.872   1.00   10.32 ? 2651 C   A C5     1 
ATOM   221  C C6     . C   A 1 5  ? -5.932  -4.403  1.098   1.00   10.70 ? 2651 C   A C6     1 
ATOM   222  H "H5'"  . C   A 1 5  ? -10.197 -3.472  -0.484  1.00   15.27 ? 2651 C   A "H5'"  1 
ATOM   223  H "H5''" . C   A 1 5  ? -9.957  -1.943  -0.153  1.00   15.27 ? 2651 C   A "H5''" 1 
ATOM   224  H "H4'"  . C   A 1 5  ? -10.280 -3.307  1.776   1.00   13.78 ? 2651 C   A "H4'"  1 
ATOM   225  H "H3'"  . C   A 1 5  ? -7.831  -1.909  1.683   1.00   12.62 ? 2651 C   A "H3'"  1 
ATOM   226  H "H2'"  . C   A 1 5  ? -7.335  -2.705  3.762   1.00   12.54 ? 2651 C   A "H2'"  1 
ATOM   227  H "HO2'" . C   A 1 5  ? -9.438  -4.001  4.330   1.00   14.15 ? 2651 C   A "HO2'" 1 
ATOM   228  H "H1'"  . C   A 1 5  ? -8.187  -5.109  3.242   1.00   12.67 ? 2651 C   A "H1'"  1 
ATOM   229  H H41    . C   A 1 5  ? -2.176  -5.210  1.051   1.00   13.16 ? 2651 C   A H41    1 
ATOM   230  H H42    . C   A 1 5  ? -2.077  -5.553  2.497   1.00   13.16 ? 2651 C   A H42    1 
ATOM   231  H H5     . C   A 1 5  ? -4.268  -4.545  0.021   1.00   12.38 ? 2651 C   A H5     1 
ATOM   232  H H6     . C   A 1 5  ? -6.486  -4.163  0.392   1.00   12.84 ? 2651 C   A H6     1 
ATOM   233  P P      . C   A 1 6  ? -8.632  0.307   2.902   1.00   10.96 ? 2652 C   A P      1 
ATOM   234  O OP1    . C   A 1 6  ? -9.682  1.321   3.078   1.00   12.40 ? 2652 C   A OP1    1 
ATOM   235  O OP2    . C   A 1 6  ? -7.545  0.566   1.941   1.00   12.30 ? 2652 C   A OP2    1 
ATOM   236  O "O5'"  . C   A 1 6  ? -7.892  0.030   4.284   1.00   10.01 ? 2652 C   A "O5'"  1 
ATOM   237  C "C5'"  . C   A 1 6  ? -8.654  -0.135  5.463   1.00   9.71  ? 2652 C   A "C5'"  1 
ATOM   238  C "C4'"  . C   A 1 6  ? -7.753  -0.378  6.635   1.00   9.56  ? 2652 C   A "C4'"  1 
ATOM   239  O "O4'"  . C   A 1 6  ? -6.986  -1.596  6.462   1.00   9.29  ? 2652 C   A "O4'"  1 
ATOM   240  C "C3'"  . C   A 1 6  ? -6.694  0.666   6.889   1.00   8.78  ? 2652 C   A "C3'"  1 
ATOM   241  O "O3'"  . C   A 1 6  ? -7.238  1.792   7.530   1.00   8.98  ? 2652 C   A "O3'"  1 
ATOM   242  C "C2'"  . C   A 1 6  ? -5.706  -0.089  7.752   1.00   8.96  ? 2652 C   A "C2'"  1 
ATOM   243  O "O2'"  . C   A 1 6  ? -6.223  -0.198  9.067   1.00   10.24 ? 2652 C   A "O2'"  1 
ATOM   244  C "C1'"  . C   A 1 6  ? -5.729  -1.450  7.099   1.00   9.05  ? 2652 C   A "C1'"  1 
ATOM   245  N N1     . C   A 1 6  ? -4.667  -1.665  6.100   1.00   8.58  ? 2652 C   A N1     1 
ATOM   246  C C2     . C   A 1 6  ? -3.416  -2.050  6.569   1.00   8.48  ? 2652 C   A C2     1 
ATOM   247  O O2     . C   A 1 6  ? -3.225  -2.078  7.795   1.00   9.24  ? 2652 C   A O2     1 
ATOM   248  N N3     . C   A 1 6  ? -2.441  -2.331  5.694   1.00   8.58  ? 2652 C   A N3     1 
ATOM   249  C C4     . C   A 1 6  ? -2.682  -2.262  4.380   1.00   8.45  ? 2652 C   A C4     1 
ATOM   250  N N4     . C   A 1 6  ? -1.717  -2.617  3.545   1.00   8.83  ? 2652 C   A N4     1 
ATOM   251  C C5     . C   A 1 6  ? -3.960  -1.843  3.878   1.00   9.08  ? 2652 C   A C5     1 
ATOM   252  C C6     . C   A 1 6  ? -4.911  -1.567  4.771   1.00   9.27  ? 2652 C   A C6     1 
ATOM   253  H "H5'"  . C   A 1 6  ? -9.251  -0.892  5.356   1.00   11.65 ? 2652 C   A "H5'"  1 
ATOM   254  H "H5''" . C   A 1 6  ? -9.177  0.666   5.623   1.00   11.65 ? 2652 C   A "H5''" 1 
ATOM   255  H "H4'"  . C   A 1 6  ? -8.298  -0.465  7.432   1.00   11.48 ? 2652 C   A "H4'"  1 
ATOM   256  H "H3'"  . C   A 1 6  ? -6.276  0.926   6.053   1.00   10.54 ? 2652 C   A "H3'"  1 
ATOM   257  H "H2'"  . C   A 1 6  ? -4.822  0.312   7.734   1.00   10.76 ? 2652 C   A "H2'"  1 
ATOM   258  H "HO2'" . C   A 1 6  ? -6.210  0.559   9.430   1.00   12.29 ? 2652 C   A "HO2'" 1 
ATOM   259  H "H1'"  . C   A 1 6  ? -5.648  -2.127  7.789   1.00   10.86 ? 2652 C   A "H1'"  1 
ATOM   260  H H41    . C   A 1 6  ? -1.848  -2.580  2.696   1.00   10.60 ? 2652 C   A H41    1 
ATOM   261  H H42    . C   A 1 6  ? -0.958  -2.882  3.852   1.00   10.60 ? 2652 C   A H42    1 
ATOM   262  H H5     . C   A 1 6  ? -4.137  -1.828  2.966   1.00   10.89 ? 2652 C   A H5     1 
ATOM   263  H H6     . C   A 1 6  ? -5.765  -1.348  4.477   1.00   11.12 ? 2652 C   A H6     1 
ATOM   264  P P      . U   A 1 7  ? -6.668  3.248   7.208   1.00   9.81  ? 2653 U   A P      1 
ATOM   265  O OP1    . U   A 1 7  ? -7.430  4.157   8.090   1.00   11.56 ? 2653 U   A OP1    1 
ATOM   266  O OP2    . U   A 1 7  ? -6.677  3.482   5.763   1.00   10.32 ? 2653 U   A OP2    1 
ATOM   267  O "O5'"  . U   A 1 7  ? -5.134  3.189   7.630   1.00   9.51  ? 2653 U   A "O5'"  1 
ATOM   268  C "C5'"  . U   A 1 7  ? -4.767  3.027   8.998   1.00   9.76  ? 2653 U   A "C5'"  1 
ATOM   269  C "C4'"  . U   A 1 7  ? -3.286  2.785   9.090   1.00   9.61  ? 2653 U   A "C4'"  1 
ATOM   270  O "O4'"  . U   A 1 7  ? -2.952  1.541   8.432   1.00   9.40  ? 2653 U   A "O4'"  1 
ATOM   271  C "C3'"  . U   A 1 7  ? -2.415  3.808   8.402   1.00   9.54  ? 2653 U   A "C3'"  1 
ATOM   272  O "O3'"  . U   A 1 7  ? -2.245  4.938   9.219   1.00   9.95  ? 2653 U   A "O3'"  1 
ATOM   273  C "C2'"  . U   A 1 7  ? -1.130  3.026   8.150   1.00   9.18  ? 2653 U   A "C2'"  1 
ATOM   274  O "O2'"  . U   A 1 7  ? -0.363  2.934   9.338   1.00   10.53 ? 2653 U   A "O2'"  1 
ATOM   275  C "C1'"  . U   A 1 7  ? -1.673  1.638   7.841   1.00   8.79  ? 2653 U   A "C1'"  1 
ATOM   276  N N1     . U   A 1 7  ? -1.792  1.380   6.393   1.00   8.65  ? 2653 U   A N1     1 
ATOM   277  C C2     . U   A 1 7  ? -0.737  0.746   5.775   1.00   8.88  ? 2653 U   A C2     1 
ATOM   278  O O2     . U   A 1 7  ? 0.255   0.414   6.370   1.00   10.64 ? 2653 U   A O2     1 
ATOM   279  N N3     . U   A 1 7  ? -0.891  0.537   4.431   1.00   9.07  ? 2653 U   A N3     1 
ATOM   280  C C4     . U   A 1 7  ? -1.966  0.928   3.662   1.00   8.88  ? 2653 U   A C4     1 
ATOM   281  O O4     . U   A 1 7  ? -1.963  0.672   2.460   1.00   10.12 ? 2653 U   A O4     1 
ATOM   282  C C5     . U   A 1 7  ? -3.015  1.595   4.368   1.00   8.84  ? 2653 U   A C5     1 
ATOM   283  C C6     . U   A 1 7  ? -2.889  1.796   5.685   1.00   8.55  ? 2653 U   A C6     1 
ATOM   284  H "H5'"  . U   A 1 7  ? -5.244  2.271   9.374   1.00   11.71 ? 2653 U   A "H5'"  1 
ATOM   285  H "H5''" . U   A 1 7  ? -4.995  3.832   9.492   1.00   11.71 ? 2653 U   A "H5''" 1 
ATOM   286  H "H4'"  . U   A 1 7  ? -3.032  2.729   10.024  1.00   11.53 ? 2653 U   A "H4'"  1 
ATOM   287  H "H3'"  . U   A 1 7  ? -2.814  4.067   7.556   1.00   11.45 ? 2653 U   A "H3'"  1 
ATOM   288  H "H2'"  . U   A 1 7  ? -0.620  3.389   7.410   1.00   11.02 ? 2653 U   A "H2'"  1 
ATOM   289  H "HO2'" . U   A 1 7  ? -0.055  3.694   9.524   1.00   12.63 ? 2653 U   A "HO2'" 1 
ATOM   290  H "H1'"  . U   A 1 7  ? -1.089  0.972   8.237   1.00   10.55 ? 2653 U   A "H1'"  1 
ATOM   291  H H3     . U   A 1 7  ? -0.241  0.151   4.021   1.00   10.88 ? 2653 U   A H3     1 
ATOM   292  H H5     . U   A 1 7  ? -3.784  1.867   3.921   1.00   10.61 ? 2653 U   A H5     1 
ATOM   293  H H6     . U   A 1 7  ? -3.579  2.222   6.140   1.00   10.26 ? 2653 U   A H6     1 
ATOM   294  P P      . A   A 1 8  ? -1.898  6.388   8.589   1.00   12.87 ? 2654 A   A P      1 
ATOM   295  O OP1    . A   A 1 8  ? -0.658  6.279   7.775   1.00   14.12 ? 2654 A   A OP1    1 
ATOM   296  O OP2    . A   A 1 8  ? -1.973  7.304   9.768   1.00   13.84 ? 2654 A   A OP2    1 
ATOM   297  O "O5'"  . A   A 1 8  ? -3.108  6.613   7.583   1.00   11.43 ? 2654 A   A "O5'"  1 
ATOM   298  C "C5'"  . A   A 1 8  ? -3.285  7.867   6.959   1.00   11.07 ? 2654 A   A "C5'"  1 
ATOM   299  C "C4'"  . A   A 1 8  ? -3.733  7.716   5.530   1.00   10.75 ? 2654 A   A "C4'"  1 
ATOM   300  O "O4'"  . A   A 1 8  ? -2.621  7.218   4.732   1.00   10.41 ? 2654 A   A "O4'"  1 
ATOM   301  C "C3'"  . A   A 1 8  ? -4.880  6.736   5.303   1.00   11.78 ? 2654 A   A "C3'"  1 
ATOM   302  O "O3'"  A A   A 1 8  ? -5.686  7.165   4.213   0.0000 13.39 ? 2654 A   A "O3'"  1 
ATOM   303  O "O3'"  B A   A 1 8  ? -5.673  7.195   4.217   1.00   14.30 ? 2654 A   A "O3'"  1 
ATOM   304  C "C2'"  . A   A 1 8  ? -4.152  5.480   4.850   1.00   10.26 ? 2654 A   A "C2'"  1 
ATOM   305  O "O2'"  . A   A 1 8  ? -4.931  4.585   4.078   1.00   10.92 ? 2654 A   A "O2'"  1 
ATOM   306  C "C1'"  . A   A 1 8  ? -3.025  6.085   4.021   1.00   10.07 ? 2654 A   A "C1'"  1 
ATOM   307  N N9     . A   A 1 8  ? -1.883  5.197   3.895   1.00   9.44  ? 2654 A   A N9     1 
ATOM   308  C C8     . A   A 1 8  ? -0.982  4.871   4.879   1.00   10.04 ? 2654 A   A C8     1 
ATOM   309  N N7     . A   A 1 8  ? -0.046  4.046   4.485   1.00   9.46  ? 2654 A   A N7     1 
ATOM   310  C C5     . A   A 1 8  ? -0.353  3.804   3.162   1.00   8.93  ? 2654 A   A C5     1 
ATOM   311  C C6     . A   A 1 8  ? 0.263   2.996   2.199   1.00   9.58  ? 2654 A   A C6     1 
ATOM   312  N N6     . A   A 1 8  ? 1.340   2.237   2.433   1.00   10.53 ? 2654 A   A N6     1 
ATOM   313  N N1     . A   A 1 8  ? -0.286  2.993   0.968   1.00   10.12 ? 2654 A   A N1     1 
ATOM   314  C C2     . A   A 1 8  ? -1.385  3.727   0.738   1.00   10.22 ? 2654 A   A C2     1 
ATOM   315  N N3     . A   A 1 8  ? -2.044  4.527   1.568   1.00   9.75  ? 2654 A   A N3     1 
ATOM   316  C C4     . A   A 1 8  ? -1.470  4.518   2.772   1.00   9.36  ? 2654 A   A C4     1 
ATOM   317  H "H5'"  . A   A 1 8  ? -2.445  8.352   6.979   1.00   13.29 ? 2654 A   A "H5'"  1 
ATOM   318  H "H5''" . A   A 1 8  ? -3.953  8.372   7.449   1.00   13.29 ? 2654 A   A "H5''" 1 
ATOM   319  H "H4'"  . A   A 1 8  ? -3.995  8.587   5.192   1.00   12.90 ? 2654 A   A "H4'"  1 
ATOM   320  H "H3'"  A A   A 1 8  ? -5.399  6.586   6.109   0.0000 14.14 ? 2654 A   A "H3'"  1 
ATOM   321  H "H3'"  B A   A 1 8  ? -5.402  6.588   6.108   1.00   14.14 ? 2654 A   A "H3'"  1 
ATOM   322  H "H2'"  . A   A 1 8  ? -3.782  5.018   5.620   1.00   12.31 ? 2654 A   A "H2'"  1 
ATOM   323  H "HO2'" . A   A 1 8  ? -5.542  4.269   4.560   1.00   13.10 ? 2654 A   A "HO2'" 1 
ATOM   324  H "H1'"  . A   A 1 8  ? -3.353  6.339   3.144   1.00   12.08 ? 2654 A   A "H1'"  1 
ATOM   325  H H8     . A   A 1 8  ? -1.032  5.206   5.745   1.00   12.05 ? 2654 A   A H8     1 
ATOM   326  H H61    . A   A 1 8  ? 1.673   1.756   1.803   1.00   12.64 ? 2654 A   A H61    1 
ATOM   327  H H62    . A   A 1 8  ? 1.699   2.231   3.215   1.00   12.64 ? 2654 A   A H62    1 
ATOM   328  H H2     . A   A 1 8  ? -1.721  3.683   -0.129  1.00   12.27 ? 2654 A   A H2     1 
ATOM   329  P P      . G   A 1 9  ? -6.903  8.194   4.380   1.00   14.85 ? 2655 G   A P      1 
ATOM   330  O OP1    . G   A 1 9  ? -6.640  9.114   5.503   1.00   19.63 ? 2655 G   A OP1    1 
ATOM   331  O OP2    . G   A 1 9  ? -8.167  7.448   4.323   1.00   17.97 ? 2655 G   A OP2    1 
ATOM   332  O "O5'"  . G   A 1 9  ? -6.959  8.828   2.912   1.00   18.63 ? 2655 G   A "O5'"  1 
ATOM   333  C "C5'"  . G   A 1 9  ? -6.309  10.004  2.511   1.00   19.58 ? 2655 G   A "C5'"  1 
ATOM   334  C "C4'"  . G   A 1 9  ? -4.880  9.807   2.097   1.00   17.51 ? 2655 G   A "C4'"  1 
ATOM   335  O "O4'"  . G   A 1 9  ? -4.722  9.001   0.865   1.00   15.48 ? 2655 G   A "O4'"  1 
ATOM   336  C "C3'"  . G   A 1 9  ? -4.297  11.156  1.759   1.00   15.90 ? 2655 G   A "C3'"  1 
ATOM   337  O "O3'"  . G   A 1 9  ? -2.923  11.082  2.041   1.00   14.66 ? 2655 G   A "O3'"  1 
ATOM   338  C "C2'"  . G   A 1 9  ? -4.531  11.227  0.263   1.00   15.52 ? 2655 G   A "C2'"  1 
ATOM   339  O "O2'"  . G   A 1 9  ? -3.793  12.227  -0.381  1.00   16.63 ? 2655 G   A "O2'"  1 
ATOM   340  C "C1'"  . G   A 1 9  ? -4.111  9.822   -0.124  1.00   15.25 ? 2655 G   A "C1'"  1 
ATOM   341  N N9     . G   A 1 9  ? -4.466  9.378   -1.480  1.00   14.96 ? 2655 G   A N9     1 
ATOM   342  C C8     . G   A 1 9  ? -5.431  9.800   -2.372  1.00   16.89 ? 2655 G   A C8     1 
ATOM   343  N N7     . G   A 1 9  ? -5.367  9.119   -3.502  1.00   17.15 ? 2655 G   A N7     1 
ATOM   344  C C5     . G   A 1 9  ? -4.297  8.243   -3.377  1.00   16.33 ? 2655 G   A C5     1 
ATOM   345  C C6     . G   A 1 9  ? -3.741  7.267   -4.262  1.00   16.07 ? 2655 G   A C6     1 
ATOM   346  O O6     . G   A 1 9  ? -4.108  6.961   -5.403  1.00   19.16 ? 2655 G   A O6     1 
ATOM   347  N N1     . G   A 1 9  ? -2.656  6.598   -3.718  1.00   15.66 ? 2655 G   A N1     1 
ATOM   348  C C2     . G   A 1 9  ? -2.166  6.824   -2.479  1.00   14.17 ? 2655 G   A C2     1 
ATOM   349  N N2     . G   A 1 9  ? -1.111  6.082   -2.105  1.00   14.02 ? 2655 G   A N2     1 
ATOM   350  N N3     . G   A 1 9  ? -2.685  7.738   -1.658  1.00   13.25 ? 2655 G   A N3     1 
ATOM   351  C C4     . G   A 1 9  ? -3.735  8.406   -2.152  1.00   14.79 ? 2655 G   A C4     1 
ATOM   352  H "H5'"  . G   A 1 9  ? -6.331  10.634  3.247   1.00   23.49 ? 2655 G   A "H5'"  1 
ATOM   353  H "H5''" . G   A 1 9  ? -6.796  10.385  1.763   1.00   23.49 ? 2655 G   A "H5''" 1 
ATOM   354  H "H4'"  . G   A 1 9  ? -4.378  9.404   2.821   1.00   21.02 ? 2655 G   A "H4'"  1 
ATOM   355  H "H3'"  . G   A 1 9  ? -4.738  11.876  2.238   1.00   19.08 ? 2655 G   A "H3'"  1 
ATOM   356  H "H2'"  . G   A 1 9  ? -5.476  11.347  0.084   1.00   18.62 ? 2655 G   A "H2'"  1 
ATOM   357  H "HO2'" . G   A 1 9  ? -3.451  11.908  -1.079  1.00   19.95 ? 2655 G   A "HO2'" 1 
ATOM   358  H "H1'"  . G   A 1 9  ? -3.149  9.754   -0.025  1.00   18.30 ? 2655 G   A "H1'"  1 
ATOM   359  H H8     . G   A 1 9  ? -6.069  10.451  -2.188  1.00   20.27 ? 2655 G   A H8     1 
ATOM   360  H H1     . G   A 1 9  ? -2.274  5.994   -4.197  1.00   18.80 ? 2655 G   A H1     1 
ATOM   361  H H21    . G   A 1 9  ? -0.785  5.496   -2.644  1.00   16.82 ? 2655 G   A H21    1 
ATOM   362  H H22    . G   A 1 9  ? -0.761  6.194   -1.327  1.00   16.82 ? 2655 G   A H22    1 
ATOM   363  P P      . U   A 1 10 ? -1.982  12.376  2.085   1.00   14.77 ? 2656 U   A P      1 
ATOM   364  O OP1    . U   A 1 10 ? -2.847  13.575  2.333   1.00   16.52 ? 2656 U   A OP1    1 
ATOM   365  O OP2    . U   A 1 10 ? -1.085  12.382  0.894   1.00   15.10 ? 2656 U   A OP2    1 
ATOM   366  O "O5'"  . U   A 1 10 ? -1.035  12.050  3.315   1.00   15.17 ? 2656 U   A "O5'"  1 
ATOM   367  C "C5'"  . U   A 1 10 ? -1.507  12.074  4.642   1.00   14.73 ? 2656 U   A "C5'"  1 
ATOM   368  C "C4'"  . U   A 1 10 ? -0.714  11.130  5.482   1.00   14.51 ? 2656 U   A "C4'"  1 
ATOM   369  O "O4'"  . U   A 1 10 ? -1.129  9.789   5.165   1.00   14.14 ? 2656 U   A "O4'"  1 
ATOM   370  C "C3'"  . U   A 1 10 ? 0.786   11.136  5.228   1.00   14.90 ? 2656 U   A "C3'"  1 
ATOM   371  O "O3'"  . U   A 1 10 ? 1.432   12.121  6.001   1.00   14.84 ? 2656 U   A "O3'"  1 
ATOM   372  C "C2'"  . U   A 1 10 ? 1.211   9.732   5.586   1.00   14.07 ? 2656 U   A "C2'"  1 
ATOM   373  O "O2'"  . U   A 1 10 ? 1.369   9.604   6.998   1.00   15.77 ? 2656 U   A "O2'"  1 
ATOM   374  C "C1'"  . U   A 1 10 ? -0.008  8.935   5.125   1.00   13.79 ? 2656 U   A "C1'"  1 
ATOM   375  N N1     . U   A 1 10 ? 0.088   8.376   3.751   1.00   13.31 ? 2656 U   A N1     1 
ATOM   376  C C2     . U   A 1 10 ? 1.036   7.398   3.534   1.00   12.44 ? 2656 U   A C2     1 
ATOM   377  O O2     . U   A 1 10 ? 1.828   7.079   4.399   1.00   13.58 ? 2656 U   A O2     1 
ATOM   378  N N3     . U   A 1 10 ? 1.008   6.844   2.276   1.00   12.42 ? 2656 U   A N3     1 
ATOM   379  C C4     . U   A 1 10 ? 0.145   7.131   1.239   1.00   12.38 ? 2656 U   A C4     1 
ATOM   380  O O4     . U   A 1 10 ? 0.288   6.532   0.165   1.00   13.40 ? 2656 U   A O4     1 
ATOM   381  C C5     . U   A 1 10 ? -0.852  8.107   1.557   1.00   12.76 ? 2656 U   A C5     1 
ATOM   382  C C6     . U   A 1 10 ? -0.848  8.663   2.772   1.00   12.71 ? 2656 U   A C6     1 
ATOM   383  H "H5'"  . U   A 1 10 ? -2.441  11.810  4.655   1.00   17.68 ? 2656 U   A "H5'"  1 
ATOM   384  H "H5''" . U   A 1 10 ? -1.420  12.972  4.997   1.00   17.68 ? 2656 U   A "H5''" 1 
ATOM   385  H "H4'"  . U   A 1 10 ? -0.885  11.308  6.419   1.00   17.42 ? 2656 U   A "H4'"  1 
ATOM   386  H "H3'"  . U   A 1 10 ? 0.956   11.298  4.287   1.00   17.88 ? 2656 U   A "H3'"  1 
ATOM   387  H "H2'"  . U   A 1 10 ? 2.012   9.469   5.107   1.00   16.88 ? 2656 U   A "H2'"  1 
ATOM   388  H "HO2'" . U   A 1 10 ? 0.757   9.113   7.297   1.00   18.92 ? 2656 U   A "HO2'" 1 
ATOM   389  H "H1'"  . U   A 1 10 ? -0.153  8.205   5.747   1.00   16.55 ? 2656 U   A "H1'"  1 
ATOM   390  H H3     . U   A 1 10 ? 1.616   6.259   2.109   1.00   14.90 ? 2656 U   A H3     1 
ATOM   391  H H5     . U   A 1 10 ? -1.473  8.375   0.918   1.00   15.31 ? 2656 U   A H5     1 
ATOM   392  H H6     . U   A 1 10 ? -1.498  9.302   2.962   1.00   15.25 ? 2656 U   A H6     1 
ATOM   393  P P      . A   A 1 11 ? 2.601   13.013  5.391   1.00   15.22 ? 2657 A   A P      1 
ATOM   394  O OP1    . A   A 1 11 ? 3.022   13.931  6.494   1.00   16.69 ? 2657 A   A OP1    1 
ATOM   395  O OP2    . A   A 1 11 ? 2.198   13.496  4.024   1.00   13.75 ? 2657 A   A OP2    1 
ATOM   396  O "O5'"  . A   A 1 11 ? 3.789   12.007  5.102   1.00   13.42 ? 2657 A   A "O5'"  1 
ATOM   397  C "C5'"  . A   A 1 11 ? 4.448   11.403  6.184   1.00   13.71 ? 2657 A   A "C5'"  1 
ATOM   398  C "C4'"  . A   A 1 11 ? 5.392   10.373  5.671   1.00   13.02 ? 2657 A   A "C4'"  1 
ATOM   399  O "O4'"  . A   A 1 11 ? 4.642   9.349   4.992   1.00   12.43 ? 2657 A   A "O4'"  1 
ATOM   400  C "C3'"  . A   A 1 11 ? 6.395   10.804  4.616   1.00   13.01 ? 2657 A   A "C3'"  1 
ATOM   401  O "O3'"  . A   A 1 11 ? 7.466   11.536  5.156   1.00   14.94 ? 2657 A   A "O3'"  1 
ATOM   402  C "C2'"  . A   A 1 11 ? 6.802   9.461   4.050   1.00   12.48 ? 2657 A   A "C2'"  1 
ATOM   403  O "O2'"  . A   A 1 11 ? 7.578   8.754   5.007   1.00   15.38 ? 2657 A   A "O2'"  1 
ATOM   404  C "C1'"  . A   A 1 11 ? 5.453   8.774   3.991   1.00   12.13 ? 2657 A   A "C1'"  1 
ATOM   405  N N9     . A   A 1 11 ? 4.778   8.882   2.693   1.00   10.47 ? 2657 A   A N9     1 
ATOM   406  C C8     . A   A 1 11 ? 3.568   9.437   2.381   1.00   11.06 ? 2657 A   A C8     1 
ATOM   407  N N7     . A   A 1 11 ? 3.223   9.223   1.122   1.00   11.19 ? 2657 A   A N7     1 
ATOM   408  C C5     . A   A 1 11 ? 4.253   8.449   0.592   1.00   10.27 ? 2657 A   A C5     1 
ATOM   409  C C6     . A   A 1 11 ? 4.509   7.871   -0.663  1.00   10.01 ? 2657 A   A C6     1 
ATOM   410  N N6     . A   A 1 11 ? 3.676   7.967   -1.690  1.00   11.26 ? 2657 A   A N6     1 
ATOM   411  N N1     . A   A 1 11 ? 5.639   7.164   -0.822  1.00   10.30 ? 2657 A   A N1     1 
ATOM   412  C C2     . A   A 1 11 ? 6.475   7.038   0.190   1.00   10.63 ? 2657 A   A C2     1 
ATOM   413  N N3     . A   A 1 11 ? 6.340   7.519   1.416   1.00   10.27 ? 2657 A   A N3     1 
ATOM   414  C C4     . A   A 1 11 ? 5.205   8.227   1.553   1.00   10.31 ? 2657 A   A C4     1 
ATOM   415  H "H5'"  . A   A 1 11 ? 3.796   10.982  6.766   1.00   16.45 ? 2657 A   A "H5'"  1 
ATOM   416  H "H5''" . A   A 1 11 ? 4.940   12.075  6.680   1.00   16.45 ? 2657 A   A "H5''" 1 
ATOM   417  H "H4'"  . A   A 1 11 ? 5.867   9.977   6.418   1.00   15.62 ? 2657 A   A "H4'"  1 
ATOM   418  H "H3'"  . A   A 1 11 ? 5.949   11.328  3.933   1.00   15.61 ? 2657 A   A "H3'"  1 
ATOM   419  H "H2'"  . A   A 1 11 ? 7.229   9.528   3.181   1.00   14.98 ? 2657 A   A "H2'"  1 
ATOM   420  H "HO2'" . A   A 1 11 ? 8.335   9.112   5.063   1.00   18.46 ? 2657 A   A "HO2'" 1 
ATOM   421  H "H1'"  . A   A 1 11 ? 5.577   7.834   4.197   1.00   14.56 ? 2657 A   A "H1'"  1 
ATOM   422  H H8     . A   A 1 11 ? 3.051   9.921   2.984   1.00   13.27 ? 2657 A   A H8     1 
ATOM   423  H H61    . A   A 1 11 ? 3.865   7.580   -2.434  1.00   13.51 ? 2657 A   A H61    1 
ATOM   424  H H62    . A   A 1 11 ? 2.946   8.415   -1.612  1.00   13.51 ? 2657 A   A H62    1 
ATOM   425  H H2     . A   A 1 11 ? 7.237   6.528   0.031   1.00   12.75 ? 2657 A   A H2     1 
ATOM   426  P P      . C   A 1 12 ? 8.043   12.786  4.361   1.00   16.50 ? 2658 C   A P      1 
ATOM   427  O OP1    . C   A 1 12 ? 9.210   13.227  5.152   1.00   19.10 ? 2658 C   A OP1    1 
ATOM   428  O OP2    . C   A 1 12 ? 6.987   13.747  4.020   1.00   17.55 ? 2658 C   A OP2    1 
ATOM   429  O "O5'"  . C   A 1 12 ? 8.450   12.225  2.916   1.00   13.57 ? 2658 C   A "O5'"  1 
ATOM   430  C "C5'"  . C   A 1 12 ? 9.569   11.386  2.738   1.00   12.91 ? 2658 C   A "C5'"  1 
ATOM   431  C "C4'"  . C   A 1 12 ? 9.610   10.879  1.324   1.00   11.35 ? 2658 C   A "C4'"  1 
ATOM   432  O "O4'"  . C   A 1 12 ? 8.412   10.120  1.038   1.00   11.50 ? 2658 C   A "O4'"  1 
ATOM   433  C "C3'"  . C   A 1 12 ? 9.606   11.941  0.244   1.00   10.51 ? 2658 C   A "C3'"  1 
ATOM   434  O "O3'"  . C   A 1 12 ? 10.888  12.516  0.071   1.00   10.68 ? 2658 C   A "O3'"  1 
ATOM   435  C "C2'"  . C   A 1 12 ? 9.100   11.175  -0.968  1.00   10.61 ? 2658 C   A "C2'"  1 
ATOM   436  O "O2'"  . C   A 1 12 ? 10.119  10.347  -1.499  1.00   11.51 ? 2658 C   A "O2'"  1 
ATOM   437  C "C1'"  . C   A 1 12 ? 8.046   10.285  -0.321  1.00   10.49 ? 2658 C   A "C1'"  1 
ATOM   438  N N1     . C   A 1 12 ? 6.695   10.893  -0.398  1.00   10.16 ? 2658 C   A N1     1 
ATOM   439  C C2     . C   A 1 12 ? 6.042   10.831  -1.621  1.00   10.08 ? 2658 C   A C2     1 
ATOM   440  O O2     . C   A 1 12 ? 6.601   10.243  -2.558  1.00   10.38 ? 2658 C   A O2     1 
ATOM   441  N N3     . C   A 1 12 ? 4.817   11.392  -1.743  1.00   10.23 ? 2658 C   A N3     1 
ATOM   442  C C4     . C   A 1 12 ? 4.260   12.007  -0.690  1.00   10.79 ? 2658 C   A C4     1 
ATOM   443  N N4     . C   A 1 12 ? 3.045   12.554  -0.840  1.00   11.62 ? 2658 C   A N4     1 
ATOM   444  C C5     . C   A 1 12 ? 4.921   12.090  0.573   1.00   11.55 ? 2658 C   A C5     1 
ATOM   445  C C6     . C   A 1 12 ? 6.147   11.547  0.667   1.00   11.10 ? 2658 C   A C6     1 
ATOM   446  H "H5'"  . C   A 1 12 ? 9.507   10.634  3.348   1.00   15.50 ? 2658 C   A "H5'"  1 
ATOM   447  H "H5''" . C   A 1 12 ? 10.380  11.885  2.925   1.00   15.50 ? 2658 C   A "H5''" 1 
ATOM   448  H "H4'"  . C   A 1 12 ? 10.386  10.307  1.209   1.00   13.62 ? 2658 C   A "H4'"  1 
ATOM   449  H "H3'"  . C   A 1 12 ? 8.970   12.634  0.477   1.00   12.62 ? 2658 C   A "H3'"  1 
ATOM   450  H "H2'"  . C   A 1 12 ? 8.717   11.765  -1.636  1.00   12.73 ? 2658 C   A "H2'"  1 
ATOM   451  H "HO2'" . C   A 1 12 ? 10.704  10.830  -1.859  1.00   13.82 ? 2658 C   A "HO2'" 1 
ATOM   452  H "H1'"  . C   A 1 12 ? 8.038   9.421   -0.761  1.00   12.59 ? 2658 C   A "H1'"  1 
ATOM   453  H H41    . C   A 1 12 ? 2.668   12.953  -0.178  1.00   13.94 ? 2658 C   A H41    1 
ATOM   454  H H42    . C   A 1 12 ? 2.642   12.504  -1.599  1.00   13.94 ? 2658 C   A H42    1 
ATOM   455  H H5     . C   A 1 12 ? 4.531   12.528  1.294   1.00   13.86 ? 2658 C   A H5     1 
ATOM   456  H H6     . C   A 1 12 ? 6.604   11.575  1.476   1.00   13.33 ? 2658 C   A H6     1 
ATOM   457  P P      . G   A 1 13 ? 11.011  14.072  -0.322  1.00   11.13 ? 2659 G   A P      1 
ATOM   458  O OP1    . G   A 1 13 ? 12.473  14.334  -0.404  1.00   11.77 ? 2659 G   A OP1    1 
ATOM   459  O OP2    . G   A 1 13 ? 10.171  14.896  0.589   1.00   12.17 ? 2659 G   A OP2    1 
ATOM   460  O "O5'"  . G   A 1 13 ? 10.315  14.163  -1.739  1.00   11.42 ? 2659 G   A "O5'"  1 
ATOM   461  C "C5'"  . G   A 1 13 ? 10.976  13.658  -2.890  1.00   11.86 ? 2659 G   A "C5'"  1 
ATOM   462  C "C4'"  . G   A 1 13 ? 10.101  13.814  -4.099  1.00   11.27 ? 2659 G   A "C4'"  1 
ATOM   463  O "O4'"  . G   A 1 13 ? 8.901   13.018  -3.921  1.00   11.04 ? 2659 G   A "O4'"  1 
ATOM   464  C "C3'"  . G   A 1 13 ? 9.564   15.206  -4.339  1.00   11.36 ? 2659 G   A "C3'"  1 
ATOM   465  O "O3'"  . G   A 1 13 ? 10.524  16.044  -4.953  1.00   13.13 ? 2659 G   A "O3'"  1 
ATOM   466  C "C2'"  . G   A 1 13 ? 8.347   14.932  -5.208  1.00   11.09 ? 2659 G   A "C2'"  1 
ATOM   467  O "O2'"  . G   A 1 13 ? 8.749   14.730  -6.549  1.00   11.50 ? 2659 G   A "O2'"  1 
ATOM   468  C "C1'"  . G   A 1 13 ? 7.815   13.616  -4.592  1.00   10.88 ? 2659 G   A "C1'"  1 
ATOM   469  N N9     . G   A 1 13 ? 6.787   13.965  -3.614  1.00   10.18 ? 2659 G   A N9     1 
ATOM   470  C C8     . G   A 1 13 ? 6.865   14.191  -2.263  1.00   10.66 ? 2659 G   A C8     1 
ATOM   471  N N7     . G   A 1 13 ? 5.773   14.660  -1.759  1.00   10.09 ? 2659 G   A N7     1 
ATOM   472  C C5     . G   A 1 13 ? 4.926   14.779  -2.842  1.00   9.46  ? 2659 G   A C5     1 
ATOM   473  C C6     . G   A 1 13 ? 3.619   15.297  -2.945  1.00   9.96  ? 2659 G   A C6     1 
ATOM   474  O O6     . G   A 1 13 ? 2.911   15.736  -2.040  1.00   11.75 ? 2659 G   A O6     1 
ATOM   475  N N1     . G   A 1 13 ? 3.151   15.294  -4.256  1.00   9.48  ? 2659 G   A N1     1 
ATOM   476  C C2     . G   A 1 13 ? 3.839   14.827  -5.331  1.00   9.12  ? 2659 G   A C2     1 
ATOM   477  N N2     . G   A 1 13 ? 3.268   14.895  -6.540  1.00   9.64  ? 2659 G   A N2     1 
ATOM   478  N N3     . G   A 1 13 ? 5.056   14.344  -5.241  1.00   8.94  ? 2659 G   A N3     1 
ATOM   479  C C4     . G   A 1 13 ? 5.532   14.355  -3.987  1.00   9.16  ? 2659 G   A C4     1 
ATOM   480  H "H5'"  . G   A 1 13 ? 11.177  12.719  -2.757  1.00   14.23 ? 2659 G   A "H5'"  1 
ATOM   481  H "H5''" . G   A 1 13 ? 11.802  14.148  -3.026  1.00   14.23 ? 2659 G   A "H5''" 1 
ATOM   482  H "H4'"  . G   A 1 13 ? 10.578  13.510  -4.887  1.00   13.53 ? 2659 G   A "H4'"  1 
ATOM   483  H "H3'"  . G   A 1 13 ? 9.281   15.594  -3.496  1.00   13.63 ? 2659 G   A "H3'"  1 
ATOM   484  H "H2'"  . G   A 1 13 ? 7.694   15.645  -5.135  1.00   13.31 ? 2659 G   A "H2'"  1 
ATOM   485  H "HO2'" . G   A 1 13 ? 8.091   14.861  -7.054  1.00   13.80 ? 2659 G   A "HO2'" 1 
ATOM   486  H "H1'"  . G   A 1 13 ? 7.461   13.028  -5.277  1.00   13.06 ? 2659 G   A "H1'"  1 
ATOM   487  H H8     . G   A 1 13 ? 7.617   13.990  -1.753  1.00   12.80 ? 2659 G   A H8     1 
ATOM   488  H H1     . G   A 1 13 ? 2.337   15.541  -4.385  1.00   11.37 ? 2659 G   A H1     1 
ATOM   489  H H21    . G   A 1 13 ? 2.471   15.209  -6.623  1.00   11.57 ? 2659 G   A H21    1 
ATOM   490  H H22    . G   A 1 13 ? 3.698   14.625  -7.235  1.00   11.57 ? 2659 G   A H22    1 
ATOM   491  P P      . A   A 1 14 ? 10.822  17.499  -4.350  1.00   13.57 ? 2660 A   A P      1 
ATOM   492  O OP1    . A   A 1 14 ? 11.834  18.133  -5.220  1.00   15.75 ? 2660 A   A OP1    1 
ATOM   493  O OP2    . A   A 1 14 ? 11.088  17.426  -2.883  1.00   14.22 ? 2660 A   A OP2    1 
ATOM   494  O "O5'"  . A   A 1 14 ? 9.407   18.195  -4.569  1.00   13.14 ? 2660 A   A "O5'"  1 
ATOM   495  C "C5'"  . A   A 1 14 ? 9.075   19.382  -3.881  1.00   13.58 ? 2660 A   A "C5'"  1 
ATOM   496  C "C4'"  . A   A 1 14 ? 8.419   20.364  -4.808  1.00   13.66 ? 2660 A   A "C4'"  1 
ATOM   497  O "O4'"  . A   A 1 14 ? 9.322   20.670  -5.900  1.00   14.29 ? 2660 A   A "O4'"  1 
ATOM   498  C "C3'"  . A   A 1 14 ? 7.154   19.897  -5.507  1.00   12.90 ? 2660 A   A "C3'"  1 
ATOM   499  O "O3'"  . A   A 1 14 ? 6.005   20.037  -4.707  1.00   12.48 ? 2660 A   A "O3'"  1 
ATOM   500  C "C2'"  . A   A 1 14 ? 7.116   20.797  -6.728  1.00   13.42 ? 2660 A   A "C2'"  1 
ATOM   501  O "O2'"  . A   A 1 14 ? 6.712   22.113  -6.371  1.00   14.00 ? 2660 A   A "O2'"  1 
ATOM   502  C "C1'"  . A   A 1 14 ? 8.580   20.845  -7.093  1.00   13.98 ? 2660 A   A "C1'"  1 
ATOM   503  N N9     . A   A 1 14 ? 8.994   19.816  -8.075  1.00   14.14 ? 2660 A   A N9     1 
ATOM   504  C C8     . A   A 1 14 ? 9.780   18.702  -7.905  1.00   14.39 ? 2660 A   A C8     1 
ATOM   505  N N7     . A   A 1 14 ? 10.020  18.055  -9.018  1.00   14.06 ? 2660 A   A N7     1 
ATOM   506  C C5     . A   A 1 14 ? 9.331   18.781  -9.980  1.00   14.14 ? 2660 A   A C5     1 
ATOM   507  C C6     . A   A 1 14 ? 9.197   18.650  -11.375 1.00   14.80 ? 2660 A   A C6     1 
ATOM   508  N N6     . A   A 1 14 ? 9.756   17.671  -12.088 1.00   16.42 ? 2660 A   A N6     1 
ATOM   509  N N1     . A   A 1 14 ? 8.452   19.564  -12.030 1.00   15.85 ? 2660 A   A N1     1 
ATOM   510  C C2     . A   A 1 14 ? 7.903   20.557  -11.324 1.00   16.42 ? 2660 A   A C2     1 
ATOM   511  N N3     . A   A 1 14 ? 7.970   20.794  -10.017 1.00   15.45 ? 2660 A   A N3     1 
ATOM   512  C C4     . A   A 1 14 ? 8.712   19.860  -9.407  1.00   14.06 ? 2660 A   A C4     1 
ATOM   513  H "H5'"  . A   A 1 14 ? 9.882   19.777  -3.516  1.00   16.29 ? 2660 A   A "H5'"  1 
ATOM   514  H "H5''" . A   A 1 14 ? 8.467   19.172  -3.155  1.00   16.29 ? 2660 A   A "H5''" 1 
ATOM   515  H "H4'"  . A   A 1 14 ? 8.227   21.180  -4.319  1.00   16.39 ? 2660 A   A "H4'"  1 
ATOM   516  H "H3'"  . A   A 1 14 ? 7.253   18.972  -5.783  1.00   15.48 ? 2660 A   A "H3'"  1 
ATOM   517  H "H2'"  . A   A 1 14 ? 6.575   20.423  -7.441  1.00   16.10 ? 2660 A   A "H2'"  1 
ATOM   518  H "HO2'" . A   A 1 14 ? 5.899   22.103  -6.165  1.00   16.80 ? 2660 A   A "HO2'" 1 
ATOM   519  H "H1'"  . A   A 1 14 ? 8.780   21.721  -7.459  1.00   16.78 ? 2660 A   A "H1'"  1 
ATOM   520  H H8     . A   A 1 14 ? 10.127  18.446  -7.081  1.00   17.27 ? 2660 A   A H8     1 
ATOM   521  H H61    . A   A 1 14 ? 9.636   17.636  -12.939 1.00   19.70 ? 2660 A   A H61    1 
ATOM   522  H H62    . A   A 1 14 ? 10.236  17.074  -11.696 1.00   19.70 ? 2660 A   A H62    1 
ATOM   523  H H2     . A   A 1 14 ? 7.405   21.169  -11.816 1.00   19.70 ? 2660 A   A H2     1 
ATOM   524  P P      . G   A 1 15 ? 5.105   18.774  -4.303  1.00   11.92 ? 2661 G   A P      1 
ATOM   525  O OP1    . G   A 1 15 ? 4.195   19.292  -3.248  1.00   13.32 ? 2661 G   A OP1    1 
ATOM   526  O OP2    . G   A 1 15 ? 5.949   17.602  -4.059  1.00   12.59 ? 2661 G   A OP2    1 
ATOM   527  O "O5'"  . G   A 1 15 ? 4.252   18.441  -5.602  1.00   11.40 ? 2661 G   A "O5'"  1 
ATOM   528  C "C5'"  . G   A 1 15 ? 3.328   19.396  -6.082  1.00   11.95 ? 2661 G   A "C5'"  1 
ATOM   529  C "C4'"  . G   A 1 15 ? 3.282   19.429  -7.581  1.00   10.99 ? 2661 G   A "C4'"  1 
ATOM   530  O "O4'"  . G   A 1 15 ? 4.615   19.504  -8.112  1.00   10.95 ? 2661 G   A "O4'"  1 
ATOM   531  C "C3'"  . G   A 1 15 ? 2.671   18.233  -8.285  1.00   9.88  ? 2661 G   A "C3'"  1 
ATOM   532  O "O3'"  . G   A 1 15 ? 1.274   18.339  -8.301  1.00   10.33 ? 2661 G   A "O3'"  1 
ATOM   533  C "C2'"  . G   A 1 15 ? 3.295   18.328  -9.670  1.00   10.53 ? 2661 G   A "C2'"  1 
ATOM   534  O "O2'"  . G   A 1 15 ? 2.674   19.380  -10.409 1.00   11.28 ? 2661 G   A "O2'"  1 
ATOM   535  C "C1'"  . G   A 1 15 ? 4.692   18.769  -9.315  1.00   10.29 ? 2661 G   A "C1'"  1 
ATOM   536  N N9     . G   A 1 15 ? 5.623   17.648  -9.108  1.00   9.73  ? 2661 G   A N9     1 
ATOM   537  C C8     . G   A 1 15 ? 6.147   17.170  -7.923  1.00   9.85  ? 2661 G   A C8     1 
ATOM   538  N N7     . G   A 1 15 ? 7.018   16.210  -8.118  1.00   9.36  ? 2661 G   A N7     1 
ATOM   539  C C5     . G   A 1 15 ? 7.097   16.044  -9.480  1.00   9.43  ? 2661 G   A C5     1 
ATOM   540  C C6     . G   A 1 15 ? 7.888   15.203  -10.277 1.00   9.72  ? 2661 G   A C6     1 
ATOM   541  O O6     . G   A 1 15 ? 8.743   14.396  -9.939  1.00   11.12 ? 2661 G   A O6     1 
ATOM   542  N N1     . G   A 1 15 ? 7.639   15.375  -11.619 1.00   10.37 ? 2661 G   A N1     1 
ATOM   543  C C2     . G   A 1 15 ? 6.753   16.279  -12.142 1.00   10.18 ? 2661 G   A C2     1 
ATOM   544  N N2     . G   A 1 15 ? 6.621   16.306  -13.481 1.00   11.37 ? 2661 G   A N2     1 
ATOM   545  N N3     . G   A 1 15 ? 6.025   17.111  -11.417 1.00   9.77  ? 2661 G   A N3     1 
ATOM   546  C C4     . G   A 1 15 ? 6.254   16.934  -10.097 1.00   9.16  ? 2661 G   A C4     1 
ATOM   547  H "H5'"  . G   A 1 15 ? 3.582   20.273  -5.755  1.00   14.34 ? 2661 G   A "H5'"  1 
ATOM   548  H "H5''" . G   A 1 15 ? 2.446   19.178  -5.744  1.00   14.34 ? 2661 G   A "H5''" 1 
ATOM   549  H "H4'"  . G   A 1 15 ? 2.798   20.224  -7.854  1.00   13.18 ? 2661 G   A "H4'"  1 
ATOM   550  H "H3'"  . G   A 1 15 ? 2.944   17.411  -7.848  1.00   11.86 ? 2661 G   A "H3'"  1 
ATOM   551  H "H2'"  . G   A 1 15 ? 3.283   17.480  -10.141 1.00   12.64 ? 2661 G   A "H2'"  1 
ATOM   552  H "HO2'" . G   A 1 15 ? 2.166   19.811  -9.897  1.00   13.54 ? 2661 G   A "HO2'" 1 
ATOM   553  H "H1'"  . G   A 1 15 ? 5.034   19.344  -10.018 1.00   12.34 ? 2661 G   A "H1'"  1 
ATOM   554  H H8     . G   A 1 15 ? 5.916   17.500  -7.084  1.00   11.82 ? 2661 G   A H8     1 
ATOM   555  H H1     . G   A 1 15 ? 8.072   14.877  -12.170 1.00   12.44 ? 2661 G   A H1     1 
ATOM   556  H H21    . G   A 1 15 ? 7.085   15.773  -13.970 1.00   13.64 ? 2661 G   A H21    1 
ATOM   557  H H22    . G   A 1 15 ? 6.071   16.858  -13.848 1.00   13.64 ? 2661 G   A H22    1 
ATOM   558  P P      . A   A 1 16 ? 0.375   17.025  -8.382  1.00   10.25 ? 2662 A   A P      1 
ATOM   559  O OP1    . A   A 1 16 ? -1.018  17.537  -8.481  1.00   11.54 ? 2662 A   A OP1    1 
ATOM   560  O OP2    . A   A 1 16 ? 0.733   16.080  -7.314  1.00   10.18 ? 2662 A   A OP2    1 
ATOM   561  O "O5'"  . A   A 1 16 ? 0.824   16.319  -9.743  1.00   9.89  ? 2662 A   A "O5'"  1 
ATOM   562  C "C5'"  . A   A 1 16 ? 0.483   16.866  -11.012 1.00   10.90 ? 2662 A   A "C5'"  1 
ATOM   563  C "C4'"  . A   A 1 16 ? 1.052   16.004  -12.101 1.00   10.01 ? 2662 A   A "C4'"  1 
ATOM   564  O "O4'"  . A   A 1 16 ? 2.496   16.074  -12.097 1.00   9.85  ? 2662 A   A "O4'"  1 
ATOM   565  C "C3'"  . A   A 1 16 ? 0.749   14.523  -11.970 1.00   9.97  ? 2662 A   A "C3'"  1 
ATOM   566  O "O3'"  . A   A 1 16 ? -0.540  14.238  -12.493 1.00   10.66 ? 2662 A   A "O3'"  1 
ATOM   567  C "C2'"  . A   A 1 16 ? 1.888   13.878  -12.740 1.00   10.13 ? 2662 A   A "C2'"  1 
ATOM   568  O "O2'"  . A   A 1 16 ? 1.620   13.934  -14.126 1.00   11.43 ? 2662 A   A "O2'"  1 
ATOM   569  C "C1'"  . A   A 1 16 ? 3.047   14.820  -12.416 1.00   9.94  ? 2662 A   A "C1'"  1 
ATOM   570  N N9     . A   A 1 16 ? 3.805   14.330  -11.255 1.00   9.19  ? 2662 A   A N9     1 
ATOM   571  C C8     . A   A 1 16 ? 3.461   14.510  -9.937  1.00   8.97  ? 2662 A   A C8     1 
ATOM   572  N N7     . A   A 1 16 ? 4.260   13.890  -9.110  1.00   9.43  ? 2662 A   A N7     1 
ATOM   573  C C5     . A   A 1 16 ? 5.135   13.216  -9.948  1.00   9.59  ? 2662 A   A C5     1 
ATOM   574  C C6     . A   A 1 16 ? 6.200   12.360  -9.653  1.00   10.91 ? 2662 A   A C6     1 
ATOM   575  N N6     . A   A 1 16 ? 6.555   12.078  -8.384  1.00   12.31 ? 2662 A   A N6     1 
ATOM   576  N N1     . A   A 1 16 ? 6.893   11.830  -10.695 1.00   10.81 ? 2662 A   A N1     1 
ATOM   577  C C2     . A   A 1 16 ? 6.521   12.151  -11.942 1.00   11.19 ? 2662 A   A C2     1 
ATOM   578  N N3     . A   A 1 16 ? 5.528   12.963  -12.339 1.00   9.90  ? 2662 A   A N3     1 
ATOM   579  C C4     . A   A 1 16 ? 4.863   13.450  -11.273 1.00   9.18  ? 2662 A   A C4     1 
ATOM   580  H "H5'"  . A   A 1 16 ? 0.848   17.763  -11.085 1.00   13.08 ? 2662 A   A "H5'"  1 
ATOM   581  H "H5''" . A   A 1 16 ? -0.482  16.903  -11.099 1.00   13.08 ? 2662 A   A "H5''" 1 
ATOM   582  H "H4'"  . A   A 1 16 ? 0.722   16.319  -12.957 1.00   12.01 ? 2662 A   A "H4'"  1 
ATOM   583  H "H3'"  . A   A 1 16 ? 0.794   14.261  -11.037 1.00   11.96 ? 2662 A   A "H3'"  1 
ATOM   584  H "H2'"  . A   A 1 16 ? 2.062   12.973  -12.437 1.00   12.16 ? 2662 A   A "H2'"  1 
ATOM   585  H "HO2'" . A   A 1 16 ? 0.982   13.415  -14.302 1.00   13.71 ? 2662 A   A "HO2'" 1 
ATOM   586  H "H1'"  . A   A 1 16 ? 3.633   14.902  -13.184 1.00   11.93 ? 2662 A   A "H1'"  1 
ATOM   587  H H8     . A   A 1 16 ? 2.765   15.061  -9.659  1.00   10.76 ? 2662 A   A H8     1 
ATOM   588  H H61    . A   A 1 16 ? 7.225   11.562  -8.230  1.00   14.77 ? 2662 A   A H61    1 
ATOM   589  H H62    . A   A 1 16 ? 6.114   12.417  -7.729  1.00   14.77 ? 2662 A   A H62    1 
ATOM   590  H H2     . A   A 1 16 ? 7.025   11.770  -12.624 1.00   13.42 ? 2662 A   A H2     1 
ATOM   591  P P      . G   A 1 17 ? -1.508  13.235  -11.731 1.00   11.50 ? 2663 G   A P      1 
ATOM   592  O OP1    . G   A 1 17 ? -2.776  13.270  -12.495 1.00   13.53 ? 2663 G   A OP1    1 
ATOM   593  O OP2    . G   A 1 17 ? -1.585  13.536  -10.268 1.00   12.63 ? 2663 G   A OP2    1 
ATOM   594  O "O5'"  . G   A 1 17 ? -0.742  11.865  -11.977 1.00   11.34 ? 2663 G   A "O5'"  1 
ATOM   595  C "C5'"  . G   A 1 17 ? -0.715  10.873  -10.968 1.00   11.75 ? 2663 G   A "C5'"  1 
ATOM   596  C "C4'"  . G   A 1 17 ? 0.672   10.366  -10.726 1.00   11.90 ? 2663 G   A "C4'"  1 
ATOM   597  O "O4'"  . G   A 1 17 ? 1.504   11.450  -10.241 1.00   11.27 ? 2663 G   A "O4'"  1 
ATOM   598  C "C3'"  . G   A 1 17 ? 0.762   9.316   -9.645  1.00   11.60 ? 2663 G   A "C3'"  1 
ATOM   599  O "O3'"  . G   A 1 17 ? 0.421   8.030   -10.124 1.00   11.91 ? 2663 G   A "O3'"  1 
ATOM   600  C "C2'"  . G   A 1 17 ? 2.199   9.446   -9.187  1.00   11.71 ? 2663 G   A "C2'"  1 
ATOM   601  O "O2'"  . G   A 1 17 ? 3.063   8.812   -10.120 1.00   12.16 ? 2663 G   A "O2'"  1 
ATOM   602  C "C1'"  . G   A 1 17 ? 2.382   10.976  -9.238  1.00   11.19 ? 2663 G   A "C1'"  1 
ATOM   603  N N9     . G   A 1 17 ? 1.966   11.561  -7.949  1.00   11.28 ? 2663 G   A N9     1 
ATOM   604  C C8     . G   A 1 17 ? 0.788   12.190  -7.626  1.00   11.62 ? 2663 G   A C8     1 
ATOM   605  N N7     . G   A 1 17 ? 0.684   12.498  -6.363  1.00   11.46 ? 2663 G   A N7     1 
ATOM   606  C C5     . G   A 1 17 ? 1.856   12.000  -5.810  1.00   10.44 ? 2663 G   A C5     1 
ATOM   607  C C6     . G   A 1 17 ? 2.324   12.004  -4.469  1.00   10.56 ? 2663 G   A C6     1 
ATOM   608  O O6     . G   A 1 17 ? 1.780   12.455  -3.449  1.00   10.87 ? 2663 G   A O6     1 
ATOM   609  N N1     . G   A 1 17 ? 3.561   11.370  -4.351  1.00   10.17 ? 2663 G   A N1     1 
ATOM   610  C C2     . G   A 1 17 ? 4.280   10.851  -5.394  1.00   10.48 ? 2663 G   A C2     1 
ATOM   611  N N2     . G   A 1 17 ? 5.467   10.338  -5.103  1.00   11.51 ? 2663 G   A N2     1 
ATOM   612  N N3     . G   A 1 17 ? 3.850   10.844  -6.644  1.00   10.82 ? 2663 G   A N3     1 
ATOM   613  C C4     . G   A 1 17 ? 2.635   11.404  -6.768  1.00   10.77 ? 2663 G   A C4     1 
ATOM   614  H "H5'"  . G   A 1 17 ? -1.278  10.131  -11.238 1.00   14.10 ? 2663 G   A "H5'"  1 
ATOM   615  H "H5''" . G   A 1 17 ? -1.061  11.250  -10.144 1.00   14.10 ? 2663 G   A "H5''" 1 
ATOM   616  H "H4'"  . G   A 1 17 ? 1.042   10.017  -11.553 1.00   14.28 ? 2663 G   A "H4'"  1 
ATOM   617  H "H3'"  . G   A 1 17 ? 0.169   9.556   -8.915  1.00   13.92 ? 2663 G   A "H3'"  1 
ATOM   618  H "H2'"  . G   A 1 17 ? 2.321   9.101   -8.289  1.00   14.05 ? 2663 G   A "H2'"  1 
ATOM   619  H "HO2'" . G   A 1 17 ? 3.020   7.979   -10.011 1.00   14.59 ? 2663 G   A "HO2'" 1 
ATOM   620  H "H1'"  . G   A 1 17 ? 3.301   11.210  -9.445  1.00   13.43 ? 2663 G   A "H1'"  1 
ATOM   621  H H8     . G   A 1 17 ? 0.127   12.383  -8.252  1.00   13.95 ? 2663 G   A H8     1 
ATOM   622  H H1     . G   A 1 17 ? 3.936   11.373  -3.577  1.00   12.20 ? 2663 G   A H1     1 
ATOM   623  H H21    . G   A 1 17 ? 5.750   10.342  -4.290  1.00   13.81 ? 2663 G   A H21    1 
ATOM   624  H H22    . G   A 1 17 ? 5.956   10.002  -5.726  1.00   13.81 ? 2663 G   A H22    1 
ATOM   625  P P      . G   A 1 18 ? -0.570  7.107   -9.287  1.00   12.48 ? 2664 G   A P      1 
ATOM   626  O OP1    . G   A 1 18 ? -0.680  5.846   -10.037 1.00   13.64 ? 2664 G   A OP1    1 
ATOM   627  O OP2    . G   A 1 18 ? -1.788  7.870   -8.933  1.00   14.10 ? 2664 G   A OP2    1 
ATOM   628  O "O5'"  . G   A 1 18 ? 0.209   6.886   -7.921  1.00   11.92 ? 2664 G   A "O5'"  1 
ATOM   629  C "C5'"  . G   A 1 18 ? 1.470   6.265   -7.895  1.00   11.16 ? 2664 G   A "C5'"  1 
ATOM   630  C "C4'"  . G   A 1 18 ? 2.083   6.383   -6.532  1.00   10.83 ? 2664 G   A "C4'"  1 
ATOM   631  O "O4'"  . G   A 1 18 ? 2.239   7.778   -6.174  1.00   10.33 ? 2664 G   A "O4'"  1 
ATOM   632  C "C3'"  . G   A 1 18 ? 1.254   5.825   -5.393  1.00   10.36 ? 2664 G   A "C3'"  1 
ATOM   633  O "O3'"  . G   A 1 18 ? 1.334   4.415   -5.310  1.00   10.49 ? 2664 G   A "O3'"  1 
ATOM   634  C "C2'"  . G   A 1 18 ? 1.834   6.563   -4.198  1.00   10.30 ? 2664 G   A "C2'"  1 
ATOM   635  O "O2'"  . G   A 1 18 ? 3.136   6.101   -3.892  1.00   10.43 ? 2664 G   A "O2'"  1 
ATOM   636  C "C1'"  . G   A 1 18 ? 1.999   7.948   -4.793  1.00   10.85 ? 2664 G   A "C1'"  1 
ATOM   637  N N9     . G   A 1 18 ? 0.786   8.766   -4.625  1.00   10.69 ? 2664 G   A N9     1 
ATOM   638  C C8     . G   A 1 18 ? -0.157  9.036   -5.598  1.00   11.80 ? 2664 G   A C8     1 
ATOM   639  N N7     . G   A 1 18 ? -1.118  9.799   -5.156  1.00   12.64 ? 2664 G   A N7     1 
ATOM   640  C C5     . G   A 1 18 ? -0.810  10.056  -3.830  1.00   12.06 ? 2664 G   A C5     1 
ATOM   641  C C6     . G   A 1 18 ? -1.487  10.834  -2.864  1.00   12.90 ? 2664 G   A C6     1 
ATOM   642  O O6     . G   A 1 18 ? -2.538  11.468  -2.993  1.00   15.13 ? 2664 G   A O6     1 
ATOM   643  N N1     . G   A 1 18 ? -0.830  10.838  -1.654  1.00   12.51 ? 2664 G   A N1     1 
ATOM   644  C C2     . G   A 1 18 ? 0.341   10.184  -1.404  1.00   11.75 ? 2664 G   A C2     1 
ATOM   645  N N2     . G   A 1 18 ? 0.796   10.307  -0.154  1.00   11.90 ? 2664 G   A N2     1 
ATOM   646  N N3     . G   A 1 18 ? 0.987   9.440   -2.292  1.00   11.03 ? 2664 G   A N3     1 
ATOM   647  C C4     . G   A 1 18 ? 0.363   9.429   -3.487  1.00   10.92 ? 2664 G   A C4     1 
ATOM   648  H "H5'"  . G   A 1 18 ? 2.050   6.692   -8.546  1.00   13.39 ? 2664 G   A "H5'"  1 
ATOM   649  H "H5''" . G   A 1 18 ? 1.371   5.327   -8.122  1.00   13.39 ? 2664 G   A "H5''" 1 
ATOM   650  H "H4'"  . G   A 1 18 ? 2.954   5.955   -6.534  1.00   12.99 ? 2664 G   A "H4'"  1 
ATOM   651  H "H3'"  . G   A 1 18 ? 0.329   6.087   -5.513  1.00   12.43 ? 2664 G   A "H3'"  1 
ATOM   652  H "H2'"  . G   A 1 18 ? 1.240   6.559   -3.431  1.00   12.37 ? 2664 G   A "H2'"  1 
ATOM   653  H "HO2'" . G   A 1 18 ? 3.077   5.378   -3.470  1.00   12.51 ? 2664 G   A "HO2'" 1 
ATOM   654  H "H1'"  . G   A 1 18 ? 2.756   8.394   -4.381  1.00   13.02 ? 2664 G   A "H1'"  1 
ATOM   655  H H8     . G   A 1 18 ? -0.114  8.708   -6.466  1.00   14.16 ? 2664 G   A H8     1 
ATOM   656  H H1     . G   A 1 18 ? -1.184  11.283  -1.009  1.00   15.01 ? 2664 G   A H1     1 
ATOM   657  H H21    . G   A 1 18 ? 0.369   10.792  0.412   1.00   14.29 ? 2664 G   A H21    1 
ATOM   658  H H22    . G   A 1 18 ? 1.516   9.900   0.083   1.00   14.29 ? 2664 G   A H22    1 
ATOM   659  P P      . A   A 1 19 ? 0.194   3.577   -4.573  1.00   10.66 ? 2665 A   A P      1 
ATOM   660  O OP1    . A   A 1 19 ? 0.341   2.188   -4.979  1.00   12.29 ? 2665 A   A OP1    1 
ATOM   661  O OP2    . A   A 1 19 ? -1.101  4.275   -4.738  1.00   12.33 ? 2665 A   A OP2    1 
ATOM   662  O "O5'"  . A   A 1 19 ? 0.563   3.751   -3.027  1.00   10.19 ? 2665 A   A "O5'"  1 
ATOM   663  C "C5'"  . A   A 1 19 ? 1.088   2.709   -2.209  1.00   9.80  ? 2665 A   A "C5'"  1 
ATOM   664  C "C4'"  . A   A 1 19 ? 2.567   2.528   -2.397  1.00   9.95  ? 2665 A   A "C4'"  1 
ATOM   665  O "O4'"  . A   A 1 19 ? 3.252   3.805   -2.280  1.00   10.85 ? 2665 A   A "O4'"  1 
ATOM   666  C "C3'"  . A   A 1 19 ? 3.226   1.678   -1.329  1.00   9.63  ? 2665 A   A "C3'"  1 
ATOM   667  O "O3'"  . A   A 1 19 ? 3.022   0.290   -1.543  1.00   9.92  ? 2665 A   A "O3'"  1 
ATOM   668  C "C2'"  . A   A 1 19 ? 4.669   2.146   -1.401  1.00   9.85  ? 2665 A   A "C2'"  1 
ATOM   669  O "O2'"  . A   A 1 19 ? 5.283   1.655   -2.580  1.00   11.75 ? 2665 A   A "O2'"  1 
ATOM   670  C "C1'"  . A   A 1 19 ? 4.445   3.647   -1.528  1.00   10.48 ? 2665 A   A "C1'"  1 
ATOM   671  N N9     . A   A 1 19 ? 4.195   4.222   -0.196  1.00   10.17 ? 2665 A   A N9     1 
ATOM   672  C C8     . A   A 1 19 ? 3.022   4.782   0.247   1.00   10.30 ? 2665 A   A C8     1 
ATOM   673  N N7     . A   A 1 19 ? 3.064   5.170   1.502   1.00   10.78 ? 2665 A   A N7     1 
ATOM   674  C C5     . A   A 1 19 ? 4.340   4.823   1.918   1.00   10.23 ? 2665 A   A C5     1 
ATOM   675  C C6     . A   A 1 19 ? 4.985   4.997   3.150   1.00   10.63 ? 2665 A   A C6     1 
ATOM   676  N N6     . A   A 1 19 ? 4.386   5.542   4.213   1.00   11.54 ? 2665 A   A N6     1 
ATOM   677  N N1     . A   A 1 19 ? 6.260   4.593   3.237   1.00   10.66 ? 2665 A   A N1     1 
ATOM   678  C C2     . A   A 1 19 ? 6.824   4.056   2.151   1.00   10.36 ? 2665 A   A C2     1 
ATOM   679  N N3     . A   A 1 19 ? 6.310   3.828   0.935   1.00   10.16 ? 2665 A   A N3     1 
ATOM   680  C C4     . A   A 1 19 ? 5.052   4.252   0.881   1.00   9.86  ? 2665 A   A C4     1 
ATOM   681  H "H5'"  . A   A 1 19 ? 0.639   1.878   -2.432  1.00   11.76 ? 2665 A   A "H5'"  1 
ATOM   682  H "H5''" . A   A 1 19 ? 0.913   2.921   -1.279  1.00   11.76 ? 2665 A   A "H5''" 1 
ATOM   683  H "H4'"  . A   A 1 19 ? 2.741   2.145   -3.272  1.00   11.94 ? 2665 A   A "H4'"  1 
ATOM   684  H "H3'"  . A   A 1 19 ? 2.859   1.920   -0.464  1.00   11.55 ? 2665 A   A "H3'"  1 
ATOM   685  H "H2'"  . A   A 1 19 ? 5.167   1.917   -0.600  1.00   11.82 ? 2665 A   A "H2'"  1 
ATOM   686  H "HO2'" . A   A 1 19 ? 5.400   2.293   -3.113  1.00   14.10 ? 2665 A   A "HO2'" 1 
ATOM   687  H "H1'"  . A   A 1 19 ? 5.195   4.080   -1.964  1.00   12.58 ? 2665 A   A "H1'"  1 
ATOM   688  H H8     . A   A 1 19 ? 2.263   4.858   -0.281  1.00   12.36 ? 2665 A   A H8     1 
ATOM   689  H H61    . A   A 1 19 ? 4.817   5.632   4.951   1.00   13.85 ? 2665 A   A H61    1 
ATOM   690  H H62    . A   A 1 19 ? 3.568   5.802   4.160   1.00   13.85 ? 2665 A   A H62    1 
ATOM   691  H H2     . A   A 1 19 ? 7.700   3.766   2.267   1.00   12.44 ? 2665 A   A H2     1 
ATOM   692  P P      . C   A 1 20 ? 2.991   -0.705  -0.289  1.00   9.82  ? 2666 C   A P      1 
ATOM   693  O OP1    . C   A 1 20 ? 2.481   -1.977  -0.807  1.00   10.77 ? 2666 C   A OP1    1 
ATOM   694  O OP2    . C   A 1 20 ? 2.288   -0.060  0.852   1.00   10.02 ? 2666 C   A OP2    1 
ATOM   695  O "O5'"  . C   A 1 20 ? 4.517   -0.873  0.140   1.00   10.19 ? 2666 C   A "O5'"  1 
ATOM   696  C "C5'"  . C   A 1 20 ? 5.513   -1.271  -0.790  1.00   10.59 ? 2666 C   A "C5'"  1 
ATOM   697  C "C4'"  . C   A 1 20 ? 6.890   -1.072  -0.193  1.00   12.07 ? 2666 C   A "C4'"  1 
ATOM   698  O "O4'"  . C   A 1 20 ? 7.031   0.293   0.270   1.00   11.66 ? 2666 C   A "O4'"  1 
ATOM   699  C "C3'"  . C   A 1 20 ? 7.237   -1.897  1.036   1.00   12.75 ? 2666 C   A "C3'"  1 
ATOM   700  O "O3'"  . C   A 1 20 ? 7.591   -3.215  0.709   1.00   14.04 ? 2666 C   A "O3'"  1 
ATOM   701  C "C2'"  . C   A 1 20 ? 8.368   -1.089  1.640   1.00   13.25 ? 2666 C   A "C2'"  1 
ATOM   702  O "O2'"  . C   A 1 20 ? 9.554   -1.225  0.864   1.00   15.76 ? 2666 C   A "O2'"  1 
ATOM   703  C "C1'"  . C   A 1 20 ? 7.849   0.316   1.426   1.00   11.50 ? 2666 C   A "C1'"  1 
ATOM   704  N N1     . C   A 1 20 ? 7.048   0.806   2.567   1.00   10.48 ? 2666 C   A N1     1 
ATOM   705  C C2     . C   A 1 20 ? 7.737   1.176   3.719   1.00   11.16 ? 2666 C   A C2     1 
ATOM   706  O O2     . C   A 1 20 ? 8.973   1.014   3.727   1.00   12.25 ? 2666 C   A O2     1 
ATOM   707  N N3     . C   A 1 20 ? 7.051   1.645   4.790   1.00   10.80 ? 2666 C   A N3     1 
ATOM   708  C C4     . C   A 1 20 ? 5.735   1.837   4.691   1.00   10.40 ? 2666 C   A C4     1 
ATOM   709  N N4     . C   A 1 20 ? 5.096   2.353   5.739   1.00   11.13 ? 2666 C   A N4     1 
ATOM   710  C C5     . C   A 1 20 ? 5.016   1.495   3.509   1.00   9.84  ? 2666 C   A C5     1 
ATOM   711  C C6     . C   A 1 20 ? 5.692   0.995   2.483   1.00   9.80  ? 2666 C   A C6     1 
ATOM   712  H "H5'"  . C   A 1 20 ? 5.432   -0.737  -1.595  1.00   12.70 ? 2666 C   A "H5'"  1 
ATOM   713  H "H5''" . C   A 1 20 ? 5.391   -2.207  -1.011  1.00   12.70 ? 2666 C   A "H5''" 1 
ATOM   714  H "H4'"  . C   A 1 20 ? 7.554   -1.240  -0.879  1.00   14.48 ? 2666 C   A "H4'"  1 
ATOM   715  H "H3'"  . C   A 1 20 ? 6.481   -1.904  1.645   1.00   15.31 ? 2666 C   A "H3'"  1 
ATOM   716  H "H2'"  . C   A 1 20 ? 8.508   -1.291  2.579   1.00   15.90 ? 2666 C   A "H2'"  1 
ATOM   717  H "HO2'" . C   A 1 20 ? 9.861   -2.000  0.967   1.00   18.91 ? 2666 C   A "HO2'" 1 
ATOM   718  H "H1'"  . C   A 1 20 ? 8.597   0.915   1.278   1.00   13.79 ? 2666 C   A "H1'"  1 
ATOM   719  H H41    . C   A 1 20 ? 4.248   2.488   5.702   1.00   13.36 ? 2666 C   A H41    1 
ATOM   720  H H42    . C   A 1 20 ? 5.532   2.554   6.453   1.00   13.36 ? 2666 C   A H42    1 
ATOM   721  H H5     . C   A 1 20 ? 4.095   1.608   3.463   1.00   11.81 ? 2666 C   A H5     1 
ATOM   722  H H6     . C   A 1 20 ? 5.242   0.772   1.701   1.00   11.76 ? 2666 C   A H6     1 
ATOM   723  P P      . C   A 1 21 ? 6.900   -4.463  1.454   1.00   14.38 ? 2667 C   A P      1 
ATOM   724  O OP1    . C   A 1 21 ? 7.451   -5.673  0.815   1.00   16.71 ? 2667 C   A OP1    1 
ATOM   725  O OP2    . C   A 1 21 ? 5.443   -4.261  1.533   1.00   13.90 ? 2667 C   A OP2    1 
ATOM   726  O "O5'"  . C   A 1 21 ? 7.421   -4.372  2.951   1.00   14.07 ? 2667 C   A "O5'"  1 
ATOM   727  C "C5'"  . C   A 1 21 ? 8.789   -4.554  3.284   1.00   15.44 ? 2667 C   A "C5'"  1 
ATOM   728  C "C4'"  . C   A 1 21 ? 9.052   -3.999  4.657   1.00   15.38 ? 2667 C   A "C4'"  1 
ATOM   729  O "O4'"  . C   A 1 21 ? 8.713   -2.592  4.689   1.00   15.47 ? 2667 C   A "O4'"  1 
ATOM   730  C "C3'"  . C   A 1 21 ? 8.224   -4.589  5.773   1.00   14.60 ? 2667 C   A "C3'"  1 
ATOM   731  O "O3'"  . C   A 1 21 ? 8.752   -5.805  6.236   1.00   14.33 ? 2667 C   A "O3'"  1 
ATOM   732  C "C2'"  . C   A 1 21 ? 8.278   -3.502  6.824   1.00   14.93 ? 2667 C   A "C2'"  1 
ATOM   733  O "O2'"  . C   A 1 21 ? 9.536   -3.548  7.486   1.00   17.12 ? 2667 C   A "O2'"  1 
ATOM   734  C "C1'"  . C   A 1 21 ? 8.194   -2.256  5.961   1.00   14.59 ? 2667 C   A "C1'"  1 
ATOM   735  N N1     . C   A 1 21 ? 6.786   -1.828  5.817   1.00   13.38 ? 2667 C   A N1     1 
ATOM   736  C C2     . C   A 1 21 ? 6.219   -1.171  6.899   1.00   13.85 ? 2667 C   A C2     1 
ATOM   737  O O2     . C   A 1 21 ? 6.935   -0.952  7.897   1.00   15.84 ? 2667 C   A O2     1 
ATOM   738  N N3     . C   A 1 21 ? 4.936   -0.772  6.823   1.00   13.25 ? 2667 C   A N3     1 
ATOM   739  C C4     . C   A 1 21 ? 4.197   -1.011  5.737   1.00   12.83 ? 2667 C   A C4     1 
ATOM   740  N N4     . C   A 1 21 ? 2.932   -0.590  5.720   1.00   13.70 ? 2667 C   A N4     1 
ATOM   741  C C5     . C   A 1 21 ? 4.745   -1.695  4.614   1.00   12.67 ? 2667 C   A C5     1 
ATOM   742  C C6     . C   A 1 21 ? 6.033   -2.081  4.699   1.00   12.34 ? 2667 C   A C6     1 
ATOM   743  H "H5'"  . C   A 1 21 ? 9.344   -4.091  2.636   1.00   18.53 ? 2667 C   A "H5'"  1 
ATOM   744  H "H5''" . C   A 1 21 ? 9.001   -5.501  3.273   1.00   18.53 ? 2667 C   A "H5''" 1 
ATOM   745  H "H4'"  . C   A 1 21 ? 9.993   -4.104  4.867   1.00   18.45 ? 2667 C   A "H4'"  1 
ATOM   746  H "H3'"  . C   A 1 21 ? 7.310   -4.716  5.474   1.00   17.52 ? 2667 C   A "H3'"  1 
ATOM   747  H "H2'"  . C   A 1 21 ? 7.535   -3.563  7.444   1.00   17.91 ? 2667 C   A "H2'"  1 
ATOM   748  H "HO2'" . C   A 1 21 ? 9.570   -4.241  7.959   1.00   20.54 ? 2667 C   A "HO2'" 1 
ATOM   749  H "H1'"  . C   A 1 21 ? 8.718   -1.542  6.356   1.00   17.50 ? 2667 C   A "H1'"  1 
ATOM   750  H H41    . C   A 1 21 ? 2.439   -0.734  5.030   1.00   16.44 ? 2667 C   A H41    1 
ATOM   751  H H42    . C   A 1 21 ? 2.608   -0.175  6.400   1.00   16.44 ? 2667 C   A H42    1 
ATOM   752  H H5     . C   A 1 21 ? 4.237   -1.863  3.853   1.00   15.20 ? 2667 C   A H5     1 
ATOM   753  H H6     . C   A 1 21 ? 6.419   -2.535  3.986   1.00   14.81 ? 2667 C   A H6     1 
ATOM   754  P P      . G   A 1 22 ? 7.764   -7.014  6.578   1.00   15.20 ? 2668 G   A P      1 
ATOM   755  O OP1    . G   A 1 22 ? 8.643   -8.054  7.184   1.00   16.03 ? 2668 G   A OP1    1 
ATOM   756  O OP2    . G   A 1 22 ? 6.926   -7.312  5.415   1.00   17.01 ? 2668 G   A OP2    1 
ATOM   757  O "O5'"  . G   A 1 22 ? 6.775   -6.447  7.695   1.00   14.23 ? 2668 G   A "O5'"  1 
ATOM   758  C "C5'"  . G   A 1 22 ? 7.238   -6.191  9.011   1.00   14.30 ? 2668 G   A "C5'"  1 
ATOM   759  C "C4'"  . G   A 1 22 ? 6.181   -5.494  9.823   1.00   13.67 ? 2668 G   A "C4'"  1 
ATOM   760  O "O4'"  . G   A 1 22 ? 5.853   -4.218  9.203   1.00   12.36 ? 2668 G   A "O4'"  1 
ATOM   761  C "C3'"  . G   A 1 22 ? 4.827   -6.186  9.925   1.00   14.27 ? 2668 G   A "C3'"  1 
ATOM   762  O "O3'"  . G   A 1 22 ? 4.798   -7.300  10.819  1.00   18.30 ? 2668 G   A "O3'"  1 
ATOM   763  C "C2'"  . G   A 1 22 ? 3.926   -5.025  10.318  1.00   13.52 ? 2668 G   A "C2'"  1 
ATOM   764  O "O2'"  . G   A 1 22 ? 4.152   -4.643  11.667  1.00   16.41 ? 2668 G   A "O2'"  1 
ATOM   765  C "C1'"  . G   A 1 22 ? 4.470   -3.940  9.401   1.00   12.21 ? 2668 G   A "C1'"  1 
ATOM   766  N N9     . G   A 1 22 ? 3.778   -3.980  8.099   1.00   10.40 ? 2668 G   A N9     1 
ATOM   767  C C8     . G   A 1 22 ? 4.283   -4.449  6.913   1.00   10.97 ? 2668 G   A C8     1 
ATOM   768  N N7     . G   A 1 22 ? 3.436   -4.368  5.928   1.00   10.25 ? 2668 G   A N7     1 
ATOM   769  C C5     . G   A 1 22 ? 2.308   -3.804  6.497   1.00   9.08  ? 2668 G   A C5     1 
ATOM   770  C C6     . G   A 1 22 ? 1.058   -3.478  5.926   1.00   8.89  ? 2668 G   A C6     1 
ATOM   771  O O6     . G   A 1 22 ? 0.733   -3.579  4.741   1.00   9.73  ? 2668 G   A O6     1 
ATOM   772  N N1     . G   A 1 22 ? 0.176   -2.956  6.873   1.00   9.04  ? 2668 G   A N1     1 
ATOM   773  C C2     . G   A 1 22 ? 0.442   -2.747  8.187   1.00   8.64  ? 2668 G   A C2     1 
ATOM   774  N N2     . G   A 1 22 ? -0.555  -2.252  8.937   1.00   9.02  ? 2668 G   A N2     1 
ATOM   775  N N3     . G   A 1 22 ? 1.624   -3.045  8.730   1.00   9.30  ? 2668 G   A N3     1 
ATOM   776  C C4     . G   A 1 22 ? 2.489   -3.565  7.833   1.00   9.34  ? 2668 G   A C4     1 
ATOM   777  H "H5'"  . G   A 1 22 ? 8.028   -5.630  8.967   1.00   17.16 ? 2668 G   A "H5'"  1 
ATOM   778  H "H5''" . G   A 1 22 ? 7.466   -7.030  9.438   1.00   17.16 ? 2668 G   A "H5''" 1 
ATOM   779  H "H4'"  . G   A 1 22 ? 6.522   -5.332  10.717  1.00   16.41 ? 2668 G   A "H4'"  1 
ATOM   780  H "H3'"  . G   A 1 22 ? 4.569   -6.492  9.042   1.00   17.12 ? 2668 G   A "H3'"  1 
ATOM   781  H "H2'"  . G   A 1 22 ? 2.992   -5.214  10.140  1.00   16.23 ? 2668 G   A "H2'"  1 
ATOM   782  H "HO2'" . G   A 1 22 ? 4.396   -5.317  12.105  1.00   19.69 ? 2668 G   A "HO2'" 1 
ATOM   783  H "H1'"  . G   A 1 22 ? 4.360   -3.069  9.813   1.00   14.66 ? 2668 G   A "H1'"  1 
ATOM   784  H H8     . G   A 1 22 ? 5.151   -4.769  6.816   1.00   13.16 ? 2668 G   A H8     1 
ATOM   785  H H1     . G   A 1 22 ? -0.603  -2.722  6.592   1.00   10.84 ? 2668 G   A H1     1 
ATOM   786  H H21    . G   A 1 22 ? -1.312  -2.063  8.576   1.00   10.82 ? 2668 G   A H21    1 
ATOM   787  H H22    . G   A 1 22 ? -0.436  -2.121  9.780   1.00   10.82 ? 2668 G   A H22    1 
ATOM   788  P P      . G   A 1 23 ? 3.823   -8.568  10.523  1.00   19.95 ? 2669 G   A P      1 
ATOM   789  O OP1    . G   A 1 23 ? 4.104   -9.598  11.555  1.00   22.20 ? 2669 G   A OP1    1 
ATOM   790  O OP2    . G   A 1 23 ? 3.842   -8.939  9.076   1.00   20.61 ? 2669 G   A OP2    1 
ATOM   791  O "O5'"  . G   A 1 23 ? 2.348   -8.013  10.737  1.00   17.93 ? 2669 G   A "O5'"  1 
ATOM   792  C "C5'"  . G   A 1 23 ? 1.925   -7.502  11.975  1.00   16.47 ? 2669 G   A "C5'"  1 
ATOM   793  C "C4'"  . G   A 1 23 ? 0.606   -6.810  11.814  1.00   13.80 ? 2669 G   A "C4'"  1 
ATOM   794  O "O4'"  . G   A 1 23 ? 0.688   -5.854  10.740  1.00   11.96 ? 2669 G   A "O4'"  1 
ATOM   795  C "C3'"  . G   A 1 23 ? -0.576  -7.667  11.425  1.00   13.86 ? 2669 G   A "C3'"  1 
ATOM   796  O "O3'"  . G   A 1 23 ? -1.082  -8.372  12.527  1.00   15.77 ? 2669 G   A "O3'"  1 
ATOM   797  C "C2'"  . G   A 1 23 ? -1.529  -6.635  10.851  1.00   11.95 ? 2669 G   A "C2'"  1 
ATOM   798  O "O2'"  . G   A 1 23 ? -2.067  -5.808  11.886  1.00   12.25 ? 2669 G   A "O2'"  1 
ATOM   799  C "C1'"  . G   A 1 23 ? -0.563  -5.765  10.086  1.00   11.36 ? 2669 G   A "C1'"  1 
ATOM   800  N N9     . G   A 1 23 ? -0.389  -6.111  8.668   1.00   10.72 ? 2669 G   A N9     1 
ATOM   801  C C8     . G   A 1 23 ? 0.748   -6.562  8.048   1.00   11.07 ? 2669 G   A C8     1 
ATOM   802  N N7     . G   A 1 23 ? 0.594   -6.670  6.755   1.00   10.73 ? 2669 G   A N7     1 
ATOM   803  C C5     . G   A 1 23 ? -0.715  -6.251  6.503   1.00   10.69 ? 2669 G   A C5     1 
ATOM   804  C C6     . G   A 1 23 ? -1.454  -6.118  5.300   1.00   9.99  ? 2669 G   A C6     1 
ATOM   805  O O6     . G   A 1 23 ? -1.069  -6.333  4.139   1.00   11.26 ? 2669 G   A O6     1 
ATOM   806  N N1     . G   A 1 23 ? -2.750  -5.658  5.539   1.00   9.94  ? 2669 G   A N1     1 
ATOM   807  C C2     . G   A 1 23 ? -3.274  -5.354  6.753   1.00   9.42  ? 2669 G   A C2     1 
ATOM   808  N N2     . G   A 1 23 ? -4.555  -4.951  6.772   1.00   10.02 ? 2669 G   A N2     1 
ATOM   809  N N3     . G   A 1 23 ? -2.585  -5.441  7.875   1.00   9.97  ? 2669 G   A N3     1 
ATOM   810  C C4     . G   A 1 23 ? -1.328  -5.894  7.686   1.00   10.42 ? 2669 G   A C4     1 
ATOM   811  H "H5'"  . G   A 1 23 ? 2.583   -6.870  12.304  1.00   19.77 ? 2669 G   A "H5'"  1 
ATOM   812  H "H5''" . G   A 1 23 ? 1.832   -8.230  12.610  1.00   19.77 ? 2669 G   A "H5''" 1 
ATOM   813  H "H4'"  . G   A 1 23 ? 0.395   -6.340  12.636  1.00   16.56 ? 2669 G   A "H4'"  1 
ATOM   814  H "H3'"  . G   A 1 23 ? -0.312  -8.291  10.731  1.00   16.63 ? 2669 G   A "H3'"  1 
ATOM   815  H "H2'"  . G   A 1 23 ? -2.211  -7.026  10.283  1.00   14.34 ? 2669 G   A "H2'"  1 
ATOM   816  H "HO2'" . G   A 1 23 ? -2.134  -6.260  12.591  1.00   14.70 ? 2669 G   A "HO2'" 1 
ATOM   817  H "H1'"  . G   A 1 23 ? -0.871  -4.848  10.139  1.00   13.63 ? 2669 G   A "H1'"  1 
ATOM   818  H H8     . G   A 1 23 ? 1.544   -6.743  8.493   1.00   13.28 ? 2669 G   A H8     1 
ATOM   819  H H1     . G   A 1 23 ? -3.267  -5.577  4.858   1.00   11.93 ? 2669 G   A H1     1 
ATOM   820  H H21    . G   A 1 23 ? -4.999  -4.897  6.038   1.00   12.02 ? 2669 G   A H21    1 
ATOM   821  H H22    . G   A 1 23 ? -4.931  -4.748  7.518   1.00   12.02 ? 2669 G   A H22    1 
ATOM   822  P P      . A   A 1 24 ? -1.481  -9.915  12.391  1.00   18.78 ? 2670 A   A P      1 
ATOM   823  O OP1    . A   A 1 24 ? -1.632  -10.380 13.796  1.00   20.40 ? 2670 A   A OP1    1 
ATOM   824  O OP2    . A   A 1 24 ? -0.571  -10.610 11.456  1.00   21.36 ? 2670 A   A OP2    1 
ATOM   825  O "O5'"  . A   A 1 24 ? -2.899  -9.890  11.692  1.00   17.05 ? 2670 A   A "O5'"  1 
ATOM   826  C "C5'"  . A   A 1 24 ? -4.001  -9.344  12.375  1.00   15.30 ? 2670 A   A "C5'"  1 
ATOM   827  C "C4'"  . A   A 1 24 ? -5.129  -9.058  11.430  1.00   14.19 ? 2670 A   A "C4'"  1 
ATOM   828  O "O4'"  . A   A 1 24 ? -4.729  -8.055  10.468  1.00   13.50 ? 2670 A   A "O4'"  1 
ATOM   829  C "C3'"  . A   A 1 24 ? -5.615  -10.191 10.557  1.00   15.66 ? 2670 A   A "C3'"  1 
ATOM   830  O "O3'"  . A   A 1 24 ? -6.445  -11.085 11.250  1.00   20.03 ? 2670 A   A "O3'"  1 
ATOM   831  C "C2'"  . A   A 1 24 ? -6.361  -9.434  9.483   1.00   14.79 ? 2670 A   A "C2'"  1 
ATOM   832  O "O2'"  . A   A 1 24 ? -7.566  -8.910  10.020  1.00   15.81 ? 2670 A   A "O2'"  1 
ATOM   833  C "C1'"  . A   A 1 24 ? -5.402  -8.283  9.247   1.00   13.72 ? 2670 A   A "C1'"  1 
ATOM   834  N N9     . A   A 1 24 ? -4.401  -8.612  8.219   1.00   12.06 ? 2670 A   A N9     1 
ATOM   835  C C8     . A   A 1 24 ? -3.115  -9.037  8.397   1.00   11.93 ? 2670 A   A C8     1 
ATOM   836  N N7     . A   A 1 24 ? -2.485  -9.201  7.260   1.00   11.93 ? 2670 A   A N7     1 
ATOM   837  C C5     . A   A 1 24 ? -3.415  -8.885  6.278   1.00   11.54 ? 2670 A   A C5     1 
ATOM   838  C C6     . A   A 1 24 ? -3.363  -8.865  4.876   1.00   11.34 ? 2670 A   A C6     1 
ATOM   839  N N6     . A   A 1 24 ? -2.291  -9.189  4.174   1.00   11.90 ? 2670 A   A N6     1 
ATOM   840  N N1     . A   A 1 24 ? -4.480  -8.503  4.207   1.00   11.68 ? 2670 A   A N1     1 
ATOM   841  C C2     . A   A 1 24 ? -5.557  -8.169  4.932   1.00   11.87 ? 2670 A   A C2     1 
ATOM   842  N N3     . A   A 1 24 ? -5.719  -8.155  6.247   1.00   11.90 ? 2670 A   A N3     1 
ATOM   843  C C4     . A   A 1 24 ? -4.597  -8.516  6.865   1.00   11.60 ? 2670 A   A C4     1 
ATOM   844  H "H5'"  . A   A 1 24 ? -3.730  -8.519  12.807  1.00   18.36 ? 2670 A   A "H5'"  1 
ATOM   845  H "H5''" . A   A 1 24 ? -4.301  -9.973  13.049  1.00   18.36 ? 2670 A   A "H5''" 1 
ATOM   846  H "H4'"  . A   A 1 24 ? -5.881  -8.715  11.941  1.00   17.02 ? 2670 A   A "H4'"  1 
ATOM   847  H "H3'"  . A   A 1 24 ? -4.861  -10.662 10.170  1.00   18.79 ? 2670 A   A "H3'"  1 
ATOM   848  H "H2'"  . A   A 1 24 ? -6.504  -9.966  8.684   1.00   17.75 ? 2670 A   A "H2'"  1 
ATOM   849  H "HO2'" . A   A 1 24 ? -8.103  -9.542  10.153  1.00   18.97 ? 2670 A   A "HO2'" 1 
ATOM   850  H "H1'"  . A   A 1 24 ? -5.896  -7.489  8.988   1.00   16.47 ? 2670 A   A "H1'"  1 
ATOM   851  H H8     . A   A 1 24 ? -2.722  -9.164  9.230   1.00   14.31 ? 2670 A   A H8     1 
ATOM   852  H H61    . A   A 1 24 ? -2.317  -9.165  3.314   1.00   14.28 ? 2670 A   A H61    1 
ATOM   853  H H62    . A   A 1 24 ? -1.568  -9.423  4.576   1.00   14.28 ? 2670 A   A H62    1 
ATOM   854  H H2     . A   A 1 24 ? -6.305  -7.919  4.439   1.00   14.25 ? 2670 A   A H2     1 
ATOM   855  P P      . G   A 1 25 ? -6.582  -12.606 10.762  1.00   25.70 ? 2671 G   A P      1 
ATOM   856  O OP1    . G   A 1 25 ? -7.396  -13.235 11.826  1.00   27.31 ? 2671 G   A OP1    1 
ATOM   857  O OP2    . G   A 1 25 ? -5.228  -13.121 10.440  1.00   27.37 ? 2671 G   A OP2    1 
ATOM   858  O "O5'"  . G   A 1 25 ? -7.367  -12.546 9.366   1.00   26.17 ? 2671 G   A "O5'"  1 
ATOM   859  C "C5'"  . G   A 1 25 ? -8.748  -12.225 9.287   1.00   26.24 ? 2671 G   A "C5'"  1 
ATOM   860  C "C4'"  . G   A 1 25 ? -9.210  -11.998 7.860   1.00   25.41 ? 2671 G   A "C4'"  1 
ATOM   861  O "O4'"  . G   A 1 25 ? -8.378  -11.017 7.207   1.00   25.80 ? 2671 G   A "O4'"  1 
ATOM   862  C "C3'"  . G   A 1 25 ? -9.173  -13.166 6.891   1.00   23.86 ? 2671 G   A "C3'"  1 
ATOM   863  O "O3'"  . G   A 1 25 ? -10.232 -14.072 7.100   1.00   23.63 ? 2671 G   A "O3'"  1 
ATOM   864  C "C2'"  . G   A 1 25 ? -9.262  -12.453 5.555   1.00   24.79 ? 2671 G   A "C2'"  1 
ATOM   865  O "O2'"  . G   A 1 25 ? -10.578 -11.965 5.331   1.00   25.77 ? 2671 G   A "O2'"  1 
ATOM   866  C "C1'"  . G   A 1 25 ? -8.367  -11.262 5.814   1.00   25.63 ? 2671 G   A "C1'"  1 
ATOM   867  N N9     . G   A 1 25 ? -6.988  -11.500 5.372   1.00   26.06 ? 2671 G   A N9     1 
ATOM   868  C C8     . G   A 1 25 ? -5.873  -11.751 6.125   1.00   26.78 ? 2671 G   A C8     1 
ATOM   869  N N7     . G   A 1 25 ? -4.800  -11.882 5.394   1.00   27.87 ? 2671 G   A N7     1 
ATOM   870  C C5     . G   A 1 25 ? -5.245  -11.712 4.093   1.00   27.69 ? 2671 G   A C5     1 
ATOM   871  C C6     . G   A 1 25 ? -4.532  -11.730 2.873   1.00   28.06 ? 2671 G   A C6     1 
ATOM   872  O O6     . G   A 1 25 ? -3.324  -11.918 2.718   1.00   29.02 ? 2671 G   A O6     1 
ATOM   873  N N1     . G   A 1 25 ? -5.376  -11.512 1.793   1.00   26.97 ? 2671 G   A N1     1 
ATOM   874  C C2     . G   A 1 25 ? -6.728  -11.308 1.872   1.00   27.09 ? 2671 G   A C2     1 
ATOM   875  N N2     . G   A 1 25 ? -7.368  -11.139 0.707   1.00   28.23 ? 2671 G   A N2     1 
ATOM   876  N N3     . G   A 1 25 ? -7.409  -11.274 3.014   1.00   26.53 ? 2671 G   A N3     1 
ATOM   877  C C4     . G   A 1 25 ? -6.593  -11.479 4.062   1.00   26.58 ? 2671 G   A C4     1 
ATOM   878  H "H5'"  . G   A 1 25 ? -8.913  -11.419 9.800   1.00   31.49 ? 2671 G   A "H5'"  1 
ATOM   879  H "H5''" . G   A 1 25 ? -9.261  -12.953 9.671   1.00   31.49 ? 2671 G   A "H5''" 1 
ATOM   880  H "H4'"  . G   A 1 25 ? -10.117 -11.657 7.887   1.00   30.49 ? 2671 G   A "H4'"  1 
ATOM   881  H "H3'"  . G   A 1 25 ? -8.322  -13.628 6.963   1.00   28.64 ? 2671 G   A "H3'"  1 
ATOM   882  H "H2'"  . G   A 1 25 ? -8.938  -13.000 4.822   1.00   29.75 ? 2671 G   A "H2'"  1 
ATOM   883  H "HO2'" . G   A 1 25 ? -11.113 -12.386 5.823   1.00   30.93 ? 2671 G   A "HO2'" 1 
ATOM   884  H "H1'"  . G   A 1 25 ? -8.722  -10.487 5.350   1.00   30.75 ? 2671 G   A "H1'"  1 
ATOM   885  H H8     . G   A 1 25 ? -5.875  -11.796 7.053   1.00   32.14 ? 2671 G   A H8     1 
ATOM   886  H H1     . G   A 1 25 ? -5.025  -11.534 1.007   1.00   32.37 ? 2671 G   A H1     1 
ATOM   887  H H21    . G   A 1 25 ? -6.930  -11.160 -0.032  1.00   33.88 ? 2671 G   A H21    1 
ATOM   888  H H22    . G   A 1 25 ? -8.219  -11.011 0.698   1.00   33.88 ? 2671 G   A H22    1 
ATOM   889  P P      . U   A 1 26 ? -10.067 -15.635 6.765   1.00   23.34 ? 2672 U   A P      1 
ATOM   890  O OP1    . U   A 1 26 ? -11.362 -16.195 7.161   1.00   25.23 ? 2672 U   A OP1    1 
ATOM   891  O OP2    . U   A 1 26 ? -8.796  -16.132 7.347   1.00   23.61 ? 2672 U   A OP2    1 
ATOM   892  O "O5'"  . U   A 1 26 ? -9.912  -15.739 5.184   1.00   22.16 ? 2672 U   A "O5'"  1 
ATOM   893  C "C5'"  . U   A 1 26 ? -10.971 -15.401 4.305   1.00   22.86 ? 2672 U   A "C5'"  1 
ATOM   894  C "C4'"  . U   A 1 26 ? -10.466 -15.302 2.893   1.00   22.56 ? 2672 U   A "C4'"  1 
ATOM   895  O "O4'"  . U   A 1 26 ? -9.448  -14.276 2.821   1.00   21.92 ? 2672 U   A "O4'"  1 
ATOM   896  C "C3'"  . U   A 1 26 ? -9.766  -16.537 2.352   1.00   21.88 ? 2672 U   A "C3'"  1 
ATOM   897  O "O3'"  . U   A 1 26 ? -10.664 -17.526 1.923   1.00   22.41 ? 2672 U   A "O3'"  1 
ATOM   898  C "C2'"  . U   A 1 26 ? -8.916  -15.959 1.236   1.00   22.44 ? 2672 U   A "C2'"  1 
ATOM   899  O "O2'"  . U   A 1 26 ? -9.710  -15.673 0.095   1.00   23.46 ? 2672 U   A "O2'"  1 
ATOM   900  C "C1'"  . U   A 1 26 ? -8.470  -14.645 1.867   1.00   21.95 ? 2672 U   A "C1'"  1 
ATOM   901  N N1     . U   A 1 26 ? -7.169  -14.788 2.546   1.00   21.13 ? 2672 U   A N1     1 
ATOM   902  C C2     . U   A 1 26 ? -6.071  -14.731 1.713   1.00   20.95 ? 2672 U   A C2     1 
ATOM   903  O O2     . U   A 1 26 ? -6.173  -14.573 0.507   1.00   21.54 ? 2672 U   A O2     1 
ATOM   904  N N3     . U   A 1 26 ? -4.868  -14.847 2.345   1.00   21.79 ? 2672 U   A N3     1 
ATOM   905  C C4     . U   A 1 26 ? -4.655  -15.036 3.698   1.00   23.14 ? 2672 U   A C4     1 
ATOM   906  O O4     . U   A 1 26 ? -3.492  -15.131 4.112   1.00   23.92 ? 2672 U   A O4     1 
ATOM   907  C C5     . U   A 1 26 ? -5.850  -15.101 4.497   1.00   22.94 ? 2672 U   A C5     1 
ATOM   908  C C6     . U   A 1 26 ? -7.040  -14.976 3.900   1.00   21.71 ? 2672 U   A C6     1 
ATOM   909  H "H5'"  . U   A 1 26 ? -11.349 -14.549 4.571   1.00   27.44 ? 2672 U   A "H5'"  1 
ATOM   910  H "H5''" . U   A 1 26 ? -11.657 -16.085 4.352   1.00   27.44 ? 2672 U   A "H5''" 1 
ATOM   911  H "H4'"  . U   A 1 26 ? -11.201 -15.067 2.306   1.00   27.07 ? 2672 U   A "H4'"  1 
ATOM   912  H "H3'"  . U   A 1 26 ? -9.187  -16.904 3.039   1.00   26.26 ? 2672 U   A "H3'"  1 
ATOM   913  H "H2'"  . U   A 1 26 ? -8.162  -16.531 1.023   1.00   26.93 ? 2672 U   A "H2'"  1 
ATOM   914  H "HO2'" . U   A 1 26 ? -9.769  -14.840 0.004   1.00   28.16 ? 2672 U   A "HO2'" 1 
ATOM   915  H "H1'"  . U   A 1 26 ? -8.408  -13.960 1.184   1.00   26.33 ? 2672 U   A "H1'"  1 
ATOM   916  H H3     . U   A 1 26 ? -4.168  -14.816 1.846   1.00   26.14 ? 2672 U   A H3     1 
ATOM   917  H H5     . U   A 1 26 ? -5.793  -15.216 5.418   1.00   27.52 ? 2672 U   A H5     1 
ATOM   918  H H6     . U   A 1 26 ? -7.809  -15.010 4.423   1.00   26.05 ? 2672 U   A H6     1 
ATOM   919  P P      . G   A 1 27 ? -10.213 -19.069 1.907   1.00   21.38 ? 2673 G   A P      1 
ATOM   920  O OP1    . G   A 1 27 ? -11.447 -19.812 1.533   1.00   23.09 ? 2673 G   A OP1    1 
ATOM   921  O OP2    . G   A 1 27 ? -9.449  -19.431 3.121   1.00   21.61 ? 2673 G   A OP2    1 
ATOM   922  O "O5'"  . G   A 1 27 ? -9.159  -19.175 0.732   1.00   19.69 ? 2673 G   A "O5'"  1 
ATOM   923  C "C5'"  . G   A 1 27 ? -9.599  -19.040 -0.593  1.00   18.16 ? 2673 G   A "C5'"  1 
ATOM   924  C "C4'"  . G   A 1 27 ? -8.451  -19.104 -1.547  1.00   16.75 ? 2673 G   A "C4'"  1 
ATOM   925  O "O4'"  . G   A 1 27 ? -7.573  -17.985 -1.324  1.00   15.54 ? 2673 G   A "O4'"  1 
ATOM   926  C "C3'"  . G   A 1 27 ? -7.523  -20.298 -1.447  1.00   17.39 ? 2673 G   A "C3'"  1 
ATOM   927  O "O3'"  . G   A 1 27 ? -8.084  -21.477 -1.983  1.00   20.01 ? 2673 G   A "O3'"  1 
ATOM   928  C "C2'"  . G   A 1 27 ? -6.299  -19.795 -2.196  1.00   16.71 ? 2673 G   A "C2'"  1 
ATOM   929  O "O2'"  . G   A 1 27 ? -6.490  -19.892 -3.604  1.00   17.63 ? 2673 G   A "O2'"  1 
ATOM   930  C "C1'"  . G   A 1 27 ? -6.277  -18.319 -1.756  1.00   15.54 ? 2673 G   A "C1'"  1 
ATOM   931  N N9     . G   A 1 27 ? -5.352  -18.115 -0.635  1.00   13.95 ? 2673 G   A N9     1 
ATOM   932  C C8     . G   A 1 27 ? -5.621  -18.182 0.704   1.00   13.51 ? 2673 G   A C8     1 
ATOM   933  N N7     . G   A 1 27 ? -4.541  -17.995 1.433   1.00   13.88 ? 2673 G   A N7     1 
ATOM   934  C C5     . G   A 1 27 ? -3.521  -17.829 0.497   1.00   14.09 ? 2673 G   A C5     1 
ATOM   935  C C6     . G   A 1 27 ? -2.138  -17.632 0.681   1.00   14.66 ? 2673 G   A C6     1 
ATOM   936  O O6     . G   A 1 27 ? -1.544  -17.566 1.758   1.00   15.35 ? 2673 G   A O6     1 
ATOM   937  N N1     . G   A 1 27 ? -1.459  -17.538 -0.540  1.00   14.36 ? 2673 G   A N1     1 
ATOM   938  C C2     . G   A 1 27 ? -2.072  -17.639 -1.776  1.00   14.20 ? 2673 G   A C2     1 
ATOM   939  N N2     . G   A 1 27 ? -1.278  -17.505 -2.861  1.00   14.35 ? 2673 G   A N2     1 
ATOM   940  N N3     . G   A 1 27 ? -3.372  -17.803 -1.952  1.00   14.19 ? 2673 G   A N3     1 
ATOM   941  C C4     . G   A 1 27 ? -4.014  -17.919 -0.781  1.00   13.81 ? 2673 G   A C4     1 
ATOM   942  H "H5'"  . G   A 1 27 ? -10.049 -18.187 -0.693  1.00   21.80 ? 2673 G   A "H5'"  1 
ATOM   943  H "H5''" . G   A 1 27 ? -10.223 -19.754 -0.796  1.00   21.80 ? 2673 G   A "H5''" 1 
ATOM   944  H "H4'"  . G   A 1 27 ? -8.796  -19.054 -2.453  1.00   20.10 ? 2673 G   A "H4'"  1 
ATOM   945  H "H3'"  . G   A 1 27 ? -7.290  -20.445 -0.518  1.00   20.87 ? 2673 G   A "H3'"  1 
ATOM   946  H "HO3'" . G   A 1 27 ? -7.706  -21.869 -2.621  1.00   24.01 ? 2673 G   A "HO3'" 1 
ATOM   947  H "H2'"  . G   A 1 27 ? -5.496  -20.260 -1.911  1.00   20.06 ? 2673 G   A "H2'"  1 
ATOM   948  H "HO2'" . G   A 1 27 ? -7.266  -20.171 -3.757  1.00   21.15 ? 2673 G   A "HO2'" 1 
ATOM   949  H "H1'"  . G   A 1 27 ? -6.022  -17.754 -2.502  1.00   18.65 ? 2673 G   A "H1'"  1 
ATOM   950  H H8     . G   A 1 27 ? -6.471  -18.306 1.058   1.00   16.21 ? 2673 G   A H8     1 
ATOM   951  H H1     . G   A 1 27 ? -0.611  -17.399 -0.521  1.00   17.23 ? 2673 G   A H1     1 
ATOM   952  H H21    . G   A 1 27 ? -0.430  -17.398 -2.763  1.00   17.21 ? 2673 G   A H21    1 
ATOM   953  H H22    . G   A 1 27 ? -1.620  -17.526 -3.650  1.00   17.21 ? 2673 G   A H22    1 
HETATM 954  C C1     . GOL B 2 .  ? 3.554   3.898   8.387   0.62   18.76 ? 2701 GOL A C1     1 
HETATM 955  O O1     . GOL B 2 .  ? 4.096   3.077   9.408   0.74   19.47 ? 2701 GOL A O1     1 
HETATM 956  C C2     . GOL B 2 .  ? 2.760   5.069   8.961   0.62   17.79 ? 2701 GOL A C2     1 
HETATM 957  O O2     . GOL B 2 .  ? 1.661   4.590   9.742   0.89   16.65 ? 2701 GOL A O2     1 
HETATM 958  C C3     . GOL B 2 .  ? 2.295   5.945   7.786   0.83   18.02 ? 2701 GOL A C3     1 
HETATM 959  O O3     . GOL B 2 .  ? 1.762   7.171   8.245   0.63   17.47 ? 2701 GOL A O3     1 
HETATM 960  S S      . SO4 C 3 .  ? 6.685   3.940   9.332   0.58   30.32 ? 2702 SO4 A S      1 
HETATM 961  O O1     . SO4 C 3 .  ? 8.083   4.015   9.745   0.58   32.31 ? 2702 SO4 A O1     1 
HETATM 962  O O2     . SO4 C 3 .  ? 6.022   2.914   10.129  0.58   31.44 ? 2702 SO4 A O2     1 
HETATM 963  O O3     . SO4 C 3 .  ? 6.033   5.237   9.526   0.58   29.79 ? 2702 SO4 A O3     1 
HETATM 964  O O4     . SO4 C 3 .  ? 6.637   3.556   7.927   0.58   28.94 ? 2702 SO4 A O4     1 
HETATM 965  O O      . HOH D 4 .  ? 2.263   11.237  -14.341 1.00   11.81 ? 2801 HOH A O      1 
HETATM 966  O O      . HOH D 4 .  ? 1.368   -0.983  3.298   1.00   11.00 ? 2802 HOH A O      1 
HETATM 967  O O      . HOH D 4 .  ? 4.481   19.428  -12.451 1.00   11.44 ? 2803 HOH A O      1 
HETATM 968  O O      . HOH D 4 .  ? 0.637   16.463  -4.647  1.00   13.06 ? 2804 HOH A O      1 
HETATM 969  O O      . HOH D 4 .  ? -6.310  -4.571  9.149   1.00   12.85 ? 2805 HOH A O      1 
HETATM 970  O O      . HOH D 4 .  ? 2.216   2.616   5.372   1.00   12.53 ? 2806 HOH A O      1 
HETATM 971  O O      . HOH D 4 .  ? 14.125  12.197  0.214   1.00   13.64 ? 2807 HOH A O      1 
HETATM 972  O O      . HOH D 4 .  ? 2.778   -1.256  10.608  1.00   14.95 ? 2808 HOH A O      1 
HETATM 973  O O      . HOH D 4 .  ? -4.164  5.956   0.441   1.00   16.53 ? 2809 HOH A O      1 
HETATM 974  O O      . HOH D 4 .  ? -0.335  14.149  -3.328  1.00   16.09 ? 2810 HOH A O      1 
HETATM 975  O O      . HOH D 4 .  ? 9.413   17.216  -0.811  1.00   16.83 ? 2811 HOH A O      1 
HETATM 976  O O      . HOH D 4 .  ? 3.699   -5.475  3.322   1.00   15.43 ? 2812 HOH A O      1 
HETATM 977  O O      . HOH D 4 .  ? -8.369  -7.130  6.319   1.00   16.39 ? 2813 HOH A O      1 
HETATM 978  O O      . HOH D 4 .  ? 1.554   13.346  1.576   1.00   18.22 ? 2814 HOH A O      1 
HETATM 979  O O      . HOH D 4 .  ? -12.083 -3.298  -3.244  1.00   20.03 ? 2815 HOH A O      1 
HETATM 980  O O      . HOH D 4 .  ? -0.507  0.148   -0.202  1.00   17.86 ? 2816 HOH A O      1 
HETATM 981  O O      . HOH D 4 .  ? 2.242   -7.870  4.899   1.00   19.87 ? 2817 HOH A O      1 
HETATM 982  O O      . HOH D 4 .  ? 6.749   17.815  -1.471  1.00   18.19 ? 2818 HOH A O      1 
HETATM 983  O O      . HOH D 4 .  ? -1.968  -1.992  0.722   1.00   16.43 ? 2819 HOH A O      1 
HETATM 984  O O      . HOH D 4 .  ? -9.015  -8.081  3.762   1.00   19.19 ? 2820 HOH A O      1 
HETATM 985  O O      . HOH D 4 .  ? 9.192   -2.647  9.955   1.00   22.75 ? 2821 HOH A O      1 
HETATM 986  O O      . HOH D 4 .  ? 1.066   -5.626  2.400   1.00   16.02 ? 2822 HOH A O      1 
HETATM 987  O O      . HOH D 4 .  ? 0.073   -7.859  0.918   1.00   17.66 ? 2823 HOH A O      1 
HETATM 988  O O      . HOH D 4 .  ? -8.722  0.251   10.139  1.00   23.61 ? 2824 HOH A O      1 
HETATM 989  O O      . HOH D 4 .  ? 11.541  -5.918  7.318   1.00   23.49 ? 2825 HOH A O      1 
HETATM 990  O O      . HOH D 4 .  ? -4.814  -18.614 4.143   1.00   23.25 ? 2826 HOH A O      1 
HETATM 991  O O      . HOH D 4 .  ? 1.202   -17.181 -0.906  1.00   19.35 ? 2827 HOH A O      1 
HETATM 992  O O      . HOH D 4 .  ? 6.718   5.843   -3.039  1.00   19.89 ? 2828 HOH A O      1 
HETATM 993  O O      . HOH D 4 .  ? 9.070   9.546   -3.667  1.00   21.15 ? 2829 HOH A O      1 
HETATM 994  O O      . HOH D 4 .  ? -8.987  3.766   4.358   1.00   20.90 ? 2830 HOH A O      1 
HETATM 995  O O      . HOH D 4 .  ? -3.802  1.366   0.732   1.00   18.80 ? 2831 HOH A O      1 
HETATM 996  O O      . HOH D 4 .  ? 10.137  9.311   5.605   1.00   23.47 ? 2832 HOH A O      1 
HETATM 997  O O      . HOH D 4 .  ? 7.514   9.427   -7.032  1.00   22.14 ? 2833 HOH A O      1 
HETATM 998  O O      . HOH D 4 .  ? 9.748   12.279  -7.379  1.00   24.16 ? 2834 HOH A O      1 
HETATM 999  O O      . HOH D 4 .  ? 4.155   -0.349  -4.493  1.00   27.44 ? 2835 HOH A O      1 
HETATM 1000 O O      . HOH D 4 .  ? 0.971   7.537   10.881  1.00   28.81 ? 2836 HOH A O      1 
HETATM 1001 O O      . HOH D 4 .  ? 0.621   -3.174  1.142   1.00   18.61 ? 2837 HOH A O      1 
HETATM 1002 O O      . HOH D 4 .  ? 3.722   -4.409  -0.517  1.00   22.11 ? 2838 HOH A O      1 
HETATM 1003 O O      . HOH D 4 .  ? 5.321   15.886  0.669   1.00   24.38 ? 2839 HOH A O      1 
HETATM 1004 O O      . HOH D 4 .  ? -12.299 -0.410  0.089   1.00   26.03 ? 2840 HOH A O      1 
HETATM 1005 O O      . HOH D 4 .  ? -9.183  -3.049  -5.910  1.00   25.32 ? 2841 HOH A O      1 
HETATM 1006 O O      . HOH D 4 .  ? -10.295 1.609   8.364   1.00   23.05 ? 2842 HOH A O      1 
HETATM 1007 O O      . HOH D 4 .  ? 11.079  15.394  -8.139  1.00   19.44 ? 2843 HOH A O      1 
HETATM 1008 O O      . HOH D 4 .  ? 12.331  20.609  -6.512  1.00   24.31 ? 2844 HOH A O      1 
HETATM 1009 O O      . HOH D 4 .  ? 9.379   10.786  -9.991  1.00   26.52 ? 2845 HOH A O      1 
HETATM 1010 O O      . HOH D 4 .  ? -1.276  -5.084  -0.827  1.00   23.88 ? 2846 HOH A O      1 
HETATM 1011 O O      . HOH D 4 .  ? -8.510  3.342   10.609  1.00   27.17 ? 2847 HOH A O      1 
HETATM 1012 O O      . HOH D 4 .  ? -3.599  8.400   -11.015 1.00   32.41 ? 2848 HOH A O      1 
HETATM 1013 O O      . HOH D 4 .  ? -4.184  -18.686 -4.363  1.00   31.99 ? 2849 HOH A O      1 
HETATM 1014 O O      A HOH D 4 .  ? 5.155   8.881   -8.554  0.54   20.11 ? 2850 HOH A O      1 
HETATM 1015 O O      B HOH D 4 .  ? 4.506   7.050   -8.829  0.46   20.32 ? 2850 HOH A O      1 
HETATM 1016 O O      . HOH D 4 .  ? 4.606   14.625  3.096   1.00   21.73 ? 2851 HOH A O      1 
HETATM 1017 O O      . HOH D 4 .  ? -12.236 1.179   3.627   1.00   27.07 ? 2852 HOH A O      1 
HETATM 1018 O O      . HOH D 4 .  ? -0.009  3.270   -9.649  1.00   30.16 ? 2853 HOH A O      1 
HETATM 1019 O O      . HOH D 4 .  ? 6.638   -1.396  10.701  1.00   26.69 ? 2854 HOH A O      1 
HETATM 1020 O O      . HOH D 4 .  ? -9.473  -10.332 -3.172  1.00   26.02 ? 2855 HOH A O      1 
HETATM 1021 O O      . HOH D 4 .  ? -5.403  -0.826  0.886   1.00   20.78 ? 2856 HOH A O      1 
HETATM 1022 O O      . HOH D 4 .  ? 5.480   6.184   6.728   1.00   31.14 ? 2857 HOH A O      1 
HETATM 1023 O O      . HOH D 4 .  ? 7.695   -10.085 8.688   1.00   30.24 ? 2858 HOH A O      1 
HETATM 1024 O O      . HOH D 4 .  ? -6.559  5.164   1.887   1.00   23.85 ? 2859 HOH A O      1 
HETATM 1025 O O      . HOH D 4 .  ? 7.984   5.099   5.484   1.00   27.99 ? 2860 HOH A O      1 
HETATM 1026 O O      . HOH D 4 .  ? -2.739  9.988   -7.425  1.00   25.58 ? 2861 HOH A O      1 
HETATM 1027 O O      . HOH D 4 .  ? -1.888  18.682  -6.100  1.00   29.34 ? 2862 HOH A O      1 
HETATM 1028 O O      . HOH D 4 .  ? -4.811  11.067  5.624   1.00   25.02 ? 2863 HOH A O      1 
HETATM 1029 O O      . HOH D 4 .  ? -4.940  4.741   -2.007  1.00   26.86 ? 2864 HOH A O      1 
HETATM 1030 O O      . HOH D 4 .  ? -4.090  -4.436  -2.572  1.00   28.31 ? 2865 HOH A O      1 
HETATM 1031 O O      . HOH D 4 .  ? -5.324  -1.241  -1.578  1.00   31.68 ? 2866 HOH A O      1 
HETATM 1032 O O      . HOH D 4 .  ? -10.785 1.148   -1.260  1.00   37.26 ? 2867 HOH A O      1 
HETATM 1033 O O      . HOH D 4 .  ? 8.249   -18.710 -6.546  1.00   29.37 ? 2868 HOH A O      1 
HETATM 1034 O O      . HOH D 4 .  ? 8.600   1.468   7.853   1.00   28.35 ? 2869 HOH A O      1 
HETATM 1035 O O      . HOH D 4 .  ? -3.964  11.937  -5.213  1.00   30.94 ? 2870 HOH A O      1 
HETATM 1036 O O      . HOH D 4 .  ? 4.597   -8.614  6.195   1.00   28.19 ? 2871 HOH A O      1 
HETATM 1037 O O      . HOH D 4 .  ? 7.810   15.327  1.943   1.00   27.03 ? 2872 HOH A O      1 
HETATM 1038 O O      . HOH D 4 .  ? -5.316  14.579  1.556   1.00   31.24 ? 2873 HOH A O      1 
HETATM 1039 O O      . HOH D 4 .  ? -3.299  12.415  -8.481  1.00   26.73 ? 2874 HOH A O      1 
HETATM 1040 O O      . HOH D 4 .  ? -9.534  -7.955  8.556   1.00   26.39 ? 2875 HOH A O      1 
HETATM 1041 O O      . HOH D 4 .  ? -2.811  5.814   -11.835 1.00   24.22 ? 2876 HOH A O      1 
HETATM 1042 O O      . HOH D 4 .  ? -8.307  -15.060 -2.122  1.00   33.64 ? 2877 HOH A O      1 
HETATM 1043 O O      . HOH D 4 .  ? -7.231  6.926   8.085   1.00   33.13 ? 2878 HOH A O      1 
HETATM 1044 O O      . HOH D 4 .  ? -1.381  -7.184  -2.837  1.00   26.35 ? 2879 HOH A O      1 
HETATM 1045 O O      . HOH D 4 .  ? -2.706  1.426   -1.785  1.00   29.94 ? 2880 HOH A O      1 
HETATM 1046 O O      . HOH D 4 .  ? -5.287  12.737  -11.921 1.00   26.71 ? 2881 HOH A O      1 
HETATM 1047 O O      . HOH D 4 .  ? -7.477  -18.351 4.674   1.00   35.59 ? 2882 HOH A O      1 
HETATM 1048 O O      . HOH D 4 .  ? -2.625  15.386  -8.613  1.00   31.43 ? 2883 HOH A O      1 
HETATM 1049 O O      . HOH D 4 .  ? -3.738  6.186   -7.964  1.00   33.57 ? 2884 HOH A O      1 
HETATM 1050 O O      . HOH D 4 .  ? 7.264   -23.214 1.253   1.00   23.95 ? 2885 HOH A O      1 
HETATM 1051 O O      . HOH D 4 .  ? -10.206 3.048   1.037   1.00   32.79 ? 2886 HOH A O      1 
HETATM 1052 O O      . HOH D 4 .  ? 11.437  15.999  2.703   1.00   28.22 ? 2887 HOH A O      1 
HETATM 1053 O O      . HOH D 4 .  ? -3.236  3.099   -3.397  1.00   35.17 ? 2888 HOH A O      1 
HETATM 1054 O O      . HOH D 4 .  ? -8.109  1.124   -0.833  1.00   35.44 ? 2889 HOH A O      1 
HETATM 1055 O O      . HOH D 4 .  ? 8.657   24.058  -5.569  1.00   33.79 ? 2890 HOH A O      1 
HETATM 1056 O O      . HOH D 4 .  ? 6.819   -12.522 -6.659  1.00   35.61 ? 2891 HOH A O      1 
HETATM 1057 O O      . HOH D 4 .  ? 0.453   -9.286  -11.178 1.00   32.54 ? 2892 HOH A O      1 
HETATM 1058 O O      . HOH D 4 .  ? 5.165   -4.880  -2.897  1.00   35.12 ? 2893 HOH A O      1 
HETATM 1059 O O      . HOH D 4 .  ? 0.565   16.573  -1.043  1.00   37.45 ? 2894 HOH A O      1 
HETATM 1060 O O      . HOH D 4 .  ? 1.380   -0.257  -4.736  1.00   32.31 ? 2895 HOH A O      1 
HETATM 1061 O O      . HOH D 4 .  ? 7.731   0.797   -3.031  1.00   26.54 ? 2896 HOH A O      1 
HETATM 1062 O O      . HOH D 4 .  ? 9.702   -18.275 -8.704  1.00   24.01 ? 2897 HOH A O      1 
HETATM 1063 O O      . HOH D 4 .  ? 0.204   19.184  -4.046  1.00   34.87 ? 2898 HOH A O      1 
HETATM 1064 O O      . HOH D 4 .  ? 4.699   -2.277  12.981  1.00   33.01 ? 2899 HOH A O      1 
HETATM 1065 O O      . HOH D 4 .  ? -3.266  -12.405 14.652  1.00   34.63 ? 2900 HOH A O      1 
HETATM 1066 O O      . HOH D 4 .  ? 2.327   15.856  0.779   1.00   33.40 ? 2901 HOH A O      1 
HETATM 1067 O O      . HOH D 4 .  ? 11.082  23.144  -5.550  1.00   38.63 ? 2902 HOH A O      1 
HETATM 1068 O O      . HOH D 4 .  ? -6.118  2.810   1.275   1.00   34.23 ? 2903 HOH A O      1 
HETATM 1069 O O      . HOH D 4 .  ? 9.785   -3.739  -1.437  1.00   38.23 ? 2904 HOH A O      1 
HETATM 1070 O O      . HOH D 4 .  ? -5.517  -6.889  -10.415 1.00   41.22 ? 2905 HOH A O      1 
HETATM 1071 O O      . HOH D 4 .  ? 6.749   20.566  -0.696  1.00   34.70 ? 2906 HOH A O      1 
HETATM 1072 O O      . HOH D 4 .  ? -6.422  8.394   9.837   1.00   38.46 ? 2907 HOH A O      1 
HETATM 1073 O O      . HOH D 4 .  ? -0.881  -14.704 2.809   1.00   35.98 ? 2908 HOH A O      1 
HETATM 1074 O O      . HOH D 4 .  ? 1.503   -6.194  -1.080  1.00   32.38 ? 2909 HOH A O      1 
HETATM 1075 O O      . HOH D 4 .  ? -2.699  16.354  -4.753  1.00   33.06 ? 2910 HOH A O      1 
HETATM 1076 O O      . HOH D 4 .  ? 10.073  -6.031  -0.067  1.00   36.05 ? 2911 HOH A O      1 
HETATM 1077 O O      . HOH D 4 .  ? 3.816   18.463  -0.632  1.00   31.68 ? 2912 HOH A O      1 
HETATM 1078 O O      . HOH D 4 .  ? 5.756   0.337   13.332  1.00   33.46 ? 2913 HOH A O      1 
HETATM 1079 O O      A HOH D 4 .  ? -2.033  9.023   -13.456 0.47   28.72 ? 2914 HOH A O      1 
HETATM 1080 O O      B HOH D 4 .  ? -2.812  10.725  -14.253 0.53   20.33 ? 2914 HOH A O      1 
HETATM 1081 O O      . HOH D 4 .  ? -1.356  -9.093  -13.219 1.00   37.16 ? 2915 HOH A O      1 
HETATM 1082 O O      . HOH D 4 .  ? 3.498   0.595   8.770   1.00   25.43 ? 2916 HOH A O      1 
HETATM 1083 O O      . HOH D 4 .  ? -8.811  8.750   11.200  1.00   41.30 ? 2917 HOH A O      1 
HETATM 1084 O O      . HOH D 4 .  ? -3.087  -12.493 8.906   1.00   39.58 ? 2918 HOH A O      1 
HETATM 1085 O O      . HOH D 4 .  ? -8.634  4.182   -0.973  1.00   44.84 ? 2919 HOH A O      1 
HETATM 1086 O O      . HOH D 4 .  ? 1.119   -4.687  -3.868  1.00   39.07 ? 2920 HOH A O      1 
HETATM 1087 O O      . HOH D 4 .  ? 0.362   -1.610  -2.648  1.00   34.28 ? 2921 HOH A O      1 
HETATM 1088 O O      . HOH D 4 .  ? 7.818   -14.987 -7.138  1.00   38.58 ? 2922 HOH A O      1 
HETATM 1089 O O      . HOH D 4 .  ? -9.885  -22.866 -0.827  1.00   37.75 ? 2923 HOH A O      1 
HETATM 1090 O O      . HOH D 4 .  ? -12.930 -12.454 6.539   1.00   38.30 ? 2924 HOH A O      1 
HETATM 1091 O O      . HOH D 4 .  ? -5.560  9.669   -6.710  1.00   36.75 ? 2925 HOH A O      1 
HETATM 1092 O O      . HOH D 4 .  ? 0.820   -9.933  4.006   1.00   36.73 ? 2926 HOH A O      1 
HETATM 1093 O O      . HOH D 4 .  ? -0.132  -10.538 6.687   1.00   37.83 ? 2927 HOH A O      1 
HETATM 1094 O O      . HOH D 4 .  ? -14.798 0.422   -3.071  1.00   41.66 ? 2928 HOH A O      1 
HETATM 1095 O O      . HOH D 4 .  ? -1.825  13.947  -5.911  1.00   28.78 ? 2929 HOH A O      1 
HETATM 1096 O O      . HOH D 4 .  ? -5.813  17.000  2.826   1.00   37.17 ? 2930 HOH A O      1 
# 
loop_
_atom_site_anisotrop.id 
_atom_site_anisotrop.type_symbol 
_atom_site_anisotrop.pdbx_label_atom_id 
_atom_site_anisotrop.pdbx_label_alt_id 
_atom_site_anisotrop.pdbx_label_comp_id 
_atom_site_anisotrop.pdbx_label_asym_id 
_atom_site_anisotrop.pdbx_label_seq_id 
_atom_site_anisotrop.pdbx_PDB_ins_code 
_atom_site_anisotrop.U[1][1] 
_atom_site_anisotrop.U[2][2] 
_atom_site_anisotrop.U[3][3] 
_atom_site_anisotrop.U[1][2] 
_atom_site_anisotrop.U[1][3] 
_atom_site_anisotrop.U[2][3] 
_atom_site_anisotrop.pdbx_auth_seq_id 
_atom_site_anisotrop.pdbx_auth_comp_id 
_atom_site_anisotrop.pdbx_auth_asym_id 
_atom_site_anisotrop.pdbx_auth_atom_id 
1    O "O5'" . U   A 1  ? 0.2829 0.4013 0.5345 0.0520  0.0056  0.0210  2647 U   A "O5'" 
2    C "C5'" . U   A 1  ? 0.2745 0.3705 0.5442 0.0377  -0.0069 0.0283  2647 U   A "C5'" 
3    C "C4'" . U   A 1  ? 0.2583 0.3060 0.5337 0.0175  -0.0107 0.0301  2647 U   A "C4'" 
4    O "O4'" . U   A 1  ? 0.2572 0.2836 0.5358 0.0036  -0.0280 0.0329  2647 U   A "O4'" 
5    C "C3'" . U   A 1  ? 0.2405 0.2990 0.4811 0.0272  0.0067  0.0159  2647 U   A "C3'" 
6    O "O3'" A U   A 1  ? 0.2315 0.2729 0.4327 0.0246  0.0053  0.0192  2647 U   A "O3'" 
7    O "O3'" B U   A 1  ? 0.2181 0.3073 0.4542 0.0587  0.0328  0.0117  2647 U   A "O3'" 
8    C "C2'" . U   A 1  ? 0.2432 0.2919 0.4914 -0.0111 0.0041  0.0191  2647 U   A "C2'" 
9    O "O2'" . U   A 1  ? 0.2504 0.2905 0.4887 -0.0071 0.0189  0.0125  2647 U   A "O2'" 
10   C "C1'" . U   A 1  ? 0.2361 0.2539 0.5058 -0.0219 -0.0100 0.0298  2647 U   A "C1'" 
11   N N1    . U   A 1  ? 0.2030 0.2225 0.4869 -0.0430 0.0011  0.0378  2647 U   A N1    
12   C C2    . U   A 1  ? 0.1861 0.2049 0.4689 -0.0617 0.0136  0.0594  2647 U   A C2    
13   O O2    . U   A 1  ? 0.1927 0.2439 0.4538 -0.0572 0.0194  0.0725  2647 U   A O2    
14   N N3    . U   A 1  ? 0.1732 0.2281 0.4774 -0.0645 0.0080  0.0697  2647 U   A N3    
15   C C4    . U   A 1  ? 0.1670 0.2154 0.4834 -0.0522 0.0032  0.0744  2647 U   A C4    
16   O O4    . U   A 1  ? 0.1613 0.2809 0.4671 -0.0198 0.0048  0.0890  2647 U   A O4    
17   C C5    . U   A 1  ? 0.1729 0.2206 0.4797 -0.0633 0.0040  0.0593  2647 U   A C5    
18   C C6    . U   A 1  ? 0.1871 0.2127 0.4884 -0.0557 -0.0032 0.0362  2647 U   A C6    
31   P P     A G   A 2  ? 0.2178 0.2498 0.3826 0.0216  0.0054  0.0216  2648 G   A P     
32   P P     B G   A 2  ? 0.1759 0.3064 0.3727 0.0672  0.0693  0.0018  2648 G   A P     
33   O OP1   A G   A 2  ? 0.2162 0.2893 0.3743 0.0244  0.0171  0.0380  2648 G   A OP1   
34   O OP1   B G   A 2  ? 0.1747 0.3142 0.4008 0.0435  0.0654  0.0126  2648 G   A OP1   
35   O OP2   A G   A 2  ? 0.2190 0.2809 0.3851 0.0292  0.0095  0.0069  2648 G   A OP2   
36   O OP2   B G   A 2  ? 0.1721 0.3417 0.3472 0.0634  0.0738  -0.0186 2648 G   A OP2   
37   O "O5'" A G   A 2  ? 0.1943 0.3159 0.3274 0.0222  0.0165  0.0126  2648 G   A "O5'" 
38   O "O5'" B G   A 2  ? 0.1762 0.2782 0.3349 0.0989  0.0638  0.0081  2648 G   A "O5'" 
39   C "C5'" A G   A 2  ? 0.1664 0.2658 0.2776 0.0236  0.0259  0.0143  2648 G   A "C5'" 
40   C "C5'" B G   A 2  ? 0.1647 0.2465 0.3637 0.0796  0.0739  0.0244  2648 G   A "C5'" 
41   C "C4'" A G   A 2  ? 0.1371 0.2076 0.2298 0.0251  0.0312  0.0066  2648 G   A "C4'" 
42   C "C4'" B G   A 2  ? 0.1578 0.1876 0.4036 0.0534  0.0782  0.0398  2648 G   A "C4'" 
43   O "O4'" A G   A 2  ? 0.1285 0.1533 0.2033 0.0425  0.0303  0.0167  2648 G   A "O4'" 
44   O "O4'" B G   A 2  ? 0.1633 0.1591 0.4157 0.0311  0.0868  0.0165  2648 G   A "O4'" 
45   C "C3'" A G   A 2  ? 0.1213 0.1920 0.2229 0.0151  0.0236  -0.0073 2648 G   A "C3'" 
46   C "C3'" B G   A 2  ? 0.1498 0.1918 0.3824 0.0524  0.0766  0.0386  2648 G   A "C3'" 
47   O "O3'" A G   A 2  ? 0.1136 0.1800 0.2019 0.0230  0.0153  -0.0127 2648 G   A "O3'" 
48   O "O3'" B G   A 2  ? 0.1257 0.2198 0.3410 0.0497  0.0670  0.0302  2648 G   A "O3'" 
49   C "C2'" A G   A 2  ? 0.1187 0.1754 0.2066 0.0202  0.0222  -0.0143 2648 G   A "C2'" 
50   C "C2'" B G   A 2  ? 0.1690 0.1856 0.3886 0.0463  0.0801  0.0178  2648 G   A "C2'" 
51   O "O2'" A G   A 2  ? 0.1222 0.1707 0.2367 0.0239  0.0068  -0.0158 2648 G   A "O2'" 
52   O "O2'" B G   A 2  ? 0.1743 0.2248 0.3611 0.0606  0.0944  -0.0170 2648 G   A "O2'" 
53   C "C1'" A G   A 2  ? 0.1227 0.1678 0.1984 0.0352  0.0222  -0.0023 2648 G   A "C1'" 
54   C "C1'" B G   A 2  ? 0.1747 0.1744 0.3997 0.0354  0.0817  0.0117  2648 G   A "C1'" 
55   N N9    A G   A 2  ? 0.1184 0.1613 0.1839 0.0358  0.0124  0.0006  2648 G   A N9    
56   N N9    B G   A 2  ? 0.1910 0.1517 0.3905 0.0304  0.0756  0.0040  2648 G   A N9    
57   C C8    A G   A 2  ? 0.1157 0.1809 0.1885 0.0228  0.0073  -0.0017 2648 G   A C8    
58   C C8    B G   A 2  ? 0.1959 0.1537 0.3929 0.0348  0.0712  -0.0094 2648 G   A C8    
59   N N7    A G   A 2  ? 0.1160 0.1534 0.1798 0.0201  0.0003  -0.0082 2648 G   A N7    
60   N N7    B G   A 2  ? 0.2001 0.1566 0.3917 0.0432  0.0696  -0.0180 2648 G   A N7    
61   C C5    A G   A 2  ? 0.1167 0.1427 0.1895 0.0247  -0.0007 -0.0193 2648 G   A C5    
62   C C5    B G   A 2  ? 0.1990 0.1252 0.3767 0.0322  0.0749  -0.0225 2648 G   A C5    
63   C C6    A G   A 2  ? 0.1222 0.1294 0.1865 0.0238  -0.0091 -0.0183 2648 G   A C6    
64   C C6    B G   A 2  ? 0.2078 0.1092 0.3737 0.0232  0.0589  -0.0227 2648 G   A C6    
65   O O6    A G   A 2  ? 0.1287 0.1580 0.1671 0.0111  -0.0044 -0.0312 2648 G   A O6    
66   O O6    B G   A 2  ? 0.2149 0.1037 0.3851 0.0219  0.0432  -0.0013 2648 G   A O6    
67   N N1    A G   A 2  ? 0.1103 0.1216 0.2103 0.0273  -0.0001 0.0010  2648 G   A N1    
68   N N1    B G   A 2  ? 0.2095 0.1022 0.3575 0.0149  0.0579  -0.0269 2648 G   A N1    
69   C C2    A G   A 2  ? 0.1038 0.1490 0.1885 0.0186  0.0060  0.0137  2648 G   A C2    
70   C C2    B G   A 2  ? 0.2040 0.1173 0.3480 0.0092  0.0737  -0.0187 2648 G   A C2    
71   N N2    A G   A 2  ? 0.0970 0.1868 0.1903 0.0063  0.0116  0.0203  2648 G   A N2    
72   N N2    B G   A 2  ? 0.2051 0.1154 0.3405 0.0049  0.0736  -0.0159 2648 G   A N2    
73   N N3    A G   A 2  ? 0.1057 0.1456 0.1932 0.0166  0.0046  0.0037  2648 G   A N3    
74   N N3    B G   A 2  ? 0.1952 0.1064 0.3442 0.0109  0.0873  -0.0195 2648 G   A N3    
75   C C4    A G   A 2  ? 0.1112 0.1376 0.1722 0.0248  0.0117  -0.0088 2648 G   A C4    
76   C C4    B G   A 2  ? 0.1966 0.1418 0.3739 0.0286  0.0787  -0.0152 2648 G   A C4    
99   P P     A C   A 3  ? 0.0996 0.1701 0.2127 0.0240  0.0108  0.0055  2649 C   A P     
100  P P     B C   A 3  ? 0.1136 0.1912 0.3242 0.0463  0.0316  0.0427  2649 C   A P     
101  O OP1   A C   A 3  ? 0.1079 0.2105 0.2323 0.0351  0.0095  0.0004  2649 C   A OP1   
102  O OP1   B C   A 3  ? 0.1174 0.2026 0.3320 0.0417  0.0283  0.0256  2649 C   A OP1   
103  O OP2   A C   A 3  ? 0.1049 0.1686 0.2454 0.0082  0.0010  -0.0239 2649 C   A OP2   
104  O OP2   B C   A 3  ? 0.1162 0.2507 0.3392 0.0372  0.0152  0.0618  2649 C   A OP2   
105  O "O5'" A C   A 3  ? 0.0854 0.1845 0.1780 0.0213  0.0041  -0.0009 2649 C   A "O5'" 
106  O "O5'" B C   A 3  ? 0.0985 0.2018 0.2546 0.0551  0.0350  0.0064  2649 C   A "O5'" 
107  C "C5'" A C   A 3  ? 0.0868 0.1916 0.1654 0.0259  -0.0076 0.0015  2649 C   A "C5'" 
108  C "C5'" B C   A 3  ? 0.0944 0.1934 0.2412 0.0392  0.0196  -0.0206 2649 C   A "C5'" 
109  C "C4'" A C   A 3  ? 0.0877 0.1660 0.1630 0.0385  -0.0059 0.0004  2649 C   A "C4'" 
110  C "C4'" B C   A 3  ? 0.0929 0.2161 0.2070 0.0207  -0.0045 -0.0353 2649 C   A "C4'" 
111  O "O4'" A C   A 3  ? 0.0891 0.1693 0.1450 0.0404  -0.0065 0.0010  2649 C   A "O4'" 
112  O "O4'" B C   A 3  ? 0.0895 0.2090 0.2167 0.0111  0.0024  -0.0379 2649 C   A "O4'" 
113  C "C3'" A C   A 3  ? 0.0835 0.1546 0.1548 0.0292  -0.0064 0.0175  2649 C   A "C3'" 
114  C "C3'" B C   A 3  ? 0.0983 0.2021 0.1855 0.0240  -0.0217 -0.0276 2649 C   A "C3'" 
115  O "O3'" A C   A 3  ? 0.0739 0.1745 0.1454 0.0192  -0.0040 0.0221  2649 C   A "O3'" 
116  O "O3'" B C   A 3  ? 0.1044 0.1928 0.1896 0.0285  -0.0284 0.0185  2649 C   A "O3'" 
117  C "C2'" A C   A 3  ? 0.0906 0.1646 0.1637 0.0343  -0.0214 0.0190  2649 C   A "C2'" 
118  C "C2'" B C   A 3  ? 0.0986 0.1860 0.2000 0.0139  -0.0230 -0.0362 2649 C   A "C2'" 
119  O "O2'" A C   A 3  ? 0.0785 0.1609 0.1611 0.0392  -0.0035 0.0184  2649 C   A "O2'" 
120  O "O2'" B C   A 3  ? 0.1105 0.2121 0.2165 0.0103  -0.0366 -0.0509 2649 C   A "O2'" 
121  C "C1'" A C   A 3  ? 0.0958 0.1660 0.1593 0.0312  -0.0231 0.0041  2649 C   A "C1'" 
122  C "C1'" B C   A 3  ? 0.0915 0.1755 0.2037 0.0172  -0.0022 -0.0383 2649 C   A "C1'" 
123  N N1    A C   A 3  ? 0.1039 0.1435 0.1610 0.0097  -0.0268 0.0107  2649 C   A N1    
124  N N1    B C   A 3  ? 0.0926 0.1384 0.2222 0.0003  -0.0049 -0.0333 2649 C   A N1    
125  C C2    A C   A 3  ? 0.1099 0.1179 0.1705 -0.0034 -0.0243 0.0213  2649 C   A C2    
126  C C2    B C   A 3  ? 0.1038 0.1345 0.2156 -0.0131 -0.0175 -0.0334 2649 C   A C2    
127  O O2    A C   A 3  ? 0.1142 0.1691 0.1558 0.0019  -0.0148 0.0063  2649 C   A O2    
128  O O2    B C   A 3  ? 0.1038 0.1613 0.2098 -0.0318 -0.0064 -0.0311 2649 C   A O2    
129  N N3    A C   A 3  ? 0.1080 0.0845 0.1630 -0.0200 -0.0226 -0.0093 2649 C   A N3    
130  N N3    B C   A 3  ? 0.1083 0.0990 0.2229 -0.0212 -0.0334 -0.0185 2649 C   A N3    
131  C C4    A C   A 3  ? 0.1094 0.1170 0.1515 -0.0106 -0.0249 -0.0056 2649 C   A C4    
132  C C4    B C   A 3  ? 0.1119 0.1367 0.2363 -0.0005 -0.0346 -0.0012 2649 C   A C4    
133  N N4    A C   A 3  ? 0.1082 0.1201 0.1868 -0.0181 -0.0262 0.0098  2649 C   A N4    
134  N N4    B C   A 3  ? 0.1206 0.1556 0.2441 0.0165  -0.0384 0.0071  2649 C   A N4    
135  C C5    A C   A 3  ? 0.1108 0.1660 0.1365 0.0084  -0.0241 -0.0119 2649 C   A C5    
136  C C5    B C   A 3  ? 0.1011 0.1210 0.2397 -0.0028 -0.0226 -0.0060 2649 C   A C5    
137  C C6    A C   A 3  ? 0.1101 0.1458 0.1604 0.0111  -0.0310 -0.0012 2649 C   A C6    
138  C C6    B C   A 3  ? 0.0944 0.1178 0.2242 -0.0011 -0.0125 -0.0353 2649 C   A C6    
161  P P     A 6FU A 4  ? 0.0696 0.1641 0.1744 0.0055  -0.0051 0.0053  2650 6FU A P     
162  P P     B 6FU A 4  ? 0.0979 0.2072 0.1608 0.0146  -0.0312 0.0352  2650 6FU A P     
163  O OP1   A 6FU A 4  ? 0.0665 0.2157 0.1117 0.0354  0.0101  0.0286  2650 6FU A OP1   
164  O OP1   B 6FU A 4  ? 0.0863 0.2711 0.1895 0.0174  -0.0273 0.0386  2650 6FU A OP1   
165  O OP2   A 6FU A 4  ? 0.0700 0.2072 0.2336 -0.0172 -0.0167 0.0395  2650 6FU A OP2   
166  O OP2   B 6FU A 4  ? 0.0988 0.3656 0.1718 -0.0092 -0.0070 -0.0663 2650 6FU A OP2   
167  O "O5'" A 6FU A 4  ? 0.0837 0.1778 0.1534 0.0174  0.0118  -0.0068 2650 6FU A "O5'" 
168  O "O5'" B 6FU A 4  ? 0.1042 0.2241 0.1532 0.0379  -0.0395 -0.0076 2650 6FU A "O5'" 
169  C "C5'" A 6FU A 4  ? 0.1099 0.1934 0.1888 0.0373  -0.0300 -0.0194 2650 6FU A "C5'" 
170  C "C5'" B 6FU A 4  ? 0.1162 0.2154 0.1656 0.0461  -0.0540 -0.0399 2650 6FU A "C5'" 
171  C "C4'" . 6FU A 4  ? 0.1145 0.1815 0.2145 0.0416  -0.0479 -0.0341 2650 6FU A "C4'" 
172  O "O4'" . 6FU A 4  ? 0.1085 0.1552 0.2497 0.0316  -0.0562 -0.0469 2650 6FU A "O4'" 
173  C "C3'" . 6FU A 4  ? 0.1193 0.1408 0.2096 0.0457  -0.0348 -0.0109 2650 6FU A "C3'" 
174  O "O3'" . 6FU A 4  ? 0.1458 0.1646 0.2075 0.0589  -0.0154 0.0095  2650 6FU A "O3'" 
175  C "C2'" . 6FU A 4  ? 0.1038 0.1726 0.2303 0.0291  -0.0500 -0.0246 2650 6FU A "C2'" 
176  S "S2'" . 6FU A 4  ? 0.1024 0.2623 0.2796 0.0309  -0.0426 -0.0252 2650 6FU A "S2'" 
177  C "C7'" . 6FU A 4  ? 0.1094 0.2735 0.3406 0.0141  -0.0091 -0.0047 2650 6FU A "C7'" 
178  F "F1'" . 6FU A 4  ? 0.1287 0.2888 0.3224 0.0039  0.0298  -0.0385 2650 6FU A "F1'" 
179  F "F2'" . 6FU A 4  ? 0.1096 0.3027 0.4223 0.0111  -0.0058 0.0378  2650 6FU A "F2'" 
180  F "F3'" . 6FU A 4  ? 0.1112 0.2448 0.3732 0.0258  -0.0268 -0.0006 2650 6FU A "F3'" 
181  C "C1'" . 6FU A 4  ? 0.0976 0.1590 0.2321 0.0140  -0.0484 -0.0247 2650 6FU A "C1'" 
182  N N1    . 6FU A 4  ? 0.0895 0.1491 0.2111 0.0112  -0.0319 -0.0048 2650 6FU A N1    
183  C C2    . 6FU A 4  ? 0.0846 0.1424 0.2176 -0.0002 -0.0328 -0.0123 2650 6FU A C2    
184  O O2    . 6FU A 4  ? 0.0847 0.1582 0.2336 -0.0049 -0.0361 0.0061  2650 6FU A O2    
185  N N3    . 6FU A 4  ? 0.0846 0.1530 0.1905 -0.0034 -0.0232 -0.0066 2650 6FU A N3    
186  C C4    . 6FU A 4  ? 0.0930 0.1185 0.2033 0.0169  -0.0294 -0.0234 2650 6FU A C4    
187  O O4    . 6FU A 4  ? 0.0909 0.1450 0.2261 0.0173  -0.0325 -0.0153 2650 6FU A O4    
188  C C5    . 6FU A 4  ? 0.0893 0.1448 0.2090 0.0157  -0.0149 -0.0187 2650 6FU A C5    
189  C C6    . 6FU A 4  ? 0.0905 0.1359 0.2021 0.0193  -0.0310 -0.0081 2650 6FU A C6    
202  P P     . C   A 5  ? 0.1532 0.1910 0.1934 0.0379  -0.0007 0.0271  2651 C   A P     
203  O OP1   . C   A 5  ? 0.1764 0.2036 0.2187 0.0458  -0.0173 0.0248  2651 C   A OP1   
204  O OP2   . C   A 5  ? 0.1499 0.1744 0.2078 -0.0363 -0.0129 0.0551  2651 C   A OP2   
205  O "O5'" . C   A 5  ? 0.1366 0.2053 0.1559 0.0455  -0.0139 0.0068  2651 C   A "O5'" 
206  C "C5'" . C   A 5  ? 0.1152 0.1907 0.1775 0.0662  -0.0187 0.0009  2651 C   A "C5'" 
207  C "C4'" . C   A 5  ? 0.0954 0.1771 0.1636 0.0409  -0.0393 0.0007  2651 C   A "C4'" 
208  O "O4'" . C   A 5  ? 0.0845 0.1589 0.1879 0.0250  -0.0487 0.0002  2651 C   A "O4'" 
209  C "C3'" . C   A 5  ? 0.0882 0.1545 0.1568 0.0343  -0.0330 -0.0014 2651 C   A "C3'" 
210  O "O3'" . C   A 5  ? 0.0933 0.1478 0.1664 0.0448  -0.0361 -0.0055 2651 C   A "O3'" 
211  C "C2'" . C   A 5  ? 0.0790 0.1426 0.1755 0.0189  -0.0281 0.0120  2651 C   A "C2'" 
212  O "O2'" . C   A 5  ? 0.0901 0.1759 0.1820 0.0399  -0.0212 0.0226  2651 C   A "O2'" 
213  C "C1'" . C   A 5  ? 0.0743 0.1418 0.1850 0.0121  -0.0413 0.0100  2651 C   A "C1'" 
214  N N1    . C   A 5  ? 0.0712 0.1305 0.1729 0.0202  -0.0292 0.0049  2651 C   A N1    
215  C C2    . C   A 5  ? 0.0793 0.1259 0.1774 0.0189  -0.0358 -0.0006 2651 C   A C2    
216  O O2    . C   A 5  ? 0.0688 0.1506 0.1643 0.0284  -0.0283 0.0158  2651 C   A O2    
217  N N3    . C   A 5  ? 0.0815 0.1129 0.1787 0.0120  -0.0230 -0.0113 2651 C   A N3    
218  C C4    . C   A 5  ? 0.0821 0.1124 0.1851 0.0061  -0.0298 -0.0094 2651 C   A C4    
219  N N4    . C   A 5  ? 0.0793 0.1359 0.2014 0.0091  -0.0257 -0.0081 2651 C   A N4    
220  C C5    . C   A 5  ? 0.0792 0.1158 0.1970 0.0094  -0.0238 -0.0041 2651 C   A C5    
221  C C6    . C   A 5  ? 0.0753 0.1301 0.2010 0.0150  -0.0237 0.0103  2651 C   A C6    
233  P P     . C   A 6  ? 0.1002 0.1586 0.1573 0.0465  -0.0227 0.0131  2652 C   A P     
234  O OP1   . C   A 6  ? 0.1158 0.1698 0.1857 0.0672  -0.0387 0.0062  2652 C   A OP1   
235  O OP2   . C   A 6  ? 0.1323 0.1701 0.1647 0.0334  -0.0308 0.0112  2652 C   A OP2   
236  O "O5'" . C   A 6  ? 0.0713 0.1588 0.1502 0.0353  -0.0225 0.0152  2652 C   A "O5'" 
237  C "C5'" . C   A 6  ? 0.0541 0.1703 0.1445 0.0243  -0.0034 0.0099  2652 C   A "C5'" 
238  C "C4'" . C   A 6  ? 0.0544 0.1503 0.1587 0.0166  -0.0194 0.0223  2652 C   A "C4'" 
239  O "O4'" . C   A 6  ? 0.0513 0.1418 0.1598 0.0098  -0.0225 0.0233  2652 C   A "O4'" 
240  C "C3'" . C   A 6  ? 0.0502 0.1411 0.1424 0.0220  -0.0117 0.0181  2652 C   A "C3'" 
241  O "O3'" . C   A 6  ? 0.0466 0.1465 0.1482 0.0246  -0.0084 0.0090  2652 C   A "O3'" 
242  C "C2'" . C   A 6  ? 0.0568 0.1556 0.1282 0.0252  -0.0169 0.0200  2652 C   A "C2'" 
243  O "O2'" . C   A 6  ? 0.0668 0.1789 0.1432 0.0344  -0.0227 0.0086  2652 C   A "O2'" 
244  C "C1'" . C   A 6  ? 0.0500 0.1478 0.1460 0.0200  -0.0169 0.0192  2652 C   A "C1'" 
245  N N1    . C   A 6  ? 0.0506 0.1345 0.1409 0.0183  -0.0158 0.0282  2652 C   A N1    
246  C C2    . C   A 6  ? 0.0492 0.1237 0.1494 0.0107  -0.0186 0.0223  2652 C   A C2    
247  O O2    . C   A 6  ? 0.0531 0.1528 0.1454 0.0170  -0.0137 0.0259  2652 C   A O2    
248  N N3    . C   A 6  ? 0.0475 0.1268 0.1517 0.0037  -0.0124 0.0140  2652 C   A N3    
249  C C4    . C   A 6  ? 0.0487 0.1170 0.1555 0.0043  -0.0122 0.0126  2652 C   A C4    
250  N N4    . C   A 6  ? 0.0589 0.1301 0.1466 0.0038  -0.0179 0.0074  2652 C   A N4    
251  C C5    . C   A 6  ? 0.0511 0.1320 0.1619 0.0053  -0.0213 0.0221  2652 C   A C5    
252  C C6    . C   A 6  ? 0.0470 0.1412 0.1638 0.0007  -0.0112 0.0259  2652 C   A C6    
264  P P     . U   A 7  ? 0.0510 0.1480 0.1738 0.0210  -0.0117 0.0111  2653 U   A P     
265  O OP1   . U   A 7  ? 0.0634 0.1706 0.2051 0.0366  -0.0037 -0.0050 2653 U   A OP1   
266  O OP2   . U   A 7  ? 0.0618 0.1488 0.1816 0.0130  -0.0312 0.0257  2653 U   A OP2   
267  O "O5'" . U   A 7  ? 0.0538 0.1670 0.1404 0.0189  -0.0058 0.0012  2653 U   A "O5'" 
268  C "C5'" . U   A 7  ? 0.0584 0.1697 0.1427 0.0183  -0.0074 -0.0092 2653 U   A "C5'" 
269  C "C4'" . U   A 7  ? 0.0555 0.1596 0.1500 0.0190  -0.0039 -0.0002 2653 U   A "C4'" 
270  O "O4'" . U   A 7  ? 0.0519 0.1678 0.1374 0.0244  -0.0100 0.0157  2653 U   A "O4'" 
271  C "C3'" . U   A 7  ? 0.0540 0.1606 0.1479 0.0145  -0.0058 -0.0142 2653 U   A "C3'" 
272  O "O3'" . U   A 7  ? 0.0826 0.1441 0.1513 -0.0078 -0.0061 -0.0098 2653 U   A "O3'" 
273  C "C2'" . U   A 7  ? 0.0482 0.1500 0.1507 0.0176  -0.0223 0.0050  2653 U   A "C2'" 
274  O "O2'" . U   A 7  ? 0.0576 0.1941 0.1483 0.0076  -0.0269 0.0106  2653 U   A "O2'" 
275  C "C1'" . U   A 7  ? 0.0443 0.1423 0.1474 0.0189  -0.0125 0.0057  2653 U   A "C1'" 
276  N N1    . U   A 7  ? 0.0473 0.1392 0.1421 0.0205  -0.0043 0.0129  2653 U   A N1    
277  C C2    . U   A 7  ? 0.0689 0.1257 0.1428 0.0295  -0.0061 0.0345  2653 U   A C2    
278  O O2    . U   A 7  ? 0.0753 0.1595 0.1692 0.0432  -0.0131 0.0190  2653 U   A O2    
279  N N3    . U   A 7  ? 0.0764 0.1312 0.1369 0.0162  0.0049  0.0201  2653 U   A N3    
280  C C4    . U   A 7  ? 0.0863 0.1234 0.1276 0.0015  -0.0016 0.0095  2653 U   A C4    
281  O O4    . U   A 7  ? 0.1059 0.1353 0.1434 0.0035  -0.0044 0.0120  2653 U   A O4    
282  C C5    . U   A 7  ? 0.0707 0.1223 0.1428 0.0029  -0.0049 0.0101  2653 U   A C5    
283  C C6    . U   A 7  ? 0.0548 0.1232 0.1469 0.0127  -0.0125 0.0120  2653 U   A C6    
294  P P     . A   A 8  ? 0.1160 0.1787 0.1943 -0.0044 -0.0125 -0.0231 2654 A   A P     
295  O OP1   . A   A 8  ? 0.0932 0.2280 0.2155 -0.0119 0.0183  -0.0234 2654 A   A OP1   
296  O OP2   . A   A 8  ? 0.1403 0.1707 0.2147 0.0009  -0.0283 -0.0582 2654 A   A OP2   
297  O "O5'" . A   A 8  ? 0.1160 0.1726 0.1458 0.0051  -0.0124 0.0121  2654 A   A "O5'" 
298  C "C5'" . A   A 8  ? 0.0994 0.1520 0.1693 0.0308  0.0100  0.0298  2654 A   A "C5'" 
299  C "C4'" . A   A 8  ? 0.0891 0.1564 0.1630 0.0393  0.0146  0.0190  2654 A   A "C4'" 
300  O "O4'" . A   A 8  ? 0.0775 0.1339 0.1840 0.0283  0.0224  0.0157  2654 A   A "O4'" 
301  C "C3'" . A   A 8  ? 0.0899 0.1716 0.1861 0.0389  0.0085  0.0206  2654 A   A "C3'" 
302  O "O3'" A A   A 8  ? 0.0923 0.1745 0.2421 0.0394  0.0214  0.0348  2654 A   A "O3'" 
303  O "O3'" B A   A 8  ? 0.0947 0.2099 0.2387 0.0695  0.0004  0.0022  2654 A   A "O3'" 
304  C "C2'" . A   A 8  ? 0.0794 0.1429 0.1675 0.0202  0.0026  0.0087  2654 A   A "C2'" 
305  O "O2'" . A   A 8  ? 0.0748 0.1657 0.1743 0.0152  -0.0106 0.0072  2654 A   A "O2'" 
306  C "C1'" . A   A 8  ? 0.0743 0.1351 0.1731 0.0264  0.0080  0.0078  2654 A   A "C1'" 
307  N N9    . A   A 8  ? 0.0663 0.1230 0.1696 0.0223  0.0027  0.0052  2654 A   A N9    
308  C C8    . A   A 8  ? 0.0568 0.1531 0.1717 0.0120  0.0015  0.0110  2654 A   A C8    
309  N N7    . A   A 8  ? 0.0580 0.1426 0.1589 0.0216  0.0013  0.0112  2654 A   A N7    
310  C C5    . A   A 8  ? 0.0618 0.1171 0.1603 0.0172  0.0098  0.0192  2654 A   A C5    
311  C C6    . A   A 8  ? 0.0763 0.1196 0.1682 0.0193  0.0139  0.0193  2654 A   A C6    
312  N N6    . A   A 8  ? 0.0793 0.1276 0.1931 0.0216  0.0258  0.0076  2654 A   A N6    
313  N N1    . A   A 8  ? 0.0868 0.1493 0.1483 0.0210  0.0167  0.0139  2654 A   A N1    
314  C C2    . A   A 8  ? 0.0883 0.1497 0.1506 0.0238  0.0110  0.0349  2654 A   A C2    
315  N N3    . A   A 8  ? 0.0837 0.1496 0.1370 0.0297  0.0127  0.0209  2654 A   A N3    
316  C C4    . A   A 8  ? 0.0730 0.1165 0.1662 0.0216  -0.0040 0.0118  2654 A   A C4    
329  P P     . G   A 9  ? 0.0963 0.1784 0.2898 0.0398  0.0337  0.0429  2655 G   A P     
330  O OP1   . G   A 9  ? 0.1264 0.2667 0.3527 0.0776  0.0140  -0.0233 2655 G   A OP1   
331  O OP2   . G   A 9  ? 0.0952 0.2860 0.3017 0.0134  0.0240  0.0518  2655 G   A OP2   
332  O "O5'" . G   A 9  ? 0.1248 0.2390 0.3441 0.0590  0.0198  0.0790  2655 G   A "O5'" 
333  C "C5'" . G   A 9  ? 0.1216 0.3351 0.2871 0.0551  0.0311  0.0574  2655 G   A "C5'" 
334  C "C4'" . G   A 9  ? 0.1160 0.2920 0.2576 0.0477  0.0302  0.0593  2655 G   A "C4'" 
335  O "O4'" . G   A 9  ? 0.1157 0.2089 0.2637 0.0143  0.0095  0.0844  2655 G   A "O4'" 
336  C "C3'" . G   A 9  ? 0.1282 0.2488 0.2271 0.0554  0.0328  0.0518  2655 G   A "C3'" 
337  O "O3'" . G   A 9  ? 0.1215 0.1994 0.2362 0.0378  0.0601  0.0368  2655 G   A "O3'" 
338  C "C2'" . G   A 9  ? 0.1467 0.2068 0.2362 0.0481  0.0083  0.0648  2655 G   A "C2'" 
339  O "O2'" . G   A 9  ? 0.1863 0.2131 0.2323 0.0210  -0.0218 0.0516  2655 G   A "O2'" 
340  C "C1'" . G   A 9  ? 0.1236 0.1989 0.2571 0.0287  0.0133  0.0539  2655 G   A "C1'" 
341  N N9    . G   A 9  ? 0.1194 0.2115 0.2376 0.0290  0.0082  0.0470  2655 G   A N9    
342  C C8    . G   A 9  ? 0.1331 0.2501 0.2587 0.0419  -0.0056 0.0372  2655 G   A C8    
343  N N7    . G   A 9  ? 0.1323 0.2580 0.2611 0.0364  -0.0017 0.0386  2655 G   A N7    
344  C C5    . G   A 9  ? 0.1267 0.2302 0.2638 0.0067  -0.0041 0.0500  2655 G   A C5    
345  C C6    . G   A 9  ? 0.1346 0.2498 0.2263 -0.0049 -0.0122 0.0402  2655 G   A C6    
346  O O6    . G   A 9  ? 0.1551 0.3227 0.2502 0.0006  -0.0235 0.0261  2655 G   A O6    
347  N N1    . G   A 9  ? 0.1186 0.2480 0.2284 -0.0130 0.0013  0.0289  2655 G   A N1    
348  C C2    . G   A 9  ? 0.1114 0.1968 0.2303 -0.0171 -0.0019 0.0267  2655 G   A C2    
349  N N2    . G   A 9  ? 0.1125 0.2056 0.2147 -0.0064 -0.0114 0.0206  2655 G   A N2    
350  N N3    . G   A 9  ? 0.1067 0.1708 0.2261 -0.0061 0.0180  0.0183  2655 G   A N3    
351  C C4    . G   A 9  ? 0.1171 0.2029 0.2418 0.0050  0.0146  0.0473  2655 G   A C4    
363  P P     . U   A 10 ? 0.1454 0.1912 0.2247 0.0381  0.0583  0.0140  2656 U   A P     
364  O OP1   . U   A 10 ? 0.1604 0.1909 0.2762 0.0575  0.0557  0.0113  2656 U   A OP1   
365  O OP2   . U   A 10 ? 0.1457 0.1990 0.2291 0.0198  0.0576  0.0199  2656 U   A OP2   
366  O "O5'" . U   A 10 ? 0.1440 0.2135 0.2190 0.0502  0.0346  0.0290  2656 U   A "O5'" 
367  C "C5'" . U   A 10 ? 0.1305 0.2175 0.2116 0.0289  0.0495  0.0122  2656 U   A "C5'" 
368  C "C4'" . U   A 10 ? 0.1117 0.1876 0.2522 0.0218  0.0548  -0.0082 2656 U   A "C4'" 
369  O "O4'" . U   A 10 ? 0.0979 0.1675 0.2718 0.0160  0.0496  0.0009  2656 U   A "O4'" 
370  C "C3'" . U   A 10 ? 0.1158 0.1534 0.2970 -0.0065 0.0430  -0.0024 2656 U   A "C3'" 
371  O "O3'" . U   A 10 ? 0.1286 0.1819 0.2532 0.0018  0.0376  -0.0134 2656 U   A "O3'" 
372  C "C2'" . U   A 10 ? 0.1075 0.1677 0.2594 -0.0101 0.0439  0.0017  2656 U   A "C2'" 
373  O "O2'" . U   A 10 ? 0.1223 0.2341 0.2429 0.0152  0.0432  -0.0123 2656 U   A "O2'" 
374  C "C1'" . U   A 10 ? 0.0904 0.1631 0.2706 0.0061  0.0457  -0.0084 2656 U   A "C1'" 
375  N N1    . U   A 10 ? 0.0807 0.1482 0.2769 0.0041  0.0423  0.0046  2656 U   A N1    
376  C C2    . U   A 10 ? 0.0768 0.1319 0.2641 -0.0097 0.0303  -0.0048 2656 U   A C2    
377  O O2    . U   A 10 ? 0.0854 0.1701 0.2607 -0.0121 0.0161  -0.0158 2656 U   A O2    
378  N N3    . U   A 10 ? 0.0790 0.1382 0.2546 -0.0068 0.0199  -0.0151 2656 U   A N3    
379  C C4    . U   A 10 ? 0.0781 0.1342 0.2582 -0.0111 0.0266  0.0050  2656 U   A C4    
380  O O4    . U   A 10 ? 0.0799 0.1605 0.2689 -0.0119 0.0159  -0.0076 2656 U   A O4    
381  C C5    . U   A 10 ? 0.0830 0.1692 0.2324 0.0034  0.0389  0.0268  2656 U   A C5    
382  C C6    . U   A 10 ? 0.0869 0.1458 0.2500 0.0069  0.0407  0.0240  2656 U   A C6    
393  P P     . A   A 11 ? 0.1303 0.1757 0.2721 0.0085  0.0285  -0.0079 2657 A   A P     
394  O OP1   . A   A 11 ? 0.1611 0.1979 0.2752 0.0126  0.0297  -0.0497 2657 A   A OP1   
395  O OP2   . A   A 11 ? 0.1008 0.1788 0.2430 0.0020  0.0366  0.0423  2657 A   A OP2   
396  O "O5'" . A   A 11 ? 0.1209 0.1756 0.2131 0.0107  0.0144  0.0100  2657 A   A "O5'" 
397  C "C5'" . A   A 11 ? 0.1263 0.1965 0.1981 0.0076  -0.0099 -0.0022 2657 A   A "C5'" 
398  C "C4'" . A   A 11 ? 0.1164 0.1945 0.1837 -0.0135 -0.0060 -0.0251 2657 A   A "C4'" 
399  O "O4'" . A   A 11 ? 0.1116 0.1791 0.1818 -0.0220 0.0091  -0.0264 2657 A   A "O4'" 
400  C "C3'" . A   A 11 ? 0.1092 0.1905 0.1944 -0.0258 0.0023  -0.0260 2657 A   A "C3'" 
401  O "O3'" . A   A 11 ? 0.1195 0.2525 0.1957 -0.0509 0.0013  -0.0446 2657 A   A "O3'" 
402  C "C2'" . A   A 11 ? 0.1080 0.2024 0.1638 -0.0147 -0.0026 -0.0033 2657 A   A "C2'" 
403  O "O2'" . A   A 11 ? 0.1325 0.2843 0.1675 0.0058  -0.0359 0.0165  2657 A   A "O2'" 
404  C "C1'" . A   A 11 ? 0.1004 0.1969 0.1637 -0.0161 0.0107  -0.0209 2657 A   A "C1'" 
405  N N9    . A   A 11 ? 0.0909 0.1651 0.1419 -0.0093 0.0019  -0.0160 2657 A   A N9    
406  C C8    . A   A 11 ? 0.0924 0.1724 0.1552 -0.0067 -0.0091 -0.0018 2657 A   A C8    
407  N N7    . A   A 11 ? 0.0953 0.1482 0.1818 0.0064  -0.0068 0.0055  2657 A   A N7    
408  C C5    . A   A 11 ? 0.0983 0.1468 0.1454 0.0055  -0.0100 -0.0005 2657 A   A C5    
409  C C6    . A   A 11 ? 0.1029 0.1118 0.1656 -0.0030 -0.0164 0.0114  2657 A   A C6    
410  N N6    . A   A 11 ? 0.1087 0.1642 0.1549 0.0040  -0.0263 0.0096  2657 A   A N6    
411  N N1    . A   A 11 ? 0.1086 0.1343 0.1483 0.0066  -0.0065 -0.0120 2657 A   A N1    
412  C C2    . A   A 11 ? 0.1029 0.1347 0.1661 -0.0011 -0.0031 0.0002  2657 A   A C2    
413  N N3    . A   A 11 ? 0.0952 0.1393 0.1559 -0.0101 -0.0002 -0.0030 2657 A   A N3    
414  C C4    . A   A 11 ? 0.0901 0.1386 0.1631 -0.0032 0.0014  0.0049  2657 A   A C4    
426  P P     . C   A 12 ? 0.1404 0.2479 0.2385 -0.0615 -0.0065 -0.0449 2658 C   A P     
427  O OP1   . C   A 12 ? 0.1504 0.3105 0.2649 -0.0841 -0.0081 -0.0597 2658 C   A OP1   
428  O OP2   . C   A 12 ? 0.1685 0.1960 0.3023 -0.0754 -0.0319 0.0118  2658 C   A OP2   
429  O "O5'" . C   A 12 ? 0.1051 0.2039 0.2065 -0.0344 -0.0072 -0.0361 2658 C   A "O5'" 
430  C "C5'" . C   A 12 ? 0.0844 0.2132 0.1931 -0.0238 -0.0085 -0.0170 2658 C   A "C5'" 
431  C "C4'" . C   A 12 ? 0.0710 0.1881 0.1722 -0.0221 -0.0240 0.0107  2658 C   A "C4'" 
432  O "O4'" . C   A 12 ? 0.0687 0.1834 0.1849 -0.0270 -0.0290 0.0207  2658 C   A "O4'" 
433  C "C3'" . C   A 12 ? 0.0585 0.1627 0.1781 -0.0155 -0.0190 0.0040  2658 C   A "C3'" 
434  O "O3'" . C   A 12 ? 0.0594 0.1526 0.1940 -0.0138 -0.0295 0.0166  2658 C   A "O3'" 
435  C "C2'" . C   A 12 ? 0.0620 0.1735 0.1677 0.0045  -0.0178 0.0077  2658 C   A "C2'" 
436  O "O2'" . C   A 12 ? 0.0540 0.1863 0.1972 0.0049  -0.0178 0.0105  2658 C   A "O2'" 
437  C "C1'" . C   A 12 ? 0.0629 0.1795 0.1562 -0.0020 -0.0262 0.0231  2658 C   A "C1'" 
438  N N1    . C   A 12 ? 0.0593 0.1665 0.1601 -0.0110 -0.0160 0.0200  2658 C   A N1    
439  C C2    . C   A 12 ? 0.0605 0.1487 0.1739 -0.0080 -0.0270 0.0156  2658 C   A C2    
440  O O2    . C   A 12 ? 0.0627 0.1624 0.1694 0.0007  -0.0359 -0.0058 2658 C   A O2    
441  N N3    . C   A 12 ? 0.0545 0.1515 0.1825 -0.0050 -0.0220 0.0186  2658 C   A N3    
442  C C4    . C   A 12 ? 0.0613 0.1650 0.1834 -0.0049 -0.0060 0.0229  2658 C   A C4    
443  N N4    . C   A 12 ? 0.0618 0.1770 0.2027 0.0051  -0.0111 0.0302  2658 C   A N4    
444  C C5    . C   A 12 ? 0.0733 0.1758 0.1899 -0.0153 -0.0101 0.0224  2658 C   A C5    
445  C C6    . C   A 12 ? 0.0702 0.1855 0.1663 -0.0159 -0.0106 0.0062  2658 C   A C6    
457  P P     . G   A 13 ? 0.0646 0.1683 0.1900 -0.0065 -0.0362 0.0224  2659 G   A P     
458  O OP1   . G   A 13 ? 0.0645 0.1809 0.2018 -0.0023 -0.0282 0.0372  2659 G   A OP1   
459  O OP2   . G   A 13 ? 0.0834 0.1792 0.1999 -0.0033 -0.0420 0.0168  2659 G   A OP2   
460  O "O5'" . G   A 13 ? 0.0673 0.1949 0.1716 0.0131  -0.0335 0.0227  2659 G   A "O5'" 
461  C "C5'" . G   A 13 ? 0.0718 0.1908 0.1880 0.0146  -0.0281 0.0296  2659 G   A "C5'" 
462  C "C4'" . G   A 13 ? 0.0690 0.1833 0.1759 0.0063  -0.0302 0.0307  2659 G   A "C4'" 
463  O "O4'" . G   A 13 ? 0.0708 0.1680 0.1806 0.0195  -0.0295 0.0384  2659 G   A "O4'" 
464  C "C3'" . G   A 13 ? 0.0666 0.1717 0.1933 0.0020  -0.0230 0.0427  2659 G   A "C3'" 
465  O "O3'" . G   A 13 ? 0.0741 0.1969 0.2278 0.0025  -0.0329 0.0448  2659 G   A "O3'" 
466  C "C2'" . G   A 13 ? 0.0651 0.1806 0.1758 0.0118  -0.0174 0.0338  2659 G   A "C2'" 
467  O "O2'" . G   A 13 ? 0.0703 0.2078 0.1587 0.0275  -0.0157 0.0372  2659 G   A "O2'" 
468  C "C1'" . G   A 13 ? 0.0645 0.1628 0.1861 0.0146  -0.0244 0.0333  2659 G   A "C1'" 
469  N N9    . G   A 13 ? 0.0682 0.1591 0.1594 0.0147  -0.0249 0.0098  2659 G   A N9    
470  C C8    . G   A 13 ? 0.0811 0.1646 0.1594 0.0109  -0.0203 0.0183  2659 G   A C8    
471  N N7    . G   A 13 ? 0.0913 0.1537 0.1384 0.0052  -0.0171 0.0091  2659 G   A N7    
472  C C5    . G   A 13 ? 0.0853 0.1390 0.1350 0.0029  -0.0158 0.0132  2659 G   A C5    
473  C C6    . G   A 13 ? 0.0817 0.1486 0.1483 0.0111  0.0063  0.0166  2659 G   A C6    
474  O O6    . G   A 13 ? 0.0933 0.1853 0.1676 0.0177  0.0081  0.0152  2659 G   A O6    
475  N N1    . G   A 13 ? 0.0652 0.1502 0.1446 0.0117  0.0035  0.0197  2659 G   A N1    
476  C C2    . G   A 13 ? 0.0662 0.1315 0.1487 0.0138  -0.0060 0.0334  2659 G   A C2    
477  N N2    . G   A 13 ? 0.0704 0.1565 0.1393 0.0087  -0.0151 0.0233  2659 G   A N2    
478  N N3    . G   A 13 ? 0.0654 0.1341 0.1402 0.0174  -0.0187 0.0204  2659 G   A N3    
479  C C4    . G   A 13 ? 0.0696 0.1326 0.1459 0.0135  -0.0194 0.0190  2659 G   A C4    
491  P P     . A   A 14 ? 0.0795 0.1930 0.2429 -0.0094 -0.0377 0.0485  2660 A   A P     
492  O OP1   . A   A 14 ? 0.0893 0.2185 0.2905 -0.0143 -0.0279 0.0731  2660 A   A OP1   
493  O OP2   . A   A 14 ? 0.0941 0.1880 0.2582 -0.0218 -0.0602 0.0319  2660 A   A OP2   
494  O "O5'" . A   A 14 ? 0.0792 0.1854 0.2346 -0.0017 -0.0381 0.0325  2660 A   A "O5'" 
495  C "C5'" . A   A 14 ? 0.0937 0.1674 0.2548 0.0003  -0.0523 0.0101  2660 A   A "C5'" 
496  C "C4'" . A   A 14 ? 0.0911 0.1882 0.2396 -0.0061 -0.0303 0.0126  2660 A   A "C4'" 
497  O "O4'" . A   A 14 ? 0.0900 0.1999 0.2528 -0.0202 -0.0367 0.0283  2660 A   A "O4'" 
498  C "C3'" . A   A 14 ? 0.0938 0.1564 0.2399 -0.0048 -0.0194 0.0055  2660 A   A "C3'" 
499  O "O3'" . A   A 14 ? 0.0913 0.1416 0.2412 0.0032  -0.0133 0.0077  2660 A   A "O3'" 
500  C "C2'" . A   A 14 ? 0.1007 0.1556 0.2534 -0.0104 -0.0281 0.0176  2660 A   A "C2'" 
501  O "O2'" . A   A 14 ? 0.1107 0.1492 0.2720 -0.0134 -0.0314 0.0280  2660 A   A "O2'" 
502  C "C1'" . A   A 14 ? 0.0987 0.1764 0.2561 -0.0119 -0.0276 0.0318  2660 A   A "C1'" 
503  N N9    . A   A 14 ? 0.1011 0.1704 0.2658 -0.0147 -0.0006 0.0428  2660 A   A N9    
504  C C8    . A   A 14 ? 0.1061 0.1700 0.2706 0.0001  0.0190  0.0489  2660 A   A C8    
505  N N7    . A   A 14 ? 0.1084 0.1714 0.2546 -0.0077 0.0222  0.0567  2660 A   A N7    
506  C C5    . A   A 14 ? 0.1156 0.1529 0.2687 -0.0301 -0.0046 0.0438  2660 A   A C5    
507  C C6    . A   A 14 ? 0.1303 0.1535 0.2786 -0.0282 -0.0023 0.0150  2660 A   A C6    
508  N N6    . A   A 14 ? 0.1384 0.1822 0.3032 -0.0294 0.0039  0.0203  2660 A   A N6    
509  N N1    . A   A 14 ? 0.1417 0.2027 0.2578 -0.0113 -0.0162 0.0035  2660 A   A N1    
510  C C2    . A   A 14 ? 0.1405 0.2328 0.2504 0.0004  -0.0160 0.0109  2660 A   A C2    
511  N N3    . A   A 14 ? 0.1271 0.2161 0.2438 -0.0012 0.0008  0.0326  2660 A   A N3    
512  C C4    . A   A 14 ? 0.1093 0.1638 0.2612 -0.0287 -0.0016 0.0390  2660 A   A C4    
524  P P     . G   A 15 ? 0.0961 0.1603 0.1965 0.0061  -0.0139 0.0046  2661 G   A P     
525  O OP1   . G   A 15 ? 0.1134 0.1987 0.1938 0.0033  -0.0072 0.0040  2661 G   A OP1   
526  O OP2   . G   A 15 ? 0.0985 0.1693 0.2106 -0.0092 -0.0295 0.0203  2661 G   A OP2   
527  O "O5'" . G   A 15 ? 0.0944 0.1416 0.1974 0.0056  -0.0138 0.0074  2661 G   A "O5'" 
528  C "C5'" . G   A 15 ? 0.0884 0.1566 0.2091 0.0139  -0.0049 -0.0008 2661 G   A "C5'" 
529  C "C4'" . G   A 15 ? 0.0816 0.1363 0.1995 0.0071  -0.0101 0.0100  2661 G   A "C4'" 
530  O "O4'" . G   A 15 ? 0.0834 0.1299 0.2028 0.0040  -0.0163 0.0190  2661 G   A "O4'" 
531  C "C3'" . G   A 15 ? 0.0729 0.1295 0.1730 0.0118  -0.0064 0.0312  2661 G   A "C3'" 
532  O "O3'" . G   A 15 ? 0.0678 0.1428 0.1820 0.0196  -0.0108 0.0143  2661 G   A "O3'" 
533  C "C2'" . G   A 15 ? 0.0838 0.1258 0.1905 0.0158  -0.0242 0.0319  2661 G   A "C2'" 
534  O "O2'" . G   A 15 ? 0.0890 0.1447 0.1949 0.0269  -0.0217 0.0308  2661 G   A "O2'" 
535  C "C1'" . G   A 15 ? 0.0818 0.1180 0.1910 0.0126  -0.0274 0.0147  2661 G   A "C1'" 
536  N N9    . G   A 15 ? 0.0670 0.1328 0.1699 0.0136  -0.0281 0.0164  2661 G   A N9    
537  C C8    . G   A 15 ? 0.0607 0.1520 0.1618 0.0201  -0.0181 0.0127  2661 G   A C8    
538  N N7    . G   A 15 ? 0.0583 0.1376 0.1599 0.0077  -0.0198 0.0382  2661 G   A N7    
539  C C5    . G   A 15 ? 0.0622 0.1322 0.1638 0.0062  -0.0295 0.0314  2661 G   A C5    
540  C C6    . G   A 15 ? 0.0716 0.1335 0.1639 0.0151  -0.0288 0.0229  2661 G   A C6    
541  O O6    . G   A 15 ? 0.0824 0.1559 0.1839 0.0312  -0.0180 0.0286  2661 G   A O6    
542  N N1    . G   A 15 ? 0.0651 0.1497 0.1792 0.0097  -0.0226 0.0293  2661 G   A N1    
543  C C2    . G   A 15 ? 0.0643 0.1538 0.1687 0.0094  -0.0181 0.0261  2661 G   A C2    
544  N N2    . G   A 15 ? 0.0822 0.1750 0.1747 0.0229  -0.0150 0.0234  2661 G   A N2    
545  N N3    . G   A 15 ? 0.0656 0.1454 0.1601 0.0146  -0.0231 0.0349  2661 G   A N3    
546  C C4    . G   A 15 ? 0.0622 0.1277 0.1579 0.0037  -0.0233 0.0319  2661 G   A C4    
558  P P     . A   A 16 ? 0.0644 0.1546 0.1704 0.0258  -0.0130 0.0186  2662 A   A P     
559  O OP1   . A   A 16 ? 0.0660 0.1886 0.1841 0.0355  -0.0089 0.0183  2662 A   A OP1   
560  O OP2   . A   A 16 ? 0.0629 0.1644 0.1596 0.0230  -0.0111 0.0199  2662 A   A OP2   
561  O "O5'" . A   A 16 ? 0.0724 0.1503 0.1534 0.0260  -0.0246 0.0216  2662 A   A "O5'" 
562  C "C5'" . A   A 16 ? 0.0716 0.1720 0.1705 0.0236  -0.0127 0.0119  2662 A   A "C5'" 
563  C "C4'" . A   A 16 ? 0.0662 0.1548 0.1593 0.0127  -0.0145 0.0202  2662 A   A "C4'" 
564  O "O4'" . A   A 16 ? 0.0624 0.1497 0.1622 0.0173  -0.0109 0.0328  2662 A   A "O4'" 
565  C "C3'" . A   A 16 ? 0.0636 0.1648 0.1502 0.0048  -0.0248 0.0084  2662 A   A "C3'" 
566  O "O3'" . A   A 16 ? 0.0602 0.1860 0.1586 -0.0029 -0.0249 0.0246  2662 A   A "O3'" 
567  C "C2'" . A   A 16 ? 0.0673 0.1681 0.1496 0.0238  -0.0248 0.0136  2662 A   A "C2'" 
568  O "O2'" . A   A 16 ? 0.0760 0.2056 0.1526 0.0195  -0.0322 0.0248  2662 A   A "O2'" 
569  C "C1'" . A   A 16 ? 0.0664 0.1463 0.1649 0.0205  -0.0206 0.0196  2662 A   A "C1'" 
570  N N9    . A   A 16 ? 0.0521 0.1384 0.1587 0.0082  -0.0158 0.0261  2662 A   A N9    
571  C C8    . A   A 16 ? 0.0516 0.1374 0.1516 0.0073  -0.0174 0.0215  2662 A   A C8    
572  N N7    . A   A 16 ? 0.0514 0.1500 0.1568 0.0084  -0.0210 0.0224  2662 A   A N7    
573  C C5    . A   A 16 ? 0.0473 0.1568 0.1603 0.0055  -0.0170 0.0162  2662 A   A C5    
574  C C6    . A   A 16 ? 0.0580 0.1737 0.1828 0.0186  -0.0175 0.0259  2662 A   A C6    
575  N N6    . A   A 16 ? 0.0675 0.2157 0.1845 0.0192  -0.0184 0.0371  2662 A   A N6    
576  N N1    . A   A 16 ? 0.0618 0.1654 0.1837 0.0303  -0.0134 0.0246  2662 A   A N1    
577  C C2    . A   A 16 ? 0.0652 0.1721 0.1877 0.0306  -0.0230 0.0220  2662 A   A C2    
578  N N3    . A   A 16 ? 0.0543 0.1578 0.1640 0.0139  -0.0200 0.0225  2662 A   A N3    
579  C C4    . A   A 16 ? 0.0490 0.1410 0.1588 0.0032  -0.0162 0.0268  2662 A   A C4    
591  P P     . G   A 17 ? 0.0676 0.2008 0.1687 0.0077  -0.0357 0.0251  2663 G   A P     
592  O OP1   . G   A 17 ? 0.0760 0.2450 0.1929 -0.0045 -0.0325 0.0389  2663 G   A OP1   
593  O OP2   . G   A 17 ? 0.0769 0.2333 0.1699 0.0037  -0.0124 0.0248  2663 G   A OP2   
594  O "O5'" . G   A 17 ? 0.0881 0.1826 0.1603 0.0054  -0.0318 0.0279  2663 G   A "O5'" 
595  C "C5'" . G   A 17 ? 0.0929 0.1838 0.1697 0.0040  -0.0426 0.0687  2663 G   A "C5'" 
596  C "C4'" . G   A 17 ? 0.0915 0.1886 0.1720 -0.0014 -0.0511 0.0558  2663 G   A "C4'" 
597  O "O4'" . G   A 17 ? 0.0882 0.1693 0.1707 -0.0177 -0.0486 0.0457  2663 G   A "O4'" 
598  C "C3'" . G   A 17 ? 0.0921 0.1830 0.1658 -0.0151 -0.0466 0.0644  2663 G   A "C3'" 
599  O "O3'" . G   A 17 ? 0.1020 0.1893 0.1614 -0.0239 -0.0328 0.0576  2663 G   A "O3'" 
600  C "C2'" . G   A 17 ? 0.0785 0.1936 0.1728 -0.0156 -0.0401 0.0496  2663 G   A "C2'" 
601  O "O2'" . G   A 17 ? 0.0796 0.1982 0.1840 -0.0028 -0.0360 0.0557  2663 G   A "O2'" 
602  C "C1'" . G   A 17 ? 0.0773 0.1722 0.1757 -0.0190 -0.0342 0.0581  2663 G   A "C1'" 
603  N N9    . G   A 17 ? 0.0687 0.1722 0.1879 -0.0091 -0.0256 0.0611  2663 G   A N9    
604  C C8    . G   A 17 ? 0.0663 0.1768 0.1985 -0.0015 -0.0268 0.0470  2663 G   A C8    
605  N N7    . G   A 17 ? 0.0715 0.1654 0.1985 0.0016  -0.0337 0.0459  2663 G   A N7    
606  C C5    . G   A 17 ? 0.0693 0.1466 0.1811 -0.0097 -0.0301 0.0430  2663 G   A C5    
607  C C6    . G   A 17 ? 0.0689 0.1529 0.1796 -0.0088 -0.0201 0.0336  2663 G   A C6    
608  O O6    . G   A 17 ? 0.0653 0.1634 0.1845 -0.0156 -0.0217 0.0327  2663 G   A O6    
609  N N1    . G   A 17 ? 0.0634 0.1571 0.1656 -0.0114 -0.0237 0.0278  2663 G   A N1    
610  C C2    . G   A 17 ? 0.0669 0.1633 0.1681 -0.0045 -0.0259 0.0329  2663 G   A C2    
611  N N2    . G   A 17 ? 0.0686 0.2054 0.1633 0.0129  -0.0310 0.0267  2663 G   A N2    
612  N N3    . G   A 17 ? 0.0705 0.1652 0.1756 -0.0017 -0.0212 0.0411  2663 G   A N3    
613  C C4    . G   A 17 ? 0.0687 0.1673 0.1731 -0.0098 -0.0292 0.0433  2663 G   A C4    
625  P P     . G   A 18 ? 0.1076 0.1968 0.1698 -0.0323 -0.0263 0.0467  2664 G   A P     
626  O OP1   . G   A 18 ? 0.1340 0.2098 0.1747 -0.0395 -0.0320 0.0298  2664 G   A OP1   
627  O OP2   . G   A 18 ? 0.0927 0.2255 0.2176 -0.0398 -0.0292 0.0631  2664 G   A OP2   
628  O "O5'" . G   A 18 ? 0.1033 0.1837 0.1659 -0.0132 -0.0321 0.0499  2664 G   A "O5'" 
629  C "C5'" . G   A 18 ? 0.1007 0.1745 0.1488 -0.0097 -0.0254 0.0386  2664 G   A "C5'" 
630  C "C4'" . G   A 18 ? 0.0978 0.1632 0.1503 -0.0014 -0.0159 0.0300  2664 G   A "C4'" 
631  O "O4'" . G   A 18 ? 0.0917 0.1409 0.1598 0.0104  0.0047  0.0306  2664 G   A "O4'" 
632  C "C3'" . G   A 18 ? 0.1007 0.1391 0.1539 0.0025  -0.0146 0.0283  2664 G   A "C3'" 
633  O "O3'" . G   A 18 ? 0.1050 0.1413 0.1522 -0.0047 -0.0218 0.0314  2664 G   A "O3'" 
634  C "C2'" . G   A 18 ? 0.0934 0.1464 0.1517 0.0099  -0.0105 0.0247  2664 G   A "C2'" 
635  O "O2'" . G   A 18 ? 0.0970 0.1427 0.1566 0.0170  -0.0269 0.0166  2664 G   A "O2'" 
636  C "C1'" . G   A 18 ? 0.0967 0.1462 0.1695 0.0142  -0.0081 0.0316  2664 G   A "C1'" 
637  N N9    . G   A 18 ? 0.0909 0.1388 0.1765 0.0105  -0.0183 0.0297  2664 G   A N9    
638  C C8    . G   A 18 ? 0.0891 0.1526 0.2065 0.0108  -0.0280 0.0339  2664 G   A C8    
639  N N7    . G   A 18 ? 0.0811 0.1870 0.2122 0.0122  -0.0097 0.0425  2664 G   A N7    
640  C C5    . G   A 18 ? 0.0807 0.1580 0.2196 0.0079  0.0075  0.0415  2664 G   A C5    
641  C C6    . G   A 18 ? 0.0844 0.1560 0.2495 0.0142  0.0185  0.0427  2664 G   A C6    
642  O O6    . G   A 18 ? 0.0896 0.1975 0.2878 0.0328  0.0213  0.0346  2664 G   A O6    
643  N N1    . G   A 18 ? 0.0908 0.1726 0.2120 0.0160  0.0178  0.0271  2664 G   A N1    
644  C C2    . G   A 18 ? 0.0872 0.1635 0.1960 0.0081  0.0230  0.0242  2664 G   A C2    
645  N N2    . G   A 18 ? 0.0921 0.1518 0.2084 -0.0027 0.0217  0.0106  2664 G   A N2    
646  N N3    . G   A 18 ? 0.0883 0.1497 0.1813 0.0067  0.0036  0.0263  2664 G   A N3    
647  C C4    . G   A 18 ? 0.0818 0.1362 0.1971 0.0033  -0.0030 0.0229  2664 G   A C4    
659  P P     . A   A 19 ? 0.1098 0.1418 0.1534 -0.0063 -0.0377 0.0238  2665 A   A P     
660  O OP1   . A   A 19 ? 0.1302 0.1575 0.1794 -0.0033 -0.0437 0.0189  2665 A   A OP1   
661  O OP2   . A   A 19 ? 0.1046 0.1653 0.1987 -0.0159 -0.0566 0.0319  2665 A   A OP2   
662  O "O5'" . A   A 19 ? 0.0958 0.1446 0.1468 0.0084  -0.0344 0.0276  2665 A   A "O5'" 
663  C "C5'" . A   A 19 ? 0.0894 0.1370 0.1458 0.0195  -0.0203 0.0206  2665 A   A "C5'" 
664  C "C4'" . A   A 19 ? 0.0829 0.1459 0.1492 0.0133  -0.0215 0.0205  2665 A   A "C4'" 
665  O "O4'" . A   A 19 ? 0.0854 0.1577 0.1691 0.0090  -0.0263 0.0306  2665 A   A "O4'" 
666  C "C3'" . A   A 19 ? 0.0771 0.1451 0.1435 0.0190  -0.0213 0.0129  2665 A   A "C3'" 
667  O "O3'" . A   A 19 ? 0.0775 0.1394 0.1602 0.0299  -0.0150 0.0010  2665 A   A "O3'" 
668  C "C2'" . A   A 19 ? 0.0773 0.1530 0.1441 0.0113  -0.0077 0.0130  2665 A   A "C2'" 
669  O "O2'" . A   A 19 ? 0.0877 0.1808 0.1781 0.0161  0.0056  0.0284  2665 A   A "O2'" 
670  C "C1'" . A   A 19 ? 0.0748 0.1541 0.1694 -0.0008 -0.0180 0.0200  2665 A   A "C1'" 
671  N N9    . A   A 19 ? 0.0668 0.1489 0.1710 -0.0030 -0.0140 0.0234  2665 A   A N9    
672  C C8    . A   A 19 ? 0.0643 0.1472 0.1799 -0.0020 -0.0086 0.0000  2665 A   A C8    
673  N N7    . A   A 19 ? 0.0682 0.1285 0.2130 -0.0042 -0.0144 -0.0027 2665 A   A N7    
674  C C5    . A   A 19 ? 0.0749 0.1323 0.1814 -0.0056 -0.0127 0.0021  2665 A   A C5    
675  C C6    . A   A 19 ? 0.0837 0.1391 0.1811 -0.0070 -0.0098 -0.0037 2665 A   A C6    
676  N N6    . A   A 19 ? 0.0924 0.1513 0.1949 -0.0093 -0.0085 -0.0144 2665 A   A N6    
677  N N1    . A   A 19 ? 0.0808 0.1495 0.1747 -0.0180 -0.0190 0.0109  2665 A   A N1    
678  C C2    . A   A 19 ? 0.0764 0.1518 0.1656 -0.0086 -0.0170 0.0187  2665 A   A C2    
679  N N3    . A   A 19 ? 0.0660 0.1574 0.1626 -0.0114 -0.0157 0.0188  2665 A   A N3    
680  C C4    . A   A 19 ? 0.0665 0.1168 0.1914 -0.0072 -0.0177 0.0132  2665 A   A C4    
692  P P     . C   A 20 ? 0.0840 0.1314 0.1578 0.0230  -0.0082 0.0079  2666 C   A P     
693  O OP1   . C   A 20 ? 0.0878 0.1377 0.1838 0.0191  -0.0152 0.0102  2666 C   A OP1   
694  O OP2   . C   A 20 ? 0.0721 0.1412 0.1675 0.0230  0.0025  0.0130  2666 C   A OP2   
695  O "O5'" . C   A 20 ? 0.0723 0.1560 0.1591 0.0370  -0.0093 0.0194  2666 C   A "O5'" 
696  C "C5'" . C   A 20 ? 0.0689 0.1777 0.1556 0.0409  0.0049  0.0105  2666 C   A "C5'" 
697  C "C4'" . C   A 20 ? 0.0875 0.2207 0.1502 0.0510  -0.0047 0.0091  2666 C   A "C4'" 
698  O "O4'" . C   A 20 ? 0.0846 0.2037 0.1547 0.0411  -0.0077 0.0203  2666 C   A "O4'" 
699  C "C3'" . C   A 20 ? 0.1081 0.2240 0.1525 0.0762  0.0054  0.0160  2666 C   A "C3'" 
700  O "O3'" . C   A 20 ? 0.1355 0.2393 0.1588 0.0955  0.0121  0.0186  2666 C   A "O3'" 
701  C "C2'" . C   A 20 ? 0.0960 0.2565 0.1510 0.0663  0.0089  0.0020  2666 C   A "C2'" 
702  O "O2'" . C   A 20 ? 0.1060 0.3022 0.1905 0.0713  0.0001  -0.0204 2666 C   A "O2'" 
703  C "C1'" . C   A 20 ? 0.0855 0.2279 0.1233 0.0434  -0.0051 0.0094  2666 C   A "C1'" 
704  N N1    . C   A 20 ? 0.0729 0.1940 0.1311 0.0312  -0.0014 0.0124  2666 C   A N1    
705  C C2    . C   A 20 ? 0.0697 0.2085 0.1459 0.0346  -0.0042 0.0182  2666 C   A C2    
706  O O2    . C   A 20 ? 0.0677 0.2357 0.1620 0.0332  0.0011  0.0128  2666 C   A O2    
707  N N3    . C   A 20 ? 0.0668 0.2030 0.1404 0.0264  -0.0089 0.0124  2666 C   A N3    
708  C C4    . C   A 20 ? 0.0713 0.1776 0.1463 0.0375  -0.0013 0.0304  2666 C   A C4    
709  N N4    . C   A 20 ? 0.0800 0.1802 0.1627 0.0363  0.0015  0.0133  2666 C   A N4    
710  C C5    . C   A 20 ? 0.0628 0.1503 0.1610 0.0213  0.0049  0.0342  2666 C   A C5    
711  C C6    . C   A 20 ? 0.0635 0.1584 0.1505 0.0200  0.0056  0.0267  2666 C   A C6    
723  P P     . C   A 21 ? 0.1559 0.2210 0.1693 0.1068  0.0042  0.0057  2667 C   A P     
724  O OP1   . C   A 21 ? 0.1817 0.2430 0.2102 0.1212  0.0000  0.0051  2667 C   A OP1   
725  O OP2   . C   A 21 ? 0.1497 0.2002 0.1783 0.0676  -0.0096 0.0078  2667 C   A OP2   
726  O "O5'" . C   A 21 ? 0.1422 0.2214 0.1712 0.1001  0.0031  0.0195  2667 C   A "O5'" 
727  C "C5'" . C   A 21 ? 0.1433 0.2534 0.1900 0.1045  -0.0002 0.0134  2667 C   A "C5'" 
728  C "C4'" . C   A 21 ? 0.1341 0.2945 0.1558 0.0975  -0.0006 0.0207  2667 C   A "C4'" 
729  O "O4'" . C   A 21 ? 0.1310 0.2657 0.1912 0.0925  -0.0098 0.0289  2667 C   A "O4'" 
730  C "C3'" . C   A 21 ? 0.1298 0.2579 0.1671 0.0864  -0.0108 0.0395  2667 C   A "C3'" 
731  O "O3'" . C   A 21 ? 0.1258 0.2256 0.1931 0.0785  -0.0026 0.0584  2667 C   A "O3'" 
732  C "C2'" . C   A 21 ? 0.1334 0.2601 0.1737 0.0867  -0.0196 0.0355  2667 C   A "C2'" 
733  O "O2'" . C   A 21 ? 0.1462 0.2876 0.2167 0.0890  -0.0426 0.0304  2667 C   A "O2'" 
734  C "C1'" . C   A 21 ? 0.1306 0.2484 0.1752 0.0878  -0.0027 0.0418  2667 C   A "C1'" 
735  N N1    . C   A 21 ? 0.1318 0.2227 0.1540 0.0774  0.0063  0.0452  2667 C   A N1    
736  C C2    . C   A 21 ? 0.1426 0.2169 0.1667 0.0552  -0.0059 0.0336  2667 C   A C2    
737  O O2    . C   A 21 ? 0.1609 0.2588 0.1821 0.0555  -0.0173 0.0249  2667 C   A O2    
738  N N3    . C   A 21 ? 0.1372 0.1863 0.1800 0.0588  0.0089  0.0248  2667 C   A N3    
739  C C4    . C   A 21 ? 0.1299 0.1681 0.1893 0.0612  0.0150  0.0313  2667 C   A C4    
740  N N4    . C   A 21 ? 0.1242 0.1728 0.2235 0.0696  0.0335  0.0372  2667 C   A N4    
741  C C5    . C   A 21 ? 0.1291 0.1734 0.1788 0.0667  0.0074  0.0403  2667 C   A C5    
742  C C6    . C   A 21 ? 0.1264 0.1848 0.1577 0.0739  0.0090  0.0540  2667 C   A C6    
754  P P     . G   A 22 ? 0.1247 0.2417 0.2113 0.0890  -0.0182 0.0145  2668 G   A P     
755  O OP1   . G   A 22 ? 0.1297 0.2500 0.2293 0.0902  -0.0086 0.0356  2668 G   A OP1   
756  O OP2   . G   A 22 ? 0.1362 0.2866 0.2237 0.0863  -0.0466 -0.0191 2668 G   A OP2   
757  O "O5'" . G   A 22 ? 0.1145 0.2351 0.1911 0.0805  -0.0145 0.0228  2668 G   A "O5'" 
758  C "C5'" . G   A 22 ? 0.1132 0.2448 0.1853 0.0734  -0.0236 0.0289  2668 G   A "C5'" 
759  C "C4'" . G   A 22 ? 0.0985 0.2366 0.1844 0.0651  -0.0179 0.0250  2668 G   A "C4'" 
760  O "O4'" . G   A 22 ? 0.0736 0.2111 0.1850 0.0448  -0.0205 0.0085  2668 G   A "O4'" 
761  C "C3'" . G   A 22 ? 0.1120 0.2367 0.1934 0.0700  -0.0116 0.0499  2668 G   A "C3'" 
762  O "O3'" . G   A 22 ? 0.1332 0.2830 0.2791 0.0888  0.0079  0.0555  2668 G   A "O3'" 
763  C "C2'" . G   A 22 ? 0.1036 0.2521 0.1581 0.0623  -0.0211 0.0308  2668 G   A "C2'" 
764  O "O2'" . G   A 22 ? 0.1196 0.3154 0.1883 0.0752  -0.0133 0.0397  2668 G   A "O2'" 
765  C "C1'" . G   A 22 ? 0.0790 0.2203 0.1647 0.0428  -0.0283 0.0104  2668 G   A "C1'" 
766  N N9    . G   A 22 ? 0.0635 0.1704 0.1611 0.0376  -0.0244 0.0072  2668 G   A N9    
767  C C8    . G   A 22 ? 0.0651 0.1812 0.1704 0.0373  -0.0261 0.0031  2668 G   A C8    
768  N N7    . G   A 22 ? 0.0595 0.1594 0.1705 0.0403  -0.0116 0.0039  2668 G   A N7    
769  C C5    . G   A 22 ? 0.0533 0.1373 0.1543 0.0313  -0.0111 0.0137  2668 G   A C5    
770  C C6    . G   A 22 ? 0.0536 0.1367 0.1473 0.0230  -0.0200 0.0123  2668 G   A C6    
771  O O6    . G   A 22 ? 0.0606 0.1525 0.1567 0.0351  -0.0270 0.0070  2668 G   A O6    
772  N N1    . G   A 22 ? 0.0518 0.1437 0.1478 0.0257  -0.0160 0.0131  2668 G   A N1    
773  C C2    . G   A 22 ? 0.0553 0.1384 0.1345 0.0231  -0.0200 0.0159  2668 G   A C2    
774  N N2    . G   A 22 ? 0.0543 0.1600 0.1283 0.0312  -0.0092 0.0167  2668 G   A N2    
775  N N3    . G   A 22 ? 0.0589 0.1464 0.1480 0.0249  -0.0301 0.0173  2668 G   A N3    
776  C C4    . G   A 22 ? 0.0494 0.1511 0.1546 0.0194  -0.0195 0.0123  2668 G   A C4    
788  P P     . G   A 23 ? 0.1560 0.2566 0.3455 0.0831  0.0333  0.0893  2669 G   A P     
789  O OP1   . G   A 23 ? 0.1776 0.2702 0.3956 0.0835  -0.0027 0.1049  2669 G   A OP1   
790  O OP2   . G   A 23 ? 0.1562 0.2563 0.3706 0.0643  0.0472  0.0519  2669 G   A OP2   
791  O "O5'" . G   A 23 ? 0.1405 0.2420 0.2988 0.0792  0.0246  0.0838  2669 G   A "O5'" 
792  C "C5'" . G   A 23 ? 0.1250 0.2532 0.2478 0.0579  -0.0016 0.0861  2669 G   A "C5'" 
793  C "C4'" . G   A 23 ? 0.0963 0.2118 0.2162 0.0237  -0.0057 0.0811  2669 G   A "C4'" 
794  O "O4'" . G   A 23 ? 0.0801 0.1965 0.1780 0.0209  -0.0210 0.0565  2669 G   A "O4'" 
795  C "C3'" . G   A 23 ? 0.0981 0.1801 0.2482 0.0258  -0.0040 0.0787  2669 G   A "C3'" 
796  O "O3'" . G   A 23 ? 0.1128 0.1940 0.2921 0.0201  -0.0027 0.1125  2669 G   A "O3'" 
797  C "C2'" . G   A 23 ? 0.0860 0.1486 0.2195 0.0252  -0.0027 0.0532  2669 G   A "C2'" 
798  O "O2'" . G   A 23 ? 0.1009 0.1676 0.1968 0.0328  -0.0092 0.0487  2669 G   A "O2'" 
799  C "C1'" . G   A 23 ? 0.0746 0.1763 0.1807 0.0229  -0.0221 0.0400  2669 G   A "C1'" 
800  N N9    . G   A 23 ? 0.0645 0.1533 0.1896 0.0228  -0.0175 0.0187  2669 G   A N9    
801  C C8    . G   A 23 ? 0.0685 0.1685 0.1836 0.0357  -0.0264 0.0132  2669 G   A C8    
802  N N7    . G   A 23 ? 0.0636 0.1593 0.1847 0.0292  -0.0248 0.0120  2669 G   A N7    
803  C C5    . G   A 23 ? 0.0674 0.1435 0.1954 0.0275  -0.0276 0.0133  2669 G   A C5    
804  C C6    . G   A 23 ? 0.0730 0.1203 0.1862 0.0266  -0.0236 0.0054  2669 G   A C6    
805  O O6    . G   A 23 ? 0.0791 0.1566 0.1922 0.0275  -0.0268 -0.0020 2669 G   A O6    
806  N N1    . G   A 23 ? 0.0759 0.1222 0.1796 0.0222  -0.0300 0.0120  2669 G   A N1    
807  C C2    . G   A 23 ? 0.0664 0.1238 0.1676 0.0083  -0.0193 0.0171  2669 G   A C2    
808  N N2    . G   A 23 ? 0.0714 0.1259 0.1833 0.0088  -0.0310 0.0090  2669 G   A N2    
809  N N3    . G   A 23 ? 0.0641 0.1385 0.1761 0.0145  -0.0175 0.0195  2669 G   A N3    
810  C C4    . G   A 23 ? 0.0663 0.1367 0.1929 0.0247  -0.0250 0.0054  2669 G   A C4    
822  P P     . A   A 24 ? 0.1506 0.1849 0.3780 0.0357  0.0033  0.1143  2670 A   A P     
823  O OP1   . A   A 24 ? 0.1579 0.2268 0.3904 0.0107  -0.0122 0.1481  2670 A   A OP1   
824  O OP2   . A   A 24 ? 0.1693 0.1788 0.4636 0.0438  0.0103  0.0828  2670 A   A OP2   
825  O "O5'" . A   A 24 ? 0.1456 0.1795 0.3226 0.0239  0.0236  0.0731  2670 A   A "O5'" 
826  C "C5'" . A   A 24 ? 0.1412 0.1936 0.2465 0.0152  0.0303  0.0472  2670 A   A "C5'" 
827  C "C4'" . A   A 24 ? 0.1525 0.1560 0.2304 -0.0020 0.0149  0.0199  2670 A   A "C4'" 
828  O "O4'" . A   A 24 ? 0.1453 0.1430 0.2245 -0.0084 -0.0019 0.0141  2670 A   A "O4'" 
829  C "C3'" . A   A 24 ? 0.1744 0.1311 0.2896 -0.0158 0.0322  0.0096  2670 A   A "C3'" 
830  O "O3'" . A   A 24 ? 0.2345 0.1389 0.3875 -0.0234 0.0541  0.0159  2670 A   A "O3'" 
831  C "C2'" . A   A 24 ? 0.1475 0.1637 0.2508 -0.0093 0.0181  -0.0131 2670 A   A "C2'" 
832  O "O2'" . A   A 24 ? 0.1363 0.2034 0.2610 -0.0072 0.0195  -0.0183 2670 A   A "O2'" 
833  C "C1'" . A   A 24 ? 0.1392 0.1596 0.2226 -0.0022 0.0013  0.0032  2670 A   A "C1'" 
834  N N9    . A   A 24 ? 0.1214 0.1509 0.1858 0.0063  -0.0073 0.0096  2670 A   A N9    
835  C C8    . A   A 24 ? 0.1158 0.1577 0.1797 0.0133  -0.0084 -0.0032 2670 A   A C8    
836  N N7    . A   A 24 ? 0.1104 0.1423 0.2005 0.0152  -0.0213 -0.0009 2670 A   A N7    
837  C C5    . A   A 24 ? 0.1014 0.1388 0.1982 0.0046  -0.0241 -0.0019 2670 A   A C5    
838  C C6    . A   A 24 ? 0.0907 0.1249 0.2151 0.0064  -0.0247 -0.0012 2670 A   A C6    
839  N N6    . A   A 24 ? 0.0878 0.1583 0.2061 0.0166  -0.0233 -0.0082 2670 A   A N6    
840  N N1    . A   A 24 ? 0.0870 0.1312 0.2254 0.0002  -0.0231 0.0125  2670 A   A N1    
841  C C2    . A   A 24 ? 0.0892 0.1384 0.2235 -0.0054 -0.0147 0.0245  2670 A   A C2    
842  N N3    . A   A 24 ? 0.0996 0.1297 0.2229 0.0032  -0.0216 0.0229  2670 A   A N3    
843  C C4    . A   A 24 ? 0.1084 0.1236 0.2087 0.0002  -0.0223 0.0192  2670 A   A C4    
855  P P     . G   A 25 ? 0.2968 0.1942 0.4857 -0.0611 0.0681  0.0399  2671 G   A P     
856  O OP1   . G   A 25 ? 0.3126 0.2152 0.5100 -0.0630 0.0628  0.0448  2671 G   A OP1   
857  O OP2   . G   A 25 ? 0.3156 0.2038 0.5206 -0.0307 0.0561  0.0503  2671 G   A OP2   
858  O "O5'" . G   A 25 ? 0.3069 0.2554 0.4320 -0.1029 0.1039  0.0212  2671 G   A "O5'" 
859  C "C5'" . G   A 25 ? 0.3340 0.2911 0.3720 -0.1142 0.1161  -0.0146 2671 G   A "C5'" 
860  C "C4'" . G   A 25 ? 0.3573 0.2864 0.3216 -0.1374 0.1232  -0.0440 2671 G   A "C4'" 
861  O "O4'" . G   A 25 ? 0.3710 0.2707 0.3386 -0.1486 0.1355  -0.0643 2671 G   A "O4'" 
862  C "C3'" . G   A 25 ? 0.3642 0.2600 0.2824 -0.1394 0.1238  -0.0338 2671 G   A "C3'" 
863  O "O3'" . G   A 25 ? 0.3616 0.2687 0.2675 -0.1507 0.0756  -0.0011 2671 G   A "O3'" 
864  C "C2'" . G   A 25 ? 0.3836 0.2428 0.3158 -0.1206 0.1385  -0.0582 2671 G   A "C2'" 
865  O "O2'" . G   A 25 ? 0.3933 0.2703 0.3156 -0.0972 0.1476  -0.0573 2671 G   A "O2'" 
866  C "C1'" . G   A 25 ? 0.3866 0.2499 0.3372 -0.1263 0.1529  -0.0665 2671 G   A "C1'" 
867  N N9    . G   A 25 ? 0.4035 0.2126 0.3740 -0.1170 0.1725  -0.0500 2671 G   A N9    
868  C C8    . G   A 25 ? 0.4109 0.2141 0.3926 -0.1239 0.1593  -0.0516 2671 G   A C8    
869  N N7    . G   A 25 ? 0.4203 0.2090 0.4297 -0.1169 0.1608  -0.0667 2671 G   A N7    
870  C C5    . G   A 25 ? 0.4218 0.1933 0.4369 -0.0958 0.1738  -0.0639 2671 G   A C5    
871  C C6    . G   A 25 ? 0.4184 0.1906 0.4571 -0.0802 0.1913  -0.0731 2671 G   A C6    
872  O O6    . G   A 25 ? 0.4111 0.2109 0.4806 -0.0953 0.2003  -0.0924 2671 G   A O6    
873  N N1    . G   A 25 ? 0.4251 0.1698 0.4300 -0.0522 0.2001  -0.0347 2671 G   A N1    
874  C C2    . G   A 25 ? 0.4469 0.1678 0.4146 -0.0355 0.2158  -0.0290 2671 G   A C2    
875  N N2    . G   A 25 ? 0.4690 0.1886 0.4151 0.0035  0.2240  -0.0312 2671 G   A N2    
876  N N3    . G   A 25 ? 0.4354 0.1797 0.3928 -0.0624 0.2186  -0.0398 2671 G   A N3    
877  C C4    . G   A 25 ? 0.4212 0.1900 0.3988 -0.0930 0.1878  -0.0564 2671 G   A C4    
889  P P     . U   A 26 ? 0.3657 0.2545 0.2666 -0.1377 0.0144  0.0447  2672 U   A P     
890  O OP1   . U   A 26 ? 0.3697 0.2645 0.3244 -0.1385 0.0055  0.0318  2672 U   A OP1   
891  O OP2   . U   A 26 ? 0.3716 0.2761 0.2494 -0.1313 -0.0052 0.0719  2672 U   A OP2   
892  O "O5'" . U   A 26 ? 0.3690 0.2262 0.2469 -0.0675 0.0134  0.0376  2672 U   A "O5'" 
893  C "C5'" . U   A 26 ? 0.3704 0.2431 0.2552 -0.0069 0.0195  0.0046  2672 U   A "C5'" 
894  C "C4'" . U   A 26 ? 0.3723 0.2135 0.2712 0.0415  0.0197  -0.0225 2672 U   A "C4'" 
895  O "O4'" . U   A 26 ? 0.3802 0.1963 0.2561 0.0500  0.0444  -0.0231 2672 U   A "O4'" 
896  C "C3'" . U   A 26 ? 0.3598 0.1911 0.2805 0.0648  -0.0035 -0.0138 2672 U   A "C3'" 
897  O "O3'" . U   A 26 ? 0.3238 0.2320 0.2956 0.0585  -0.0434 -0.0436 2672 U   A "O3'" 
898  C "C2'" . U   A 26 ? 0.3806 0.2104 0.2616 0.0855  0.0139  -0.0134 2672 U   A "C2'" 
899  O "O2'" . U   A 26 ? 0.3963 0.2367 0.2586 0.1335  -0.0029 -0.0155 2672 U   A "O2'" 
900  C "C1'" . U   A 26 ? 0.3829 0.1937 0.2572 0.0355  0.0467  -0.0128 2672 U   A "C1'" 
901  N N1    . U   A 26 ? 0.3940 0.1489 0.2598 -0.0187 0.0613  -0.0073 2672 U   A N1    
902  C C2    . U   A 26 ? 0.4089 0.1315 0.2555 -0.0175 0.0708  -0.0159 2672 U   A C2    
903  O O2    . U   A 26 ? 0.4324 0.1471 0.2387 0.0130  0.0674  -0.0044 2672 U   A O2    
904  N N3    . U   A 26 ? 0.3947 0.1293 0.3038 -0.0631 0.0754  -0.0229 2672 U   A N3    
905  C C4    . U   A 26 ? 0.3868 0.1658 0.3266 -0.0794 0.0833  -0.0305 2672 U   A C4    
906  O O4    . U   A 26 ? 0.3765 0.1886 0.3439 -0.0956 0.1031  -0.0499 2672 U   A O4    
907  C C5    . U   A 26 ? 0.3881 0.1703 0.3130 -0.0735 0.0778  -0.0086 2672 U   A C5    
908  C C6    . U   A 26 ? 0.3915 0.1631 0.2701 -0.0523 0.0677  -0.0184 2672 U   A C6    
919  P P     . G   A 27 ? 0.2788 0.2354 0.2981 0.0219  -0.0758 -0.0446 2673 G   A P     
920  O OP1   . G   A 27 ? 0.2713 0.3039 0.3021 -0.0059 -0.0786 -0.0646 2673 G   A OP1   
921  O OP2   . G   A 27 ? 0.2808 0.2239 0.3162 0.0087  -0.0848 -0.0192 2673 G   A OP2   
922  O "O5'" . G   A 27 ? 0.2388 0.2203 0.2892 0.0434  -0.0689 -0.0391 2673 G   A "O5'" 
923  C "C5'" . G   A 27 ? 0.2072 0.2312 0.2518 0.0546  -0.0709 -0.0563 2673 G   A "C5'" 
924  C "C4'" . G   A 27 ? 0.1779 0.1959 0.2627 0.0779  -0.0636 -0.0413 2673 G   A "C4'" 
925  O "O4'" . G   A 27 ? 0.1719 0.1829 0.2356 0.0815  -0.0549 -0.0194 2673 G   A "O4'" 
926  C "C3'" . G   A 27 ? 0.1630 0.1798 0.3180 0.0627  -0.0690 -0.0371 2673 G   A "C3'" 
927  O "O3'" . G   A 27 ? 0.1610 0.1762 0.4232 0.0537  -0.0647 -0.0462 2673 G   A "O3'" 
928  C "C2'" . G   A 27 ? 0.1704 0.1935 0.2713 0.0659  -0.0769 -0.0296 2673 G   A "C2'" 
929  O "O2'" . G   A 27 ? 0.1721 0.2268 0.2708 0.0700  -0.0737 -0.0566 2673 G   A "O2'" 
930  C "C1'" . G   A 27 ? 0.1697 0.1719 0.2489 0.0694  -0.0626 -0.0114 2673 G   A "C1'" 
931  N N9    . G   A 27 ? 0.1671 0.1419 0.2211 0.0405  -0.0458 0.0045  2673 G   A N9    
932  C C8    . G   A 27 ? 0.1627 0.1319 0.2189 0.0283  -0.0383 -0.0003 2673 G   A C8    
933  N N7    . G   A 27 ? 0.1545 0.1211 0.2516 0.0178  -0.0301 -0.0003 2673 G   A N7    
934  C C5    . G   A 27 ? 0.1569 0.1284 0.2501 0.0162  -0.0352 0.0050  2673 G   A C5    
935  C C6    . G   A 27 ? 0.1554 0.1345 0.2671 0.0050  -0.0417 0.0032  2673 G   A C6    
936  O O6    . G   A 27 ? 0.1572 0.1543 0.2720 0.0014  -0.0474 -0.0005 2673 G   A O6    
937  N N1    . G   A 27 ? 0.1488 0.1284 0.2685 0.0078  -0.0299 0.0043  2673 G   A N1    
938  C C2    . G   A 27 ? 0.1577 0.1245 0.2573 0.0152  -0.0265 0.0208  2673 G   A C2    
939  N N2    . G   A 27 ? 0.1660 0.1624 0.2167 0.0443  -0.0229 0.0092  2673 G   A N2    
940  N N3    . G   A 27 ? 0.1640 0.1179 0.2573 0.0235  -0.0332 0.0163  2673 G   A N3    
941  C C4    . G   A 27 ? 0.1633 0.1186 0.2427 0.0270  -0.0349 0.0046  2673 G   A C4    
954  C C1    . GOL B .  ? 0.1647 0.2491 0.2990 0.0549  -0.0129 -0.0039 2701 GOL A C1    
955  O O1    . GOL B .  ? 0.1849 0.2725 0.2824 0.0676  -0.0209 -0.0169 2701 GOL A O1    
956  C C2    . GOL B .  ? 0.1394 0.2253 0.3114 0.0280  -0.0117 0.0086  2701 GOL A C2    
957  O O2    . GOL B .  ? 0.1221 0.2072 0.3035 -0.0067 -0.0243 -0.0027 2701 GOL A O2    
958  C C3    . GOL B .  ? 0.1342 0.2258 0.3247 0.0210  -0.0088 0.0131  2701 GOL A C3    
959  O O3    . GOL B .  ? 0.1254 0.1804 0.3581 -0.0034 -0.0055 0.0228  2701 GOL A O3    
960  S S     . SO4 C .  ? 0.4528 0.3864 0.3130 0.1281  -0.0242 -0.0915 2702 SO4 A S     
961  O O1    . SO4 C .  ? 0.4545 0.4275 0.3457 0.1200  -0.0312 -0.0823 2702 SO4 A O1    
962  O O2    . SO4 C .  ? 0.4540 0.4287 0.3117 0.1267  -0.0152 -0.0877 2702 SO4 A O2    
963  O O3    . SO4 C .  ? 0.4504 0.3377 0.3438 0.1259  -0.0233 -0.1052 2702 SO4 A O3    
964  O O4    . SO4 C .  ? 0.4504 0.3919 0.2572 0.1188  -0.0267 -0.1015 2702 SO4 A O4    
965  O O     . HOH D .  ? 0.1022 0.1493 0.1972 0.0316  -0.0112 0.0302  2801 HOH A O     
966  O O     . HOH D .  ? 0.0852 0.1402 0.1925 0.0342  0.0216  0.0136  2802 HOH A O     
967  O O     . HOH D .  ? 0.1055 0.1617 0.1675 0.0357  -0.0180 0.0163  2803 HOH A O     
968  O O     . HOH D .  ? 0.0912 0.2265 0.1784 0.0454  -0.0132 0.0193  2804 HOH A O     
969  O O     . HOH D .  ? 0.0900 0.1864 0.2117 0.0133  -0.0123 0.0158  2805 HOH A O     
970  O O     . HOH D .  ? 0.0659 0.1833 0.2269 0.0226  0.0029  0.0297  2806 HOH A O     
971  O O     . HOH D .  ? 0.0762 0.2348 0.2074 0.0075  -0.0095 0.0119  2807 HOH A O     
972  O O     . HOH D .  ? 0.0886 0.2716 0.2078 0.0119  -0.0161 -0.0467 2808 HOH A O     
973  O O     . HOH D .  ? 0.1548 0.2312 0.2420 0.0379  -0.0284 0.0655  2809 HOH A O     
974  O O     . HOH D .  ? 0.1147 0.2421 0.2545 0.0254  0.0236  0.0339  2810 HOH A O     
975  O O     . HOH D .  ? 0.2052 0.2040 0.2305 0.0387  -0.0481 0.0016  2811 HOH A O     
976  O O     . HOH D .  ? 0.1364 0.2324 0.2176 0.0355  -0.0284 -0.0125 2812 HOH A O     
977  O O     . HOH D .  ? 0.1379 0.1977 0.2871 0.0517  0.0182  0.0032  2813 HOH A O     
978  O O     . HOH D .  ? 0.1817 0.2633 0.2471 -0.0515 0.0870  -0.0216 2814 HOH A O     
979  O O     . HOH D .  ? 0.1310 0.2096 0.4204 0.0155  -0.0072 -0.0149 2815 HOH A O     
980  O O     . HOH D .  ? 0.1929 0.2005 0.2851 -0.0075 0.0115  -0.0418 2816 HOH A O     
981  O O     . HOH D .  ? 0.1391 0.3271 0.2888 0.0520  0.0059  -0.0416 2817 HOH A O     
982  O O     . HOH D .  ? 0.2182 0.2222 0.2506 0.0214  -0.0496 0.0054  2818 HOH A O     
983  O O     . HOH D .  ? 0.2439 0.1957 0.1847 0.0043  -0.0038 0.0217  2819 HOH A O     
984  O O     . HOH D .  ? 0.1506 0.2669 0.3118 0.0001  -0.0340 -0.0122 2820 HOH A O     
985  O O     . HOH D .  ? 0.2674 0.3685 0.2286 0.0697  -0.0715 0.0774  2821 HOH A O     
986  O O     . HOH D .  ? 0.1441 0.2299 0.2348 0.0440  -0.0048 -0.0003 2822 HOH A O     
987  O O     . HOH D .  ? 0.1239 0.2545 0.2927 0.0083  -0.0223 -0.0711 2823 HOH A O     
988  O O     . HOH D .  ? 0.1647 0.4833 0.2490 0.0946  0.0268  0.1114  2824 HOH A O     
989  O O     . HOH D .  ? 0.1516 0.4026 0.3385 0.0872  -0.0436 0.0468  2825 HOH A O     
990  O O     . HOH D .  ? 0.3166 0.2787 0.2882 0.0528  -0.0190 0.0152  2826 HOH A O     
991  O O     . HOH D .  ? 0.2051 0.2323 0.2977 0.0465  0.0128  0.0409  2827 HOH A O     
992  O O     . HOH D .  ? 0.2510 0.2294 0.2753 -0.0391 0.0725  -0.0478 2828 HOH A O     
993  O O     . HOH D .  ? 0.1734 0.3086 0.3214 0.0626  -0.1114 -0.0637 2829 HOH A O     
994  O O     . HOH D .  ? 0.1434 0.3107 0.3401 0.0751  -0.0726 -0.0286 2830 HOH A O     
995  O O     . HOH D .  ? 0.2056 0.2497 0.2591 -0.0073 -0.0286 0.0070  2831 HOH A O     
996  O O     . HOH D .  ? 0.2277 0.3447 0.3192 0.0591  -0.0314 0.0691  2832 HOH A O     
997  O O     . HOH D .  ? 0.1794 0.4012 0.2606 0.1059  -0.0116 0.0940  2833 HOH A O     
998  O O     . HOH D .  ? 0.2910 0.2860 0.3409 0.1306  -0.0807 -0.0062 2834 HOH A O     
999  O O     . HOH D .  ? 0.2339 0.4984 0.3103 0.0637  0.0143  -0.1012 2835 HOH A O     
1000 O O     . HOH D .  ? 0.3782 0.3775 0.3391 0.1693  0.0792  0.1354  2836 HOH A O     
1001 O O     . HOH D .  ? 0.1430 0.2106 0.3535 0.0234  0.0204  0.0154  2837 HOH A O     
1002 O O     . HOH D .  ? 0.3877 0.1861 0.2661 0.0443  -0.1345 -0.0084 2838 HOH A O     
1003 O O     . HOH D .  ? 0.4102 0.2577 0.2584 -0.0819 0.0076  -0.0525 2839 HOH A O     
1004 O O     . HOH D .  ? 0.2512 0.3708 0.3671 -0.0804 0.0412  0.0318  2840 HOH A O     
1005 O O     . HOH D .  ? 0.2243 0.3198 0.4178 0.0039  -0.1186 0.0070  2841 HOH A O     
1006 O O     . HOH D .  ? 0.1382 0.4683 0.2692 0.0660  -0.0038 -0.0457 2842 HOH A O     
1007 O O     . HOH D .  ? 0.1294 0.2955 0.3137 0.0062  0.0151  0.0264  2843 HOH A O     
1008 O O     . HOH D .  ? 0.1591 0.3546 0.4098 -0.0408 -0.0336 0.1055  2844 HOH A O     
1009 O O     . HOH D .  ? 0.1811 0.4134 0.4131 0.1110  0.0392  0.0996  2845 HOH A O     
1010 O O     . HOH D .  ? 0.1972 0.4511 0.2591 -0.1373 -0.0219 0.0091  2846 HOH A O     
1011 O O     . HOH D .  ? 0.3174 0.4648 0.2501 -0.1328 0.0450  -0.1187 2847 HOH A O     
1012 O O     . HOH D .  ? 0.2729 0.4206 0.5379 -0.0012 -0.1348 -0.0246 2848 HOH A O     
1013 O O     . HOH D .  ? 0.3310 0.6022 0.2821 0.0406  0.0914  -0.1031 2849 HOH A O     
1014 O O     A HOH D .  ? 0.1532 0.3426 0.2682 -0.0451 -0.0981 0.0003  2850 HOH A O     
1015 O O     B HOH D .  ? 0.1176 0.3852 0.2694 -0.0466 -0.0142 0.0845  2850 HOH A O     
1016 O O     . HOH D .  ? 0.2297 0.3448 0.2512 -0.0279 0.0291  0.0363  2851 HOH A O     
1017 O O     . HOH D .  ? 0.1539 0.4816 0.3930 0.0697  0.0633  0.0060  2852 HOH A O     
1018 O O     . HOH D .  ? 0.4876 0.2432 0.4153 -0.0760 -0.1253 0.0554  2853 HOH A O     
1019 O O     . HOH D .  ? 0.4628 0.2906 0.2607 -0.0455 -0.0096 -0.0008 2854 HOH A O     
1020 O O     . HOH D .  ? 0.2139 0.3755 0.3990 0.0127  -0.0157 0.1090  2855 HOH A O     
1021 O O     . HOH D .  ? 0.1788 0.2570 0.3537 -0.0149 -0.0434 0.0710  2856 HOH A O     
1022 O O     . HOH D .  ? 0.5577 0.4099 0.2155 0.1711  -0.1205 -0.0430 2857 HOH A O     
1023 O O     . HOH D .  ? 0.1934 0.4109 0.5446 -0.0296 -0.0977 0.1549  2858 HOH A O     
1024 O O     . HOH D .  ? 0.3048 0.3494 0.2521 0.0409  -0.0532 0.0222  2859 HOH A O     
1025 O O     . HOH D .  ? 0.2049 0.5666 0.2921 -0.0687 -0.0291 -0.1432 2860 HOH A O     
1026 O O     . HOH D .  ? 0.3180 0.3628 0.2910 0.0732  -0.1007 0.0411  2861 HOH A O     
1027 O O     . HOH D .  ? 0.3884 0.4662 0.2602 0.1993  0.0334  0.0438  2862 HOH A O     
1028 O O     . HOH D .  ? 0.2162 0.2087 0.5257 0.0661  0.0251  -0.0274 2863 HOH A O     
1029 O O     . HOH D .  ? 0.2561 0.4380 0.3264 -0.1070 -0.0484 0.0660  2864 HOH A O     
1030 O O     . HOH D .  ? 0.4850 0.2955 0.2951 -0.0808 -0.0646 0.0242  2865 HOH A O     
1031 O O     . HOH D .  ? 0.4347 0.4179 0.3509 -0.1592 0.0899  -0.0945 2866 HOH A O     
1032 O O     . HOH D .  ? 0.3270 0.5487 0.5401 -0.2013 -0.0825 0.0619  2867 HOH A O     
1033 O O     . HOH D .  ? 0.3365 0.3566 0.4229 -0.0028 -0.1344 0.0293  2868 HOH A O     
1034 O O     . HOH D .  ? 0.2771 0.3132 0.4870 0.0448  0.0519  0.0509  2869 HOH A O     
1035 O O     . HOH D .  ? 0.3082 0.4929 0.3746 0.0909  -0.0426 0.1375  2870 HOH A O     
1036 O O     . HOH D .  ? 0.2287 0.4434 0.3993 0.1177  -0.1220 -0.0895 2871 HOH A O     
1037 O O     . HOH D .  ? 0.1990 0.3858 0.4422 0.0393  0.0415  0.1586  2872 HOH A O     
1038 O O     . HOH D .  ? 0.2564 0.2567 0.6739 0.0787  0.0821  0.0303  2873 HOH A O     
1039 O O     . HOH D .  ? 0.3026 0.3559 0.3571 0.1558  0.1252  0.1761  2874 HOH A O     
1040 O O     . HOH D .  ? 0.2008 0.4831 0.3190 0.0805  0.0451  0.0363  2875 HOH A O     
1041 O O     . HOH D .  ? 0.2607 0.4105 0.2491 -0.0259 -0.0443 0.0002  2876 HOH A O     
1042 O O     . HOH D .  ? 0.5843 0.3774 0.3167 0.2582  0.1238  0.0881  2877 HOH A O     
1043 O O     . HOH D .  ? 0.5154 0.2532 0.4902 0.0685  0.1864  0.0333  2878 HOH A O     
1044 O O     . HOH D .  ? 0.3331 0.3137 0.3546 -0.0008 0.0201  0.0563  2879 HOH A O     
1045 O O     . HOH D .  ? 0.4054 0.4177 0.3145 0.0580  0.0919  0.0053  2880 HOH A O     
1046 O O     . HOH D .  ? 0.1544 0.5069 0.3535 0.0108  -0.0108 0.1595  2881 HOH A O     
1047 O O     . HOH D .  ? 0.4099 0.3971 0.5451 -0.1026 -0.1294 0.0242  2882 HOH A O     
1048 O O     . HOH D .  ? 0.2065 0.4097 0.5779 0.0049  0.1375  -0.0561 2883 HOH A O     
1049 O O     . HOH D .  ? 0.2863 0.6353 0.3538 -0.1940 0.0621  -0.0010 2884 HOH A O     
1050 O O     . HOH D .  ? 0.2105 0.3733 0.3262 0.0766  -0.0066 0.0746  2885 HOH A O     
1051 O O     . HOH D .  ? 0.4829 0.3512 0.4116 0.1562  -0.0120 0.1604  2886 HOH A O     
1052 O O     . HOH D .  ? 0.3636 0.3591 0.3494 0.0654  -0.1258 -0.0658 2887 HOH A O     
1053 O O     . HOH D .  ? 0.4144 0.3460 0.5759 -0.0857 0.0679  -0.0166 2888 HOH A O     
1054 O O     . HOH D .  ? 0.4673 0.4661 0.4132 0.0276  -0.0227 0.1084  2889 HOH A O     
1055 O O     . HOH D .  ? 0.4233 0.2993 0.5613 -0.0805 -0.0136 -0.0806 2890 HOH A O     
1056 O O     . HOH D .  ? 0.4162 0.6283 0.3084 -0.0467 0.0448  0.0024  2891 HOH A O     
1057 O O     . HOH D .  ? 0.3812 0.3689 0.4863 0.1599  -0.0326 -0.0326 2892 HOH A O     
1058 O O     . HOH D .  ? 0.4587 0.4895 0.3861 0.0323  0.0255  -0.1133 2893 HOH A O     
1059 O O     . HOH D .  ? 0.3364 0.5500 0.5363 0.0264  0.0704  -0.0868 2894 HOH A O     
1060 O O     . HOH D .  ? 0.5517 0.2932 0.3829 0.0640  -0.0999 -0.0411 2895 HOH A O     
1061 O O     . HOH D .  ? 0.1764 0.5487 0.2834 0.0615  0.0608  0.0078  2896 HOH A O     
1062 O O     . HOH D .  ? 0.2288 0.3061 0.3774 0.0102  -0.0698 0.0349  2897 HOH A O     
1063 O O     . HOH D .  ? 0.4865 0.4051 0.4335 0.1032  0.1120  -0.0685 2898 HOH A O     
1064 O O     . HOH D .  ? 0.4239 0.4627 0.3678 0.1015  0.1523  -0.0352 2899 HOH A O     
1065 O O     . HOH D .  ? 0.3873 0.3972 0.5311 -0.0847 0.0285  0.1540  2900 HOH A O     
1066 O O     . HOH D .  ? 0.5106 0.4182 0.3405 -0.0151 0.0090  -0.0088 2901 HOH A O     
1067 O O     . HOH D .  ? 0.3789 0.4530 0.6360 -0.2431 0.0153  0.0066  2902 HOH A O     
1068 O O     . HOH D .  ? 0.2981 0.3916 0.6107 0.1167  0.1691  0.0989  2903 HOH A O     
1069 O O     . HOH D .  ? 0.4300 0.5556 0.4671 0.0759  0.1167  -0.0376 2904 HOH A O     
1070 O O     . HOH D .  ? 0.3979 0.6471 0.5212 -0.1040 0.0419  -0.0099 2905 HOH A O     
1071 O O     . HOH D .  ? 0.4383 0.4128 0.4674 0.0151  0.0183  -0.1522 2906 HOH A O     
1072 O O     . HOH D .  ? 0.5516 0.4529 0.4570 -0.0803 -0.0383 0.0350  2907 HOH A O     
1073 O O     . HOH D .  ? 0.4854 0.4295 0.4522 -0.0911 0.0189  -0.2102 2908 HOH A O     
1074 O O     . HOH D .  ? 0.4363 0.3290 0.4648 -0.0346 0.0716  -0.0757 2909 HOH A O     
1075 O O     . HOH D .  ? 0.3403 0.4804 0.4355 0.0801  0.0509  0.0753  2910 HOH A O     
1076 O O     . HOH D .  ? 0.4268 0.4658 0.4772 0.0933  0.1546  -0.0533 2911 HOH A O     
1077 O O     . HOH D .  ? 0.4475 0.4011 0.3553 -0.0990 0.0278  0.0866  2912 HOH A O     
1078 O O     . HOH D .  ? 0.4871 0.3326 0.4516 0.1113  -0.0435 -0.0298 2913 HOH A O     
1079 O O     A HOH D .  ? 0.4360 0.3533 0.3019 0.0577  -0.0738 -0.1658 2914 HOH A O     
1080 O O     B HOH D .  ? 0.1211 0.4359 0.2153 0.0161  -0.0315 -0.0407 2914 HOH A O     
1081 O O     . HOH D .  ? 0.5544 0.3059 0.5515 0.0429  -0.0454 0.0160  2915 HOH A O     
1082 O O     . HOH D .  ? 0.3455 0.3441 0.2769 0.0519  0.0823  -0.0676 2916 HOH A O     
1083 O O     . HOH D .  ? 0.5601 0.6326 0.3765 0.0072  -0.0050 -0.0415 2917 HOH A O     
1084 O O     . HOH D .  ? 0.6380 0.3644 0.5016 0.0930  0.0336  -0.0535 2918 HOH A O     
1085 O O     . HOH D .  ? 0.5465 0.6074 0.5497 0.0303  0.0464  -0.0199 2919 HOH A O     
1086 O O     . HOH D .  ? 0.4461 0.5032 0.5351 0.0412  0.0396  -0.0442 2920 HOH A O     
1087 O O     . HOH D .  ? 0.4541 0.5096 0.3388 -0.1712 -0.1463 0.0879  2921 HOH A O     
1088 O O     . HOH D .  ? 0.4736 0.5357 0.4564 -0.0652 -0.1939 -0.0178 2922 HOH A O     
1089 O O     . HOH D .  ? 0.4569 0.4120 0.5654 -0.1744 -0.1090 -0.0381 2923 HOH A O     
1090 O O     . HOH D .  ? 0.4005 0.4379 0.6169 0.0376  0.0984  0.0438  2924 HOH A O     
1091 O O     . HOH D .  ? 0.3284 0.5547 0.5131 0.1204  -0.0886 0.0677  2925 HOH A O     
1092 O O     . HOH D .  ? 0.2675 0.5156 0.6124 0.0374  -0.0686 0.0088  2926 HOH A O     
1093 O O     . HOH D .  ? 0.3678 0.4241 0.6455 0.1521  0.0391  -0.0848 2927 HOH A O     
1094 O O     . HOH D .  ? 0.4616 0.4186 0.7026 -0.0873 0.0465  0.1277  2928 HOH A O     
1095 O O     . HOH D .  ? 0.1849 0.5294 0.3792 0.1192  -0.0089 -0.0652 2929 HOH A O     
1096 O O     . HOH D .  ? 0.3510 0.3201 0.7411 -0.0234 0.1989  -0.0750 2930 HOH A O     
# 
loop_
_pdbx_poly_seq_scheme.asym_id 
_pdbx_poly_seq_scheme.entity_id 
_pdbx_poly_seq_scheme.seq_id 
_pdbx_poly_seq_scheme.mon_id 
_pdbx_poly_seq_scheme.ndb_seq_num 
_pdbx_poly_seq_scheme.pdb_seq_num 
_pdbx_poly_seq_scheme.auth_seq_num 
_pdbx_poly_seq_scheme.pdb_mon_id 
_pdbx_poly_seq_scheme.auth_mon_id 
_pdbx_poly_seq_scheme.pdb_strand_id 
_pdbx_poly_seq_scheme.pdb_ins_code 
_pdbx_poly_seq_scheme.hetero 
A 1 1  U   1  2647 2647 U   U   A . n 
A 1 2  G   2  2648 2648 G   G   A . n 
A 1 3  C   3  2649 2649 C   C   A . n 
A 1 4  6FU 4  2650 2650 6FU 6FU A . n 
A 1 5  C   5  2651 2651 C   C   A . n 
A 1 6  C   6  2652 2652 C   C   A . n 
A 1 7  U   7  2653 2653 U   U   A . n 
A 1 8  A   8  2654 2654 A   A   A . n 
A 1 9  G   9  2655 2655 G   G   A . n 
A 1 10 U   10 2656 2656 U   U   A . n 
A 1 11 A   11 2657 2657 A   A   A . n 
A 1 12 C   12 2658 2658 C   C   A . n 
A 1 13 G   13 2659 2659 G   G   A . n 
A 1 14 A   14 2660 2660 A   A   A . n 
A 1 15 G   15 2661 2661 G   G   A . n 
A 1 16 A   16 2662 2662 A   A   A . n 
A 1 17 G   17 2663 2663 G   G   A . n 
A 1 18 G   18 2664 2664 G   G   A . n 
A 1 19 A   19 2665 2665 A   A   A . n 
A 1 20 C   20 2666 2666 C   C   A . n 
A 1 21 C   21 2667 2667 C   C   A . n 
A 1 22 G   22 2668 2668 G   G   A . n 
A 1 23 G   23 2669 2669 G   G   A . n 
A 1 24 A   24 2670 2670 A   A   A . n 
A 1 25 G   25 2671 2671 G   G   A . n 
A 1 26 U   26 2672 2672 U   U   A . n 
A 1 27 G   27 2673 2673 G   G   A . n 
# 
loop_
_pdbx_nonpoly_scheme.asym_id 
_pdbx_nonpoly_scheme.entity_id 
_pdbx_nonpoly_scheme.mon_id 
_pdbx_nonpoly_scheme.ndb_seq_num 
_pdbx_nonpoly_scheme.pdb_seq_num 
_pdbx_nonpoly_scheme.auth_seq_num 
_pdbx_nonpoly_scheme.pdb_mon_id 
_pdbx_nonpoly_scheme.auth_mon_id 
_pdbx_nonpoly_scheme.pdb_strand_id 
_pdbx_nonpoly_scheme.pdb_ins_code 
B 2 GOL 1   2701 1   GOL GOL A . 
C 3 SO4 1   2702 1   SO4 SO4 A . 
D 4 HOH 1   2801 1   HOH HOH A . 
D 4 HOH 2   2802 2   HOH HOH A . 
D 4 HOH 3   2803 3   HOH HOH A . 
D 4 HOH 4   2804 4   HOH HOH A . 
D 4 HOH 5   2805 5   HOH HOH A . 
D 4 HOH 6   2806 6   HOH HOH A . 
D 4 HOH 7   2807 7   HOH HOH A . 
D 4 HOH 8   2808 8   HOH HOH A . 
D 4 HOH 9   2809 9   HOH HOH A . 
D 4 HOH 10  2810 10  HOH HOH A . 
D 4 HOH 11  2811 11  HOH HOH A . 
D 4 HOH 12  2812 12  HOH HOH A . 
D 4 HOH 13  2813 13  HOH HOH A . 
D 4 HOH 14  2814 14  HOH HOH A . 
D 4 HOH 15  2815 15  HOH HOH A . 
D 4 HOH 16  2816 16  HOH HOH A . 
D 4 HOH 17  2817 17  HOH HOH A . 
D 4 HOH 18  2818 18  HOH HOH A . 
D 4 HOH 19  2819 19  HOH HOH A . 
D 4 HOH 20  2820 20  HOH HOH A . 
D 4 HOH 21  2821 21  HOH HOH A . 
D 4 HOH 22  2822 22  HOH HOH A . 
D 4 HOH 23  2823 23  HOH HOH A . 
D 4 HOH 24  2824 24  HOH HOH A . 
D 4 HOH 25  2825 25  HOH HOH A . 
D 4 HOH 26  2826 26  HOH HOH A . 
D 4 HOH 27  2827 27  HOH HOH A . 
D 4 HOH 28  2828 28  HOH HOH A . 
D 4 HOH 29  2829 29  HOH HOH A . 
D 4 HOH 30  2830 30  HOH HOH A . 
D 4 HOH 31  2831 31  HOH HOH A . 
D 4 HOH 32  2832 32  HOH HOH A . 
D 4 HOH 33  2833 33  HOH HOH A . 
D 4 HOH 34  2834 34  HOH HOH A . 
D 4 HOH 35  2835 35  HOH HOH A . 
D 4 HOH 36  2836 36  HOH HOH A . 
D 4 HOH 37  2837 37  HOH HOH A . 
D 4 HOH 38  2838 38  HOH HOH A . 
D 4 HOH 39  2839 39  HOH HOH A . 
D 4 HOH 40  2840 40  HOH HOH A . 
D 4 HOH 41  2841 41  HOH HOH A . 
D 4 HOH 42  2842 42  HOH HOH A . 
D 4 HOH 43  2843 43  HOH HOH A . 
D 4 HOH 44  2844 44  HOH HOH A . 
D 4 HOH 45  2845 45  HOH HOH A . 
D 4 HOH 46  2846 46  HOH HOH A . 
D 4 HOH 47  2847 47  HOH HOH A . 
D 4 HOH 48  2848 48  HOH HOH A . 
D 4 HOH 49  2849 49  HOH HOH A . 
D 4 HOH 50  2850 50  HOH HOH A . 
D 4 HOH 51  2851 51  HOH HOH A . 
D 4 HOH 52  2852 52  HOH HOH A . 
D 4 HOH 53  2853 53  HOH HOH A . 
D 4 HOH 54  2854 54  HOH HOH A . 
D 4 HOH 55  2855 55  HOH HOH A . 
D 4 HOH 56  2856 56  HOH HOH A . 
D 4 HOH 57  2857 57  HOH HOH A . 
D 4 HOH 58  2858 58  HOH HOH A . 
D 4 HOH 59  2859 59  HOH HOH A . 
D 4 HOH 60  2860 60  HOH HOH A . 
D 4 HOH 61  2861 61  HOH HOH A . 
D 4 HOH 62  2862 62  HOH HOH A . 
D 4 HOH 63  2863 63  HOH HOH A . 
D 4 HOH 64  2864 64  HOH HOH A . 
D 4 HOH 65  2865 65  HOH HOH A . 
D 4 HOH 66  2866 66  HOH HOH A . 
D 4 HOH 67  2867 67  HOH HOH A . 
D 4 HOH 68  2868 68  HOH HOH A . 
D 4 HOH 69  2869 69  HOH HOH A . 
D 4 HOH 70  2870 70  HOH HOH A . 
D 4 HOH 71  2871 71  HOH HOH A . 
D 4 HOH 72  2872 72  HOH HOH A . 
D 4 HOH 73  2873 74  HOH HOH A . 
D 4 HOH 74  2874 75  HOH HOH A . 
D 4 HOH 75  2875 76  HOH HOH A . 
D 4 HOH 76  2876 77  HOH HOH A . 
D 4 HOH 77  2877 78  HOH HOH A . 
D 4 HOH 78  2878 79  HOH HOH A . 
D 4 HOH 79  2879 80  HOH HOH A . 
D 4 HOH 80  2880 81  HOH HOH A . 
D 4 HOH 81  2881 82  HOH HOH A . 
D 4 HOH 82  2882 83  HOH HOH A . 
D 4 HOH 83  2883 84  HOH HOH A . 
D 4 HOH 84  2884 85  HOH HOH A . 
D 4 HOH 85  2885 86  HOH HOH A . 
D 4 HOH 86  2886 87  HOH HOH A . 
D 4 HOH 87  2887 88  HOH HOH A . 
D 4 HOH 88  2888 89  HOH HOH A . 
D 4 HOH 89  2889 90  HOH HOH A . 
D 4 HOH 90  2890 91  HOH HOH A . 
D 4 HOH 91  2891 92  HOH HOH A . 
D 4 HOH 92  2892 93  HOH HOH A . 
D 4 HOH 93  2893 94  HOH HOH A . 
D 4 HOH 94  2894 95  HOH HOH A . 
D 4 HOH 95  2895 96  HOH HOH A . 
D 4 HOH 96  2896 97  HOH HOH A . 
D 4 HOH 97  2897 98  HOH HOH A . 
D 4 HOH 98  2898 99  HOH HOH A . 
D 4 HOH 99  2899 100 HOH HOH A . 
D 4 HOH 100 2900 101 HOH HOH A . 
D 4 HOH 101 2901 102 HOH HOH A . 
D 4 HOH 102 2902 103 HOH HOH A . 
D 4 HOH 103 2903 104 HOH HOH A . 
D 4 HOH 104 2904 105 HOH HOH A . 
D 4 HOH 105 2905 106 HOH HOH A . 
D 4 HOH 106 2906 107 HOH HOH A . 
D 4 HOH 107 2907 108 HOH HOH A . 
D 4 HOH 108 2908 109 HOH HOH A . 
D 4 HOH 109 2909 110 HOH HOH A . 
D 4 HOH 110 2910 111 HOH HOH A . 
D 4 HOH 111 2911 112 HOH HOH A . 
D 4 HOH 112 2912 113 HOH HOH A . 
D 4 HOH 113 2913 114 HOH HOH A . 
D 4 HOH 114 2914 115 HOH HOH A . 
D 4 HOH 115 2915 116 HOH HOH A . 
D 4 HOH 116 2916 117 HOH HOH A . 
D 4 HOH 117 2917 118 HOH HOH A . 
D 4 HOH 118 2918 120 HOH HOH A . 
D 4 HOH 119 2919 124 HOH HOH A . 
D 4 HOH 120 2920 125 HOH HOH A . 
D 4 HOH 121 2921 126 HOH HOH A . 
D 4 HOH 122 2922 127 HOH HOH A . 
D 4 HOH 123 2923 128 HOH HOH A . 
D 4 HOH 124 2924 129 HOH HOH A . 
D 4 HOH 125 2925 130 HOH HOH A . 
D 4 HOH 126 2926 131 HOH HOH A . 
D 4 HOH 127 2927 132 HOH HOH A . 
D 4 HOH 128 2928 133 HOH HOH A . 
D 4 HOH 129 2929 134 HOH HOH A . 
D 4 HOH 130 2930 136 HOH HOH A . 
# 
_pdbx_struct_assembly.id                   1 
_pdbx_struct_assembly.details              author_and_software_defined_assembly 
_pdbx_struct_assembly.method_details       PISA 
_pdbx_struct_assembly.oligomeric_details   monomeric 
_pdbx_struct_assembly.oligomeric_count     1 
# 
_pdbx_struct_assembly_gen.assembly_id       1 
_pdbx_struct_assembly_gen.oper_expression   1 
_pdbx_struct_assembly_gen.asym_id_list      A,B,C,D 
# 
_pdbx_struct_oper_list.id                   1 
_pdbx_struct_oper_list.type                 'identity operation' 
_pdbx_struct_oper_list.name                 1_555 
_pdbx_struct_oper_list.symmetry_operation   x,y,z 
_pdbx_struct_oper_list.matrix[1][1]         1.0000000000 
_pdbx_struct_oper_list.matrix[1][2]         0.0000000000 
_pdbx_struct_oper_list.matrix[1][3]         0.0000000000 
_pdbx_struct_oper_list.vector[1]            0.0000000000 
_pdbx_struct_oper_list.matrix[2][1]         0.0000000000 
_pdbx_struct_oper_list.matrix[2][2]         1.0000000000 
_pdbx_struct_oper_list.matrix[2][3]         0.0000000000 
_pdbx_struct_oper_list.vector[2]            0.0000000000 
_pdbx_struct_oper_list.matrix[3][1]         0.0000000000 
_pdbx_struct_oper_list.matrix[3][2]         0.0000000000 
_pdbx_struct_oper_list.matrix[3][3]         1.0000000000 
_pdbx_struct_oper_list.vector[3]            0.0000000000 
# 
loop_
_pdbx_audit_revision_history.ordinal 
_pdbx_audit_revision_history.data_content_type 
_pdbx_audit_revision_history.major_revision 
_pdbx_audit_revision_history.minor_revision 
_pdbx_audit_revision_history.revision_date 
1 'Structure model' 1 0 2014-12-10 
2 'Structure model' 1 1 2022-06-15 
3 'Structure model' 1 2 2023-09-20 
# 
_pdbx_audit_revision_details.ordinal             1 
_pdbx_audit_revision_details.revision_ordinal    1 
_pdbx_audit_revision_details.data_content_type   'Structure model' 
_pdbx_audit_revision_details.provider            repository 
_pdbx_audit_revision_details.type                'Initial release' 
_pdbx_audit_revision_details.description         ? 
_pdbx_audit_revision_details.details             ? 
# 
loop_
_pdbx_audit_revision_group.ordinal 
_pdbx_audit_revision_group.revision_ordinal 
_pdbx_audit_revision_group.data_content_type 
_pdbx_audit_revision_group.group 
1 2 'Structure model' 'Database references'    
2 2 'Structure model' 'Derived calculations'   
3 3 'Structure model' 'Data collection'        
4 3 'Structure model' 'Refinement description' 
# 
loop_
_pdbx_audit_revision_category.ordinal 
_pdbx_audit_revision_category.revision_ordinal 
_pdbx_audit_revision_category.data_content_type 
_pdbx_audit_revision_category.category 
1 2 'Structure model' citation                      
2 2 'Structure model' citation_author               
3 2 'Structure model' database_2                    
4 2 'Structure model' struct_conn                   
5 2 'Structure model' struct_site                   
6 3 'Structure model' chem_comp_atom                
7 3 'Structure model' chem_comp_bond                
8 3 'Structure model' pdbx_initial_refinement_model 
# 
loop_
_pdbx_audit_revision_item.ordinal 
_pdbx_audit_revision_item.revision_ordinal 
_pdbx_audit_revision_item.data_content_type 
_pdbx_audit_revision_item.item 
1  2 'Structure model' '_citation.country'                   
2  2 'Structure model' '_citation.journal_abbrev'            
3  2 'Structure model' '_citation.journal_id_ASTM'           
4  2 'Structure model' '_citation.journal_id_CSD'            
5  2 'Structure model' '_citation.journal_id_ISSN'           
6  2 'Structure model' '_citation.journal_volume'            
7  2 'Structure model' '_citation.page_first'                
8  2 'Structure model' '_citation.page_last'                 
9  2 'Structure model' '_citation.pdbx_database_id_DOI'      
10 2 'Structure model' '_citation.pdbx_database_id_PubMed'   
11 2 'Structure model' '_citation.title'                     
12 2 'Structure model' '_citation.year'                      
13 2 'Structure model' '_database_2.pdbx_DOI'                
14 2 'Structure model' '_database_2.pdbx_database_accession' 
15 2 'Structure model' '_struct_conn.pdbx_leaving_atom_flag' 
16 2 'Structure model' '_struct_site.pdbx_auth_asym_id'      
17 2 'Structure model' '_struct_site.pdbx_auth_comp_id'      
18 2 'Structure model' '_struct_site.pdbx_auth_seq_id'       
# 
loop_
_software.name 
_software.classification 
_software.version 
_software.citation_id 
_software.pdbx_ordinal 
MOLREP phasing          .                             ? 1 
PHENIX refinement       '(phenix.refine: 1.8.2_1309)' ? 2 
XDS    'data reduction' .                             ? 3 
XDS    'data scaling'   .                             ? 4 
# 
_pdbx_validate_rmsd_angle.id                         1 
_pdbx_validate_rmsd_angle.PDB_model_num              1 
_pdbx_validate_rmsd_angle.auth_atom_id_1             "O5'" 
_pdbx_validate_rmsd_angle.auth_asym_id_1             A 
_pdbx_validate_rmsd_angle.auth_comp_id_1             G 
_pdbx_validate_rmsd_angle.auth_seq_id_1              2655 
_pdbx_validate_rmsd_angle.PDB_ins_code_1             ? 
_pdbx_validate_rmsd_angle.label_alt_id_1             ? 
_pdbx_validate_rmsd_angle.auth_atom_id_2             P 
_pdbx_validate_rmsd_angle.auth_asym_id_2             A 
_pdbx_validate_rmsd_angle.auth_comp_id_2             G 
_pdbx_validate_rmsd_angle.auth_seq_id_2              2655 
_pdbx_validate_rmsd_angle.PDB_ins_code_2             ? 
_pdbx_validate_rmsd_angle.label_alt_id_2             ? 
_pdbx_validate_rmsd_angle.auth_atom_id_3             OP2 
_pdbx_validate_rmsd_angle.auth_asym_id_3             A 
_pdbx_validate_rmsd_angle.auth_comp_id_3             G 
_pdbx_validate_rmsd_angle.auth_seq_id_3              2655 
_pdbx_validate_rmsd_angle.PDB_ins_code_3             ? 
_pdbx_validate_rmsd_angle.label_alt_id_3             ? 
_pdbx_validate_rmsd_angle.angle_value                97.77 
_pdbx_validate_rmsd_angle.angle_target_value         105.70 
_pdbx_validate_rmsd_angle.angle_deviation            -7.93 
_pdbx_validate_rmsd_angle.angle_standard_deviation   0.90 
_pdbx_validate_rmsd_angle.linker_flag                N 
# 
_pdbx_unobs_or_zero_occ_atoms.id               1 
_pdbx_unobs_or_zero_occ_atoms.PDB_model_num    1 
_pdbx_unobs_or_zero_occ_atoms.polymer_flag     Y 
_pdbx_unobs_or_zero_occ_atoms.occupancy_flag   0 
_pdbx_unobs_or_zero_occ_atoms.auth_asym_id     A 
_pdbx_unobs_or_zero_occ_atoms.auth_comp_id     A 
_pdbx_unobs_or_zero_occ_atoms.auth_seq_id      2654 
_pdbx_unobs_or_zero_occ_atoms.PDB_ins_code     ? 
_pdbx_unobs_or_zero_occ_atoms.auth_atom_id     "O3'" 
_pdbx_unobs_or_zero_occ_atoms.label_alt_id     A 
_pdbx_unobs_or_zero_occ_atoms.label_asym_id    A 
_pdbx_unobs_or_zero_occ_atoms.label_comp_id    A 
_pdbx_unobs_or_zero_occ_atoms.label_seq_id     8 
_pdbx_unobs_or_zero_occ_atoms.label_atom_id    "O3'" 
# 
loop_
_chem_comp_atom.comp_id 
_chem_comp_atom.atom_id 
_chem_comp_atom.type_symbol 
_chem_comp_atom.pdbx_aromatic_flag 
_chem_comp_atom.pdbx_stereo_config 
_chem_comp_atom.pdbx_ordinal 
6FU P      P N N 1   
6FU OP1    O N N 2   
6FU OP2    O N N 3   
6FU "O5'"  O N N 4   
6FU "C5'"  C N N 5   
6FU "C4'"  C N R 6   
6FU "O4'"  O N N 7   
6FU "C3'"  C N R 8   
6FU "O3'"  O N N 9   
6FU "C2'"  C N R 10  
6FU "S2'"  S N N 11  
6FU "C7'"  C N N 12  
6FU "F1'"  F N N 13  
6FU "F2'"  F N N 14  
6FU "F3'"  F N N 15  
6FU "C1'"  C N R 16  
6FU N1     N N N 17  
6FU C2     C N N 18  
6FU O2     O N N 19  
6FU N3     N N N 20  
6FU C4     C N N 21  
6FU O4     O N N 22  
6FU C5     C N N 23  
6FU C6     C N N 24  
6FU H1     H N N 25  
6FU H2     H N N 26  
6FU H3     H N N 27  
6FU H4     H N N 28  
6FU H5     H N N 29  
6FU H6     H N N 30  
6FU H7     H N N 31  
6FU H8     H N N 32  
6FU H9     H N N 33  
6FU H10    H N N 34  
6FU H11    H N N 35  
6FU H12    H N N 36  
6FU OP3    O N N 37  
6FU H13    H N N 38  
6FU H14    H N N 39  
A   OP3    O N N 40  
A   P      P N N 41  
A   OP1    O N N 42  
A   OP2    O N N 43  
A   "O5'"  O N N 44  
A   "C5'"  C N N 45  
A   "C4'"  C N R 46  
A   "O4'"  O N N 47  
A   "C3'"  C N S 48  
A   "O3'"  O N N 49  
A   "C2'"  C N R 50  
A   "O2'"  O N N 51  
A   "C1'"  C N R 52  
A   N9     N Y N 53  
A   C8     C Y N 54  
A   N7     N Y N 55  
A   C5     C Y N 56  
A   C6     C Y N 57  
A   N6     N N N 58  
A   N1     N Y N 59  
A   C2     C Y N 60  
A   N3     N Y N 61  
A   C4     C Y N 62  
A   HOP3   H N N 63  
A   HOP2   H N N 64  
A   "H5'"  H N N 65  
A   "H5''" H N N 66  
A   "H4'"  H N N 67  
A   "H3'"  H N N 68  
A   "HO3'" H N N 69  
A   "H2'"  H N N 70  
A   "HO2'" H N N 71  
A   "H1'"  H N N 72  
A   H8     H N N 73  
A   H61    H N N 74  
A   H62    H N N 75  
A   H2     H N N 76  
C   OP3    O N N 77  
C   P      P N N 78  
C   OP1    O N N 79  
C   OP2    O N N 80  
C   "O5'"  O N N 81  
C   "C5'"  C N N 82  
C   "C4'"  C N R 83  
C   "O4'"  O N N 84  
C   "C3'"  C N S 85  
C   "O3'"  O N N 86  
C   "C2'"  C N R 87  
C   "O2'"  O N N 88  
C   "C1'"  C N R 89  
C   N1     N N N 90  
C   C2     C N N 91  
C   O2     O N N 92  
C   N3     N N N 93  
C   C4     C N N 94  
C   N4     N N N 95  
C   C5     C N N 96  
C   C6     C N N 97  
C   HOP3   H N N 98  
C   HOP2   H N N 99  
C   "H5'"  H N N 100 
C   "H5''" H N N 101 
C   "H4'"  H N N 102 
C   "H3'"  H N N 103 
C   "HO3'" H N N 104 
C   "H2'"  H N N 105 
C   "HO2'" H N N 106 
C   "H1'"  H N N 107 
C   H41    H N N 108 
C   H42    H N N 109 
C   H5     H N N 110 
C   H6     H N N 111 
G   OP3    O N N 112 
G   P      P N N 113 
G   OP1    O N N 114 
G   OP2    O N N 115 
G   "O5'"  O N N 116 
G   "C5'"  C N N 117 
G   "C4'"  C N R 118 
G   "O4'"  O N N 119 
G   "C3'"  C N S 120 
G   "O3'"  O N N 121 
G   "C2'"  C N R 122 
G   "O2'"  O N N 123 
G   "C1'"  C N R 124 
G   N9     N Y N 125 
G   C8     C Y N 126 
G   N7     N Y N 127 
G   C5     C Y N 128 
G   C6     C N N 129 
G   O6     O N N 130 
G   N1     N N N 131 
G   C2     C N N 132 
G   N2     N N N 133 
G   N3     N N N 134 
G   C4     C Y N 135 
G   HOP3   H N N 136 
G   HOP2   H N N 137 
G   "H5'"  H N N 138 
G   "H5''" H N N 139 
G   "H4'"  H N N 140 
G   "H3'"  H N N 141 
G   "HO3'" H N N 142 
G   "H2'"  H N N 143 
G   "HO2'" H N N 144 
G   "H1'"  H N N 145 
G   H8     H N N 146 
G   H1     H N N 147 
G   H21    H N N 148 
G   H22    H N N 149 
GOL C1     C N N 150 
GOL O1     O N N 151 
GOL C2     C N N 152 
GOL O2     O N N 153 
GOL C3     C N N 154 
GOL O3     O N N 155 
GOL H11    H N N 156 
GOL H12    H N N 157 
GOL HO1    H N N 158 
GOL H2     H N N 159 
GOL HO2    H N N 160 
GOL H31    H N N 161 
GOL H32    H N N 162 
GOL HO3    H N N 163 
HOH O      O N N 164 
HOH H1     H N N 165 
HOH H2     H N N 166 
SO4 S      S N N 167 
SO4 O1     O N N 168 
SO4 O2     O N N 169 
SO4 O3     O N N 170 
SO4 O4     O N N 171 
U   OP3    O N N 172 
U   P      P N N 173 
U   OP1    O N N 174 
U   OP2    O N N 175 
U   "O5'"  O N N 176 
U   "C5'"  C N N 177 
U   "C4'"  C N R 178 
U   "O4'"  O N N 179 
U   "C3'"  C N S 180 
U   "O3'"  O N N 181 
U   "C2'"  C N R 182 
U   "O2'"  O N N 183 
U   "C1'"  C N R 184 
U   N1     N N N 185 
U   C2     C N N 186 
U   O2     O N N 187 
U   N3     N N N 188 
U   C4     C N N 189 
U   O4     O N N 190 
U   C5     C N N 191 
U   C6     C N N 192 
U   HOP3   H N N 193 
U   HOP2   H N N 194 
U   "H5'"  H N N 195 
U   "H5''" H N N 196 
U   "H4'"  H N N 197 
U   "H3'"  H N N 198 
U   "HO3'" H N N 199 
U   "H2'"  H N N 200 
U   "HO2'" H N N 201 
U   "H1'"  H N N 202 
U   H3     H N N 203 
U   H5     H N N 204 
U   H6     H N N 205 
# 
loop_
_chem_comp_bond.comp_id 
_chem_comp_bond.atom_id_1 
_chem_comp_bond.atom_id_2 
_chem_comp_bond.value_order 
_chem_comp_bond.pdbx_aromatic_flag 
_chem_comp_bond.pdbx_stereo_config 
_chem_comp_bond.pdbx_ordinal 
6FU OP1   P      sing N N 1   
6FU P     OP2    sing N N 2   
6FU P     "O5'"  sing N N 3   
6FU "C5'" "O5'"  sing N N 4   
6FU "C5'" "C4'"  sing N N 5   
6FU C5    C6     doub N N 6   
6FU C5    C4     sing N N 7   
6FU C6    N1     sing N N 8   
6FU "O4'" "C4'"  sing N N 9   
6FU "O4'" "C1'"  sing N N 10  
6FU "C4'" "C3'"  sing N N 11  
6FU O4    C4     doub N N 12  
6FU C4    N3     sing N N 13  
6FU N1    "C1'"  sing N N 14  
6FU N1    C2     sing N N 15  
6FU "C1'" "C2'"  sing N N 16  
6FU "C3'" "C2'"  sing N N 17  
6FU "C3'" "O3'"  sing N N 18  
6FU N3    C2     sing N N 19  
6FU C2    O2     doub N N 20  
6FU "C2'" "S2'"  sing N N 21  
6FU "S2'" "C7'"  sing N N 22  
6FU "F1'" "C7'"  sing N N 23  
6FU "C7'" "F3'"  sing N N 24  
6FU "C7'" "F2'"  sing N N 25  
6FU OP1   H1     sing N N 26  
6FU OP2   H2     sing N N 27  
6FU "C5'" H3     sing N N 28  
6FU "C5'" H4     sing N N 29  
6FU "C4'" H5     sing N N 30  
6FU "C3'" H6     sing N N 31  
6FU "O3'" H7     sing N N 32  
6FU "C2'" H8     sing N N 33  
6FU "C1'" H9     sing N N 34  
6FU N3    H10    sing N N 35  
6FU C5    H11    sing N N 36  
6FU C6    H12    sing N N 37  
6FU P     OP3    sing N N 38  
6FU P     H13    sing N N 39  
6FU OP3   H14    sing N N 40  
A   OP3   P      sing N N 41  
A   OP3   HOP3   sing N N 42  
A   P     OP1    doub N N 43  
A   P     OP2    sing N N 44  
A   P     "O5'"  sing N N 45  
A   OP2   HOP2   sing N N 46  
A   "O5'" "C5'"  sing N N 47  
A   "C5'" "C4'"  sing N N 48  
A   "C5'" "H5'"  sing N N 49  
A   "C5'" "H5''" sing N N 50  
A   "C4'" "O4'"  sing N N 51  
A   "C4'" "C3'"  sing N N 52  
A   "C4'" "H4'"  sing N N 53  
A   "O4'" "C1'"  sing N N 54  
A   "C3'" "O3'"  sing N N 55  
A   "C3'" "C2'"  sing N N 56  
A   "C3'" "H3'"  sing N N 57  
A   "O3'" "HO3'" sing N N 58  
A   "C2'" "O2'"  sing N N 59  
A   "C2'" "C1'"  sing N N 60  
A   "C2'" "H2'"  sing N N 61  
A   "O2'" "HO2'" sing N N 62  
A   "C1'" N9     sing N N 63  
A   "C1'" "H1'"  sing N N 64  
A   N9    C8     sing Y N 65  
A   N9    C4     sing Y N 66  
A   C8    N7     doub Y N 67  
A   C8    H8     sing N N 68  
A   N7    C5     sing Y N 69  
A   C5    C6     sing Y N 70  
A   C5    C4     doub Y N 71  
A   C6    N6     sing N N 72  
A   C6    N1     doub Y N 73  
A   N6    H61    sing N N 74  
A   N6    H62    sing N N 75  
A   N1    C2     sing Y N 76  
A   C2    N3     doub Y N 77  
A   C2    H2     sing N N 78  
A   N3    C4     sing Y N 79  
C   OP3   P      sing N N 80  
C   OP3   HOP3   sing N N 81  
C   P     OP1    doub N N 82  
C   P     OP2    sing N N 83  
C   P     "O5'"  sing N N 84  
C   OP2   HOP2   sing N N 85  
C   "O5'" "C5'"  sing N N 86  
C   "C5'" "C4'"  sing N N 87  
C   "C5'" "H5'"  sing N N 88  
C   "C5'" "H5''" sing N N 89  
C   "C4'" "O4'"  sing N N 90  
C   "C4'" "C3'"  sing N N 91  
C   "C4'" "H4'"  sing N N 92  
C   "O4'" "C1'"  sing N N 93  
C   "C3'" "O3'"  sing N N 94  
C   "C3'" "C2'"  sing N N 95  
C   "C3'" "H3'"  sing N N 96  
C   "O3'" "HO3'" sing N N 97  
C   "C2'" "O2'"  sing N N 98  
C   "C2'" "C1'"  sing N N 99  
C   "C2'" "H2'"  sing N N 100 
C   "O2'" "HO2'" sing N N 101 
C   "C1'" N1     sing N N 102 
C   "C1'" "H1'"  sing N N 103 
C   N1    C2     sing N N 104 
C   N1    C6     sing N N 105 
C   C2    O2     doub N N 106 
C   C2    N3     sing N N 107 
C   N3    C4     doub N N 108 
C   C4    N4     sing N N 109 
C   C4    C5     sing N N 110 
C   N4    H41    sing N N 111 
C   N4    H42    sing N N 112 
C   C5    C6     doub N N 113 
C   C5    H5     sing N N 114 
C   C6    H6     sing N N 115 
G   OP3   P      sing N N 116 
G   OP3   HOP3   sing N N 117 
G   P     OP1    doub N N 118 
G   P     OP2    sing N N 119 
G   P     "O5'"  sing N N 120 
G   OP2   HOP2   sing N N 121 
G   "O5'" "C5'"  sing N N 122 
G   "C5'" "C4'"  sing N N 123 
G   "C5'" "H5'"  sing N N 124 
G   "C5'" "H5''" sing N N 125 
G   "C4'" "O4'"  sing N N 126 
G   "C4'" "C3'"  sing N N 127 
G   "C4'" "H4'"  sing N N 128 
G   "O4'" "C1'"  sing N N 129 
G   "C3'" "O3'"  sing N N 130 
G   "C3'" "C2'"  sing N N 131 
G   "C3'" "H3'"  sing N N 132 
G   "O3'" "HO3'" sing N N 133 
G   "C2'" "O2'"  sing N N 134 
G   "C2'" "C1'"  sing N N 135 
G   "C2'" "H2'"  sing N N 136 
G   "O2'" "HO2'" sing N N 137 
G   "C1'" N9     sing N N 138 
G   "C1'" "H1'"  sing N N 139 
G   N9    C8     sing Y N 140 
G   N9    C4     sing Y N 141 
G   C8    N7     doub Y N 142 
G   C8    H8     sing N N 143 
G   N7    C5     sing Y N 144 
G   C5    C6     sing N N 145 
G   C5    C4     doub Y N 146 
G   C6    O6     doub N N 147 
G   C6    N1     sing N N 148 
G   N1    C2     sing N N 149 
G   N1    H1     sing N N 150 
G   C2    N2     sing N N 151 
G   C2    N3     doub N N 152 
G   N2    H21    sing N N 153 
G   N2    H22    sing N N 154 
G   N3    C4     sing N N 155 
GOL C1    O1     sing N N 156 
GOL C1    C2     sing N N 157 
GOL C1    H11    sing N N 158 
GOL C1    H12    sing N N 159 
GOL O1    HO1    sing N N 160 
GOL C2    O2     sing N N 161 
GOL C2    C3     sing N N 162 
GOL C2    H2     sing N N 163 
GOL O2    HO2    sing N N 164 
GOL C3    O3     sing N N 165 
GOL C3    H31    sing N N 166 
GOL C3    H32    sing N N 167 
GOL O3    HO3    sing N N 168 
HOH O     H1     sing N N 169 
HOH O     H2     sing N N 170 
SO4 S     O1     doub N N 171 
SO4 S     O2     doub N N 172 
SO4 S     O3     sing N N 173 
SO4 S     O4     sing N N 174 
U   OP3   P      sing N N 175 
U   OP3   HOP3   sing N N 176 
U   P     OP1    doub N N 177 
U   P     OP2    sing N N 178 
U   P     "O5'"  sing N N 179 
U   OP2   HOP2   sing N N 180 
U   "O5'" "C5'"  sing N N 181 
U   "C5'" "C4'"  sing N N 182 
U   "C5'" "H5'"  sing N N 183 
U   "C5'" "H5''" sing N N 184 
U   "C4'" "O4'"  sing N N 185 
U   "C4'" "C3'"  sing N N 186 
U   "C4'" "H4'"  sing N N 187 
U   "O4'" "C1'"  sing N N 188 
U   "C3'" "O3'"  sing N N 189 
U   "C3'" "C2'"  sing N N 190 
U   "C3'" "H3'"  sing N N 191 
U   "O3'" "HO3'" sing N N 192 
U   "C2'" "O2'"  sing N N 193 
U   "C2'" "C1'"  sing N N 194 
U   "C2'" "H2'"  sing N N 195 
U   "O2'" "HO2'" sing N N 196 
U   "C1'" N1     sing N N 197 
U   "C1'" "H1'"  sing N N 198 
U   N1    C2     sing N N 199 
U   N1    C6     sing N N 200 
U   C2    O2     doub N N 201 
U   C2    N3     sing N N 202 
U   N3    C4     sing N N 203 
U   N3    H3     sing N N 204 
U   C4    O4     doub N N 205 
U   C4    C5     sing N N 206 
U   C5    C6     doub N N 207 
U   C5    H5     sing N N 208 
U   C6    H6     sing N N 209 
# 
loop_
_ndb_struct_conf_na.entry_id 
_ndb_struct_conf_na.feature 
4NXH 'double helix'         
4NXH 'a-form double helix'  
4NXH 'mismatched base pair' 
4NXH 'triple helix'         
# 
loop_
_ndb_struct_na_base_pair.model_number 
_ndb_struct_na_base_pair.i_label_asym_id 
_ndb_struct_na_base_pair.i_label_comp_id 
_ndb_struct_na_base_pair.i_label_seq_id 
_ndb_struct_na_base_pair.i_symmetry 
_ndb_struct_na_base_pair.j_label_asym_id 
_ndb_struct_na_base_pair.j_label_comp_id 
_ndb_struct_na_base_pair.j_label_seq_id 
_ndb_struct_na_base_pair.j_symmetry 
_ndb_struct_na_base_pair.shear 
_ndb_struct_na_base_pair.stretch 
_ndb_struct_na_base_pair.stagger 
_ndb_struct_na_base_pair.buckle 
_ndb_struct_na_base_pair.propeller 
_ndb_struct_na_base_pair.opening 
_ndb_struct_na_base_pair.pair_number 
_ndb_struct_na_base_pair.pair_name 
_ndb_struct_na_base_pair.i_auth_asym_id 
_ndb_struct_na_base_pair.i_auth_seq_id 
_ndb_struct_na_base_pair.i_PDB_ins_code 
_ndb_struct_na_base_pair.j_auth_asym_id 
_ndb_struct_na_base_pair.j_auth_seq_id 
_ndb_struct_na_base_pair.j_PDB_ins_code 
_ndb_struct_na_base_pair.hbond_type_28 
_ndb_struct_na_base_pair.hbond_type_12 
1 A G 2  1_555 A U 26 1_555 -2.773 -0.939 0.257  1.855  -15.688 0.384    1 A_G2648:U2672_A A 2648 ? A 2672 ? 28 1 
1 A C 3  1_555 A G 25 1_555 -0.591 0.180  0.406  -1.982 -14.715 -0.194   2 A_C2649:G2671_A A 2649 ? A 2671 ? 19 1 
1 A C 5  1_555 A G 23 1_555 0.246  -0.139 -0.027 7.480  -17.574 1.408    3 A_C2651:G2669_A A 2651 ? A 2669 ? 19 1 
1 A C 6  1_555 A G 22 1_555 0.333  -0.158 -0.012 -0.491 -13.249 -1.880   4 A_C2652:G2668_A A 2652 ? A 2668 ? 19 1 
1 A U 7  1_555 A C 21 1_555 5.760  -2.160 -0.273 -2.637 -14.569 -13.156  5 A_U2653:C2667_A A 2653 ? A 2667 ? ?  ? 
1 A U 10 1_555 A A 19 1_555 4.097  -1.891 -0.656 8.957  -18.274 -101.856 6 A_U2656:A2665_A A 2656 ? A 2665 ? 24 4 
1 A A 11 1_555 A G 18 1_555 -6.811 -4.319 -0.057 -1.273 2.511   -2.955   7 A_A2657:G2664_A A 2657 ? A 2664 ? 11 9 
1 A C 12 1_555 A G 17 1_555 0.154  -0.111 -0.098 6.656  -3.363  0.674    8 A_C2658:G2663_A A 2658 ? A 2663 ? 19 1 
1 A G 13 1_555 A A 16 1_555 7.235  -5.282 0.718  18.481 -7.482  -19.820  9 A_G2659:A2662_A A 2659 ? A 2662 ? ?  ? 
# 
loop_
_ndb_struct_na_base_pair_step.model_number 
_ndb_struct_na_base_pair_step.i_label_asym_id_1 
_ndb_struct_na_base_pair_step.i_label_comp_id_1 
_ndb_struct_na_base_pair_step.i_label_seq_id_1 
_ndb_struct_na_base_pair_step.i_symmetry_1 
_ndb_struct_na_base_pair_step.j_label_asym_id_1 
_ndb_struct_na_base_pair_step.j_label_comp_id_1 
_ndb_struct_na_base_pair_step.j_label_seq_id_1 
_ndb_struct_na_base_pair_step.j_symmetry_1 
_ndb_struct_na_base_pair_step.i_label_asym_id_2 
_ndb_struct_na_base_pair_step.i_label_comp_id_2 
_ndb_struct_na_base_pair_step.i_label_seq_id_2 
_ndb_struct_na_base_pair_step.i_symmetry_2 
_ndb_struct_na_base_pair_step.j_label_asym_id_2 
_ndb_struct_na_base_pair_step.j_label_comp_id_2 
_ndb_struct_na_base_pair_step.j_label_seq_id_2 
_ndb_struct_na_base_pair_step.j_symmetry_2 
_ndb_struct_na_base_pair_step.shift 
_ndb_struct_na_base_pair_step.slide 
_ndb_struct_na_base_pair_step.rise 
_ndb_struct_na_base_pair_step.tilt 
_ndb_struct_na_base_pair_step.roll 
_ndb_struct_na_base_pair_step.twist 
_ndb_struct_na_base_pair_step.x_displacement 
_ndb_struct_na_base_pair_step.y_displacement 
_ndb_struct_na_base_pair_step.helical_rise 
_ndb_struct_na_base_pair_step.inclination 
_ndb_struct_na_base_pair_step.tip 
_ndb_struct_na_base_pair_step.helical_twist 
_ndb_struct_na_base_pair_step.step_number 
_ndb_struct_na_base_pair_step.step_name 
_ndb_struct_na_base_pair_step.i_auth_asym_id_1 
_ndb_struct_na_base_pair_step.i_auth_seq_id_1 
_ndb_struct_na_base_pair_step.i_PDB_ins_code_1 
_ndb_struct_na_base_pair_step.j_auth_asym_id_1 
_ndb_struct_na_base_pair_step.j_auth_seq_id_1 
_ndb_struct_na_base_pair_step.j_PDB_ins_code_1 
_ndb_struct_na_base_pair_step.i_auth_asym_id_2 
_ndb_struct_na_base_pair_step.i_auth_seq_id_2 
_ndb_struct_na_base_pair_step.i_PDB_ins_code_2 
_ndb_struct_na_base_pair_step.j_auth_asym_id_2 
_ndb_struct_na_base_pair_step.j_auth_seq_id_2 
_ndb_struct_na_base_pair_step.j_PDB_ins_code_2 
1 A G 2  1_555 A U 26 1_555 A C 3  1_555 A G 25 1_555 -0.412 -1.166 3.319 -3.286 4.028  44.183  -1.913 0.240  3.227 5.333  4.351  
44.472  1 AA_G2648C2649:G2671U2672_AA A 2648 ? A 2672 ? A 2649 ? A 2671 ? 
1 A C 3  1_555 A G 25 1_555 A C 5  1_555 A G 23 1_555 0.409  -3.357 5.976 4.969  11.945 61.655  -4.155 -0.003 5.326 11.519 -4.792 
62.867  2 AA_C2649C2651:G2669G2671_AA A 2649 ? A 2671 ? A 2651 ? A 2669 ? 
1 A C 5  1_555 A G 23 1_555 A C 6  1_555 A G 22 1_555 -0.665 -1.928 3.355 -1.193 9.086  33.100  -4.627 0.948  2.766 15.580 2.046  
34.311  3 AA_C2651C2652:G2668G2669_AA A 2651 ? A 2669 ? A 2652 ? A 2668 ? 
1 A C 6  1_555 A G 22 1_555 A U 7  1_555 A C 21 1_555 -0.599 -0.969 3.529 6.634  9.361  53.746  -1.637 1.065  3.242 10.224 -7.245 
54.868  4 AA_C2652U2653:C2667G2668_AA A 2652 ? A 2668 ? A 2653 ? A 2667 ? 
1 A U 7  1_555 A C 21 1_555 A U 10 1_555 A A 19 1_555 0.731  -0.793 6.192 5.387  -4.937 32.121  0.226  0.484  6.278 -8.781 -9.582 
32.920  5 AA_U2653U2656:A2665C2667_AA A 2653 ? A 2667 ? A 2656 ? A 2665 ? 
1 A U 10 1_555 A A 19 1_555 A A 11 1_555 A G 18 1_555 5.250  -1.219 3.540 -1.297 -1.949 -12.660 7.932  21.754 3.825 8.743  -5.817 
-12.874 6 AA_U2656A2657:G2664A2665_AA A 2656 ? A 2665 ? A 2657 ? A 2664 ? 
1 A A 11 1_555 A G 18 1_555 A C 12 1_555 A G 17 1_555 -0.112 -1.147 3.178 -3.614 4.621  61.443  -1.325 -0.052 3.094 4.511  3.529  
61.695  7 AA_A2657C2658:G2663G2664_AA A 2657 ? A 2664 ? A 2658 ? A 2663 ? 
1 A C 12 1_555 A G 17 1_555 A G 13 1_555 A A 16 1_555 -2.813 -1.317 2.918 -7.707 5.504  50.026  -1.893 2.772  3.139 6.442  9.020  
50.858  8 AA_C2658G2659:A2662G2663_AA A 2658 ? A 2663 ? A 2659 ? A 2662 ? 
# 
loop_
_pdbx_entity_nonpoly.entity_id 
_pdbx_entity_nonpoly.name 
_pdbx_entity_nonpoly.comp_id 
2 GLYCEROL      GOL 
3 'SULFATE ION' SO4 
4 water         HOH 
# 
_pdbx_initial_refinement_model.id               1 
_pdbx_initial_refinement_model.entity_id_list   ? 
_pdbx_initial_refinement_model.type             'experimental model' 
_pdbx_initial_refinement_model.source_name      PDB 
_pdbx_initial_refinement_model.accession_code   3DVZ 
_pdbx_initial_refinement_model.details          'PDB ENTRY 3DVZ' 
# 
